data_9CVC
#
_entry.id   9CVC
#
_cell.length_a   1.00
_cell.length_b   1.00
_cell.length_c   1.00
_cell.angle_alpha   90.00
_cell.angle_beta   90.00
_cell.angle_gamma   90.00
#
_symmetry.space_group_name_H-M   'P 1'
#
loop_
_entity.id
_entity.type
_entity.pdbx_description
1 polymer Codanin-1
2 polymer 'Histone chaperone ASF1A'
#
loop_
_entity_poly.entity_id
_entity_poly.type
_entity_poly.pdbx_seq_one_letter_code
_entity_poly.pdbx_strand_id
1 'polypeptide(L)'
;MASWSHPQFEKGAWSHPQFEKGSWSHPQFEKGPAGSENLYFQGSGIRDRTMAAVLESLLREEVSVAAVVRWIARSTQGSE
DNAGEAAALSSLRALRKEFVPFLLNFLREQSSRVLPQGPPTPAKTPGASAALPGRPGGPPRGSRGARSQLFPPTEAQSTA
AEAPLARRGGRRRGPGPARERGGRGLEEGVSGESLPGAGGRRLRGSGSPSRPSLTLSDPPNLSNLEEFPPVGSVPPGPTG
TKPSRRINPTPVSEERSLSKPKTCFTSPPISCVPSSQPSALDTSPWGLGLPPGCRSLQEEREMLRKERSKQLQQSPTPTC
PTPELGSPLPSRTGSLTDEPADPARVSSRQRLELVALVYSSCIAENLVPNLFLELFFVFQLLTARRMVTAKDSDPELSPA
VLDSLESPLFQSIHDCVFFAVQVLECHFQVLSNLDKGTLKLLAENERLLCFSPALQGRLRAAYEGSVAVVSLVMPPSTQA
VSFQPETDNRANFSSDRAFHTFKKQRDVFYEVLREWEDHHEEPGWDFEKGLGSRIRAMMGQLSAACSHSHFVRLFQKQLL
QMCQSPGGAGGTVLGEAPDVLSMLGADKLGRLWRLQERLMAPQSSGGPCPPPTFPGCQGFFRDFILSASSFQFNQHLMDS
LSLKIQELNGLALPQHEPNDEDGESDVDWQGERKQFAVVLLSLRLLAKFLGFVAFLPYRGPEPPPTGELQDSILALRSQV
PPVLDVRTLLQRGLQARRAVLTVPWLVEFLSFADHVVPLLEYYRDIFTLLLRLHRSLVLSQESEGKMCFLNKLLLLAVLG
WLFQIPTVPEDLFFLEEGPSYAFEVDTVAPEHGLDNAPVVDQQLLYTCCPYIGELRKLLASWVSGSSGRSGGFMRKITPT
TTTSLGAQPSQTSQGLQAQLAQAFFHNQPPSLRRTVEFVAERIGSNCVKHIKATLVADLVRQAESLLQEQLVTQGEEGGD
PAQLLEILCSQLCPHGAQALALGREFCQRKSPGAVRALLPEETPAAVLSSAENIAVGLATEKACAWLSANITALIRREVK
AAVSRTLRAQGPEPAARGERRGCSRACEHHAPLPSHLISEIKDVLSLAVGPRDPDEGVSPEHLEQLLGQLGQTLRCRQFL
CPPAEQHLAKCSVELASLLVADQIPILGPPAQYRLERGQARRLLHMLLSLWKEDFQGPVPLQLLLSPRNVGLLADTRPRE
WDLLLFLLRELVEKGLMGRMEIEACLGSLHQAQWPGDFAEELATLSNLFLAEPHLPEPQLRACELVQPNRGTVLAQS
;
A,B
2 'polypeptide(L)'
;MAVYPYDVPDYAGYPYDVPDYAGSYPYDVPDYAPAGSMAKVQVNNVVVLDNPSPFYNPFQFEITFECIEDLSEDLEWKII
YVGSAESEEYDQVLDSVLVGPVPAGRHMFVFQADAPNPGLIPDADAVGVTVVLITCTYRGQEFIRVGYYVNNEYTETELR
ENPPVKPDFSKLQRNILASNPRVTRFHINWEDNTEKLEDAESSNPNLQSLLSTDALPSASKGWSTSENSLNVMLESHMDC
M
;
C,D,E
#
# COMPACT_ATOMS: atom_id res chain seq x y z
N ALA A 52 -35.47 -16.11 25.70
CA ALA A 52 -36.73 -15.46 26.07
C ALA A 52 -37.26 -16.04 27.37
N ALA A 53 -37.05 -17.34 27.57
CA ALA A 53 -37.51 -17.98 28.80
C ALA A 53 -36.84 -17.37 30.02
N VAL A 54 -35.52 -17.13 29.95
CA VAL A 54 -34.83 -16.50 31.06
C VAL A 54 -35.31 -15.07 31.25
N LEU A 55 -35.54 -14.36 30.15
CA LEU A 55 -36.05 -12.99 30.24
C LEU A 55 -37.42 -12.98 30.91
N GLU A 56 -38.30 -13.89 30.51
CA GLU A 56 -39.62 -13.96 31.13
C GLU A 56 -39.52 -14.32 32.61
N SER A 57 -38.64 -15.26 32.94
CA SER A 57 -38.46 -15.64 34.34
C SER A 57 -38.00 -14.45 35.18
N LEU A 58 -37.05 -13.66 34.64
CA LEU A 58 -36.65 -12.44 35.33
C LEU A 58 -37.81 -11.47 35.45
N LEU A 59 -38.65 -11.37 34.42
CA LEU A 59 -39.78 -10.47 34.48
C LEU A 59 -40.74 -10.83 35.61
N ARG A 60 -40.78 -12.11 35.99
CA ARG A 60 -41.63 -12.55 37.10
C ARG A 60 -41.04 -12.19 38.45
N GLU A 61 -39.82 -11.65 38.50
CA GLU A 61 -39.13 -11.31 39.74
C GLU A 61 -38.71 -12.55 40.53
N GLU A 62 -38.64 -13.71 39.87
CA GLU A 62 -38.14 -14.90 40.55
C GLU A 62 -36.69 -14.73 40.99
N VAL A 63 -35.87 -14.13 40.12
CA VAL A 63 -34.46 -13.89 40.39
C VAL A 63 -34.21 -12.40 40.36
N SER A 64 -33.53 -11.88 41.38
CA SER A 64 -33.25 -10.45 41.44
C SER A 64 -32.34 -10.02 40.29
N VAL A 65 -32.50 -8.78 39.87
CA VAL A 65 -31.68 -8.26 38.77
C VAL A 65 -30.21 -8.24 39.17
N ALA A 66 -29.92 -7.82 40.40
CA ALA A 66 -28.53 -7.77 40.85
C ALA A 66 -27.91 -9.17 40.85
N ALA A 67 -28.65 -10.18 41.29
CA ALA A 67 -28.12 -11.53 41.34
C ALA A 67 -27.73 -12.02 39.95
N VAL A 68 -28.63 -11.85 38.97
CA VAL A 68 -28.34 -12.32 37.62
C VAL A 68 -27.21 -11.50 37.00
N VAL A 69 -27.18 -10.20 37.26
CA VAL A 69 -26.12 -9.36 36.73
C VAL A 69 -24.76 -9.82 37.25
N ARG A 70 -24.68 -10.09 38.55
CA ARG A 70 -23.43 -10.57 39.12
C ARG A 70 -23.08 -11.96 38.59
N TRP A 71 -24.08 -12.81 38.38
CA TRP A 71 -23.81 -14.15 37.85
C TRP A 71 -23.24 -14.09 36.44
N ILE A 72 -23.76 -13.18 35.61
CA ILE A 72 -23.25 -13.06 34.25
C ILE A 72 -21.79 -12.63 34.27
N ALA A 73 -21.42 -11.79 35.23
CA ALA A 73 -20.06 -11.28 35.33
C ALA A 73 -19.09 -12.30 35.92
N ARG A 74 -19.56 -13.51 36.22
CA ARG A 74 -18.72 -14.57 36.78
C ARG A 74 -18.13 -14.17 38.13
N SER A 75 -18.87 -13.35 38.89
CA SER A 75 -18.41 -12.96 40.21
C SER A 75 -18.45 -14.15 41.17
N THR A 76 -17.56 -14.11 42.16
CA THR A 76 -17.49 -15.19 43.13
C THR A 76 -18.79 -15.30 43.92
N GLN A 77 -19.17 -16.54 44.25
CA GLN A 77 -20.41 -16.81 44.97
C GLN A 77 -20.20 -16.51 46.45
N GLY A 78 -20.87 -15.47 46.95
CA GLY A 78 -20.76 -15.11 48.35
C GLY A 78 -21.65 -15.96 49.23
N SER A 79 -21.49 -15.77 50.55
CA SER A 79 -22.30 -16.51 51.51
C SER A 79 -23.77 -16.08 51.48
N GLU A 80 -24.06 -14.89 50.97
CA GLU A 80 -25.43 -14.40 50.91
C GLU A 80 -26.22 -14.92 49.71
N ASP A 81 -25.58 -15.67 48.82
CA ASP A 81 -26.27 -16.18 47.64
C ASP A 81 -27.45 -17.05 48.05
N ASN A 82 -28.61 -16.80 47.43
CA ASN A 82 -29.81 -17.57 47.72
C ASN A 82 -29.74 -18.93 47.05
N ALA A 83 -30.29 -19.95 47.72
CA ALA A 83 -30.23 -21.31 47.19
C ALA A 83 -31.00 -21.42 45.88
N GLY A 84 -32.25 -20.93 45.88
CA GLY A 84 -33.07 -21.07 44.68
C GLY A 84 -32.52 -20.30 43.51
N GLU A 85 -32.13 -19.04 43.73
CA GLU A 85 -31.58 -18.24 42.65
C GLU A 85 -30.28 -18.84 42.14
N ALA A 86 -29.40 -19.27 43.04
CA ALA A 86 -28.14 -19.87 42.62
C ALA A 86 -28.38 -21.13 41.81
N ALA A 87 -29.32 -21.97 42.25
CA ALA A 87 -29.62 -23.21 41.52
C ALA A 87 -30.17 -22.88 40.12
N ALA A 88 -31.09 -21.93 40.04
CA ALA A 88 -31.67 -21.59 38.75
C ALA A 88 -30.60 -21.04 37.80
N LEU A 89 -29.73 -20.16 38.31
CA LEU A 89 -28.69 -19.59 37.46
C LEU A 89 -27.69 -20.65 37.03
N SER A 90 -27.33 -21.58 37.92
CA SER A 90 -26.44 -22.66 37.54
C SER A 90 -27.07 -23.53 36.46
N SER A 91 -28.37 -23.83 36.60
CA SER A 91 -29.05 -24.62 35.59
C SER A 91 -29.08 -23.91 34.25
N LEU A 92 -29.33 -22.60 34.25
CA LEU A 92 -29.40 -21.83 33.01
C LEU A 92 -28.03 -21.45 32.47
N ARG A 93 -26.95 -21.72 33.23
CA ARG A 93 -25.60 -21.42 32.75
C ARG A 93 -25.39 -21.85 31.31
N ALA A 94 -26.04 -22.95 30.90
CA ALA A 94 -25.92 -23.37 29.50
C ALA A 94 -26.37 -22.28 28.55
N LEU A 95 -27.32 -21.44 28.96
CA LEU A 95 -27.79 -20.33 28.16
C LEU A 95 -27.02 -19.05 28.41
N ARG A 96 -26.04 -19.06 29.31
CA ARG A 96 -25.20 -17.91 29.52
C ARG A 96 -24.36 -17.64 28.28
N LYS A 97 -23.64 -16.52 28.30
CA LYS A 97 -22.74 -16.04 27.26
C LYS A 97 -23.51 -15.42 26.09
N GLU A 98 -24.84 -15.49 26.08
CA GLU A 98 -25.63 -14.85 25.04
C GLU A 98 -26.85 -14.14 25.59
N PHE A 99 -27.04 -14.10 26.92
CA PHE A 99 -28.20 -13.42 27.49
C PHE A 99 -28.19 -11.94 27.15
N VAL A 100 -27.04 -11.29 27.29
CA VAL A 100 -26.92 -9.85 27.04
C VAL A 100 -27.17 -9.59 25.56
N PRO A 101 -26.52 -10.32 24.63
CA PRO A 101 -26.87 -10.13 23.22
C PRO A 101 -28.34 -10.35 22.93
N PHE A 102 -28.96 -11.36 23.55
CA PHE A 102 -30.38 -11.60 23.32
C PHE A 102 -31.23 -10.44 23.81
N LEU A 103 -30.88 -9.89 24.98
CA LEU A 103 -31.61 -8.75 25.51
C LEU A 103 -31.48 -7.54 24.59
N LEU A 104 -30.26 -7.29 24.10
CA LEU A 104 -30.04 -6.18 23.19
C LEU A 104 -30.87 -6.37 21.92
N ASN A 105 -30.86 -7.59 21.38
CA ASN A 105 -31.64 -7.86 20.17
C ASN A 105 -33.12 -7.66 20.43
N PHE A 106 -33.60 -8.09 21.61
CA PHE A 106 -35.00 -7.92 21.94
C PHE A 106 -35.38 -6.46 21.92
N LEU A 107 -34.52 -5.60 22.48
CA LEU A 107 -34.81 -4.17 22.44
C LEU A 107 -34.81 -3.67 20.99
N ARG A 108 -33.90 -4.16 20.15
CA ARG A 108 -33.93 -3.72 18.76
C ARG A 108 -35.24 -4.10 18.07
N GLU A 109 -35.72 -5.33 18.23
CA GLU A 109 -36.99 -5.64 17.55
C GLU A 109 -38.15 -4.85 18.15
N GLN A 110 -38.27 -4.84 19.47
CA GLN A 110 -39.39 -4.12 20.07
C GLN A 110 -39.31 -2.62 19.83
N SER A 111 -38.11 -2.07 19.58
CA SER A 111 -38.00 -0.66 19.27
C SER A 111 -38.51 -0.33 17.88
N SER A 112 -38.66 -1.34 17.00
CA SER A 112 -39.08 -1.08 15.63
C SER A 112 -40.41 -0.34 15.59
N ARG A 113 -41.34 -0.71 16.49
CA ARG A 113 -42.60 0.00 16.59
C ARG A 113 -42.43 1.43 17.10
N VAL A 114 -41.33 1.71 17.80
CA VAL A 114 -41.13 3.03 18.39
C VAL A 114 -40.35 3.97 17.48
N LEU A 115 -39.54 3.43 16.57
CA LEU A 115 -38.78 4.22 15.61
C LEU A 115 -39.26 3.93 14.20
N PRO A 116 -38.99 4.83 13.24
CA PRO A 116 -39.57 4.68 11.90
C PRO A 116 -39.29 3.33 11.28
N GLN A 117 -38.02 2.98 11.10
CA GLN A 117 -37.65 1.69 10.53
C GLN A 117 -36.21 1.39 10.89
N GLY A 118 -35.81 0.15 10.64
CA GLY A 118 -34.45 -0.28 10.91
C GLY A 118 -33.42 0.41 10.03
N LYS A 242 -52.38 40.36 -8.98
CA LYS A 242 -51.45 40.88 -7.97
C LYS A 242 -50.04 40.36 -8.23
N PRO A 243 -49.03 41.08 -7.74
CA PRO A 243 -47.64 40.64 -7.94
C PRO A 243 -47.27 39.49 -7.03
N SER A 244 -45.99 39.09 -7.07
CA SER A 244 -45.52 37.94 -6.30
C SER A 244 -44.08 38.15 -5.88
N ARG A 245 -43.33 37.06 -5.76
CA ARG A 245 -41.90 37.12 -5.40
C ARG A 245 -41.14 37.89 -6.46
N ARG A 246 -39.87 38.11 -6.25
CA ARG A 246 -39.02 38.67 -7.29
C ARG A 246 -37.75 37.84 -7.39
N ILE A 247 -37.30 37.61 -8.61
CA ILE A 247 -36.18 36.72 -8.89
C ILE A 247 -35.10 37.53 -9.61
N ASN A 248 -34.19 38.12 -8.85
CA ASN A 248 -33.09 38.85 -9.48
C ASN A 248 -32.27 37.82 -10.24
N PRO A 249 -32.29 37.81 -11.58
CA PRO A 249 -31.63 36.74 -12.30
C PRO A 249 -30.13 36.75 -12.04
N THR A 250 -29.56 35.55 -11.91
CA THR A 250 -28.14 35.46 -11.64
C THR A 250 -27.33 35.93 -12.86
N PRO A 251 -26.26 36.72 -12.65
CA PRO A 251 -25.51 37.25 -13.81
C PRO A 251 -24.62 36.21 -14.48
N VAL A 252 -24.90 34.92 -14.30
CA VAL A 252 -24.02 33.87 -14.77
C VAL A 252 -24.29 33.63 -16.25
N SER A 253 -24.03 34.64 -17.08
CA SER A 253 -24.09 34.45 -18.53
C SER A 253 -23.33 33.20 -18.94
N GLU A 254 -22.01 33.18 -18.70
CA GLU A 254 -21.17 32.08 -19.11
C GLU A 254 -21.59 31.48 -20.45
N GLU A 255 -21.48 32.25 -21.54
CA GLU A 255 -21.84 31.74 -22.85
C GLU A 255 -21.38 30.29 -22.97
N ARG A 256 -22.25 29.35 -22.63
CA ARG A 256 -21.87 27.95 -22.56
C ARG A 256 -23.11 27.09 -22.38
N SER A 257 -22.98 25.77 -22.52
CA SER A 257 -24.09 24.83 -22.19
C SER A 257 -25.44 25.26 -22.76
N LEU A 258 -26.53 25.01 -22.01
CA LEU A 258 -27.90 25.30 -22.51
C LEU A 258 -28.13 26.80 -22.50
N SER A 259 -27.35 27.52 -21.69
CA SER A 259 -27.46 29.00 -21.76
C SER A 259 -27.45 29.39 -23.23
N LYS A 260 -27.10 28.47 -24.13
CA LYS A 260 -26.92 28.75 -25.57
C LYS A 260 -28.24 29.12 -26.25
N PRO A 261 -28.24 29.79 -27.43
CA PRO A 261 -29.48 30.07 -28.16
C PRO A 261 -30.02 28.75 -28.73
N LYS A 262 -31.16 28.74 -29.43
CA LYS A 262 -31.76 27.49 -29.86
C LYS A 262 -33.10 27.74 -30.53
N THR A 263 -33.42 26.87 -31.49
CA THR A 263 -34.70 26.86 -32.22
C THR A 263 -35.00 28.28 -32.68
N CYS A 264 -36.21 28.81 -32.44
CA CYS A 264 -36.58 30.16 -32.82
C CYS A 264 -36.84 31.08 -31.62
N PHE A 265 -36.43 30.69 -30.41
CA PHE A 265 -36.57 31.58 -29.26
C PHE A 265 -36.11 33.00 -29.61
N THR A 266 -35.17 33.11 -30.54
CA THR A 266 -34.67 34.40 -31.02
C THR A 266 -35.74 35.49 -31.01
N SER A 335 -54.32 16.87 8.95
CA SER A 335 -53.46 17.48 9.95
C SER A 335 -53.17 16.49 11.07
N LEU A 336 -51.89 16.35 11.42
CA LEU A 336 -51.44 15.45 12.46
C LEU A 336 -50.90 16.26 13.63
N THR A 337 -51.44 15.99 14.82
CA THR A 337 -51.04 16.68 16.04
C THR A 337 -49.98 15.89 16.79
N ASP A 338 -49.23 16.61 17.62
CA ASP A 338 -48.15 16.01 18.42
C ASP A 338 -48.70 15.65 19.78
N GLU A 339 -48.93 14.36 20.00
CA GLU A 339 -49.46 13.87 21.27
C GLU A 339 -48.41 14.04 22.36
N PRO A 340 -48.58 14.97 23.30
CA PRO A 340 -47.56 15.15 24.34
C PRO A 340 -47.38 13.88 25.17
N ALA A 341 -46.13 13.61 25.54
CA ALA A 341 -45.81 12.45 26.35
C ALA A 341 -46.12 12.72 27.81
N ASP A 342 -46.90 11.82 28.42
CA ASP A 342 -47.28 11.94 29.82
C ASP A 342 -47.07 10.61 30.52
N PRO A 343 -46.58 10.62 31.77
CA PRO A 343 -46.33 9.35 32.47
C PRO A 343 -47.59 8.66 32.95
N ALA A 344 -48.75 9.30 32.86
CA ALA A 344 -49.98 8.66 33.32
C ALA A 344 -50.37 7.49 32.43
N ARG A 345 -50.29 7.67 31.11
CA ARG A 345 -50.72 6.64 30.16
C ARG A 345 -49.58 5.65 29.92
N VAL A 346 -49.30 4.87 30.96
CA VAL A 346 -48.25 3.85 30.94
C VAL A 346 -48.89 2.50 31.25
N SER A 347 -48.60 1.51 30.41
CA SER A 347 -49.13 0.16 30.56
C SER A 347 -48.01 -0.77 31.00
N SER A 348 -48.34 -1.69 31.90
CA SER A 348 -47.37 -2.64 32.44
C SER A 348 -46.12 -1.91 32.96
N ARG A 349 -46.36 -0.92 33.81
CA ARG A 349 -45.27 -0.11 34.34
C ARG A 349 -44.23 -0.99 35.05
N GLN A 350 -44.68 -2.02 35.75
CA GLN A 350 -43.74 -2.91 36.43
C GLN A 350 -42.78 -3.57 35.43
N ARG A 351 -43.32 -4.08 34.32
CA ARG A 351 -42.48 -4.73 33.33
C ARG A 351 -41.47 -3.76 32.75
N LEU A 352 -41.91 -2.55 32.41
CA LEU A 352 -40.99 -1.55 31.87
C LEU A 352 -39.90 -1.22 32.89
N GLU A 353 -40.27 -1.09 34.17
CA GLU A 353 -39.29 -0.77 35.19
C GLU A 353 -38.27 -1.88 35.33
N LEU A 354 -38.72 -3.13 35.35
CA LEU A 354 -37.79 -4.25 35.47
C LEU A 354 -36.83 -4.29 34.28
N VAL A 355 -37.37 -4.14 33.07
CA VAL A 355 -36.53 -4.20 31.88
C VAL A 355 -35.52 -3.05 31.88
N ALA A 356 -35.97 -1.85 32.25
CA ALA A 356 -35.07 -0.70 32.29
C ALA A 356 -33.97 -0.90 33.33
N LEU A 357 -34.33 -1.44 34.50
CA LEU A 357 -33.32 -1.67 35.53
C LEU A 357 -32.30 -2.70 35.07
N VAL A 358 -32.76 -3.77 34.42
CA VAL A 358 -31.83 -4.78 33.93
C VAL A 358 -30.92 -4.18 32.87
N TYR A 359 -31.48 -3.37 31.97
CA TYR A 359 -30.68 -2.72 30.93
C TYR A 359 -29.64 -1.80 31.54
N SER A 360 -30.04 -1.00 32.54
CA SER A 360 -29.09 -0.10 33.19
C SER A 360 -27.99 -0.87 33.88
N SER A 361 -28.33 -1.96 34.56
CA SER A 361 -27.33 -2.77 35.23
C SER A 361 -26.36 -3.38 34.22
N CYS A 362 -26.88 -3.87 33.09
CA CYS A 362 -26.00 -4.47 32.09
C CYS A 362 -25.04 -3.43 31.51
N ILE A 363 -25.56 -2.24 31.16
CA ILE A 363 -24.70 -1.22 30.56
C ILE A 363 -23.68 -0.71 31.57
N ALA A 364 -24.10 -0.49 32.82
CA ALA A 364 -23.20 0.08 33.82
C ALA A 364 -22.11 -0.88 34.25
N GLU A 365 -22.28 -2.18 34.01
CA GLU A 365 -21.29 -3.17 34.34
C GLU A 365 -20.43 -3.57 33.13
N ASN A 366 -20.55 -2.85 32.02
CA ASN A 366 -19.76 -3.07 30.81
C ASN A 366 -20.01 -4.43 30.17
N LEU A 367 -21.16 -5.04 30.41
CA LEU A 367 -21.49 -6.26 29.68
C LEU A 367 -21.66 -5.98 28.20
N VAL A 368 -22.25 -4.83 27.87
CA VAL A 368 -22.43 -4.40 26.49
C VAL A 368 -21.11 -3.95 25.89
N PRO A 369 -20.88 -4.12 24.56
CA PRO A 369 -19.59 -3.71 24.00
C PRO A 369 -19.37 -2.20 24.06
N ASN A 370 -20.31 -1.42 23.53
CA ASN A 370 -20.14 0.03 23.44
C ASN A 370 -21.17 0.71 24.33
N LEU A 371 -20.69 1.40 25.36
CA LEU A 371 -21.59 2.13 26.25
C LEU A 371 -22.34 3.23 25.53
N PHE A 372 -21.63 4.00 24.70
CA PHE A 372 -22.26 5.15 24.07
C PHE A 372 -23.24 4.74 22.99
N LEU A 373 -23.08 3.56 22.39
CA LEU A 373 -24.10 3.04 21.49
C LEU A 373 -25.42 2.84 22.23
N GLU A 374 -25.36 2.24 23.42
CA GLU A 374 -26.56 2.05 24.22
C GLU A 374 -27.14 3.38 24.67
N LEU A 375 -26.27 4.32 25.05
CA LEU A 375 -26.78 5.63 25.47
C LEU A 375 -27.46 6.34 24.30
N PHE A 376 -26.90 6.19 23.09
CA PHE A 376 -27.54 6.75 21.90
C PHE A 376 -28.89 6.11 21.65
N PHE A 377 -28.98 4.78 21.82
CA PHE A 377 -30.26 4.11 21.67
C PHE A 377 -31.27 4.57 22.70
N VAL A 378 -30.82 4.77 23.94
CA VAL A 378 -31.71 5.26 24.99
C VAL A 378 -32.22 6.64 24.63
N PHE A 379 -31.35 7.51 24.12
CA PHE A 379 -31.77 8.83 23.69
C PHE A 379 -32.75 8.74 22.53
N GLN A 380 -32.52 7.82 21.60
CA GLN A 380 -33.45 7.62 20.49
C GLN A 380 -34.83 7.25 21.02
N LEU A 381 -34.87 6.36 22.01
CA LEU A 381 -36.14 6.03 22.65
C LEU A 381 -36.76 7.27 23.31
N LEU A 382 -35.92 8.07 23.96
CA LEU A 382 -36.40 9.26 24.65
C LEU A 382 -37.00 10.29 23.70
N THR A 383 -36.61 10.27 22.43
CA THR A 383 -37.05 11.25 21.44
C THR A 383 -37.87 10.59 20.33
N ALA A 384 -38.76 9.68 20.71
CA ALA A 384 -39.62 9.02 19.74
C ALA A 384 -40.88 9.83 19.53
N ARG A 385 -41.27 9.98 18.26
CA ARG A 385 -42.40 10.84 17.92
C ARG A 385 -43.73 10.09 18.06
N ARG A 386 -43.91 9.03 17.27
CA ARG A 386 -45.18 8.33 17.24
C ARG A 386 -44.95 6.91 16.71
N MET A 387 -45.88 6.03 17.04
CA MET A 387 -45.83 4.67 16.55
C MET A 387 -46.15 4.62 15.06
N VAL A 388 -45.57 3.64 14.38
CA VAL A 388 -45.78 3.43 12.95
C VAL A 388 -46.49 2.10 12.77
N THR A 389 -47.59 2.11 12.02
CA THR A 389 -48.38 0.91 11.79
C THR A 389 -47.54 -0.15 11.09
N LEU A 405 -45.20 -12.49 26.86
CA LEU A 405 -44.25 -12.36 25.77
C LEU A 405 -44.94 -11.86 24.50
N GLU A 406 -46.17 -12.35 24.28
CA GLU A 406 -46.92 -11.92 23.10
C GLU A 406 -47.18 -10.42 23.12
N SER A 407 -47.56 -9.90 24.27
CA SER A 407 -47.85 -8.47 24.37
C SER A 407 -46.57 -7.68 24.13
N PRO A 408 -46.57 -6.72 23.20
CA PRO A 408 -45.35 -5.92 22.99
C PRO A 408 -44.99 -5.13 24.24
N LEU A 409 -43.68 -4.92 24.43
CA LEU A 409 -43.19 -4.19 25.59
C LEU A 409 -43.33 -2.68 25.45
N PHE A 410 -43.64 -2.19 24.24
CA PHE A 410 -43.77 -0.75 23.96
C PHE A 410 -45.15 -0.55 23.35
N GLN A 411 -46.14 -0.25 24.20
CA GLN A 411 -47.50 -0.04 23.72
C GLN A 411 -47.72 1.36 23.18
N SER A 412 -46.95 2.34 23.64
CA SER A 412 -47.14 3.73 23.22
C SER A 412 -45.86 4.49 23.49
N ILE A 413 -45.81 5.72 22.95
CA ILE A 413 -44.64 6.57 23.14
C ILE A 413 -44.41 6.80 24.63
N HIS A 414 -45.46 6.74 25.43
CA HIS A 414 -45.31 6.89 26.87
C HIS A 414 -44.39 5.82 27.44
N ASP A 415 -44.58 4.58 27.00
CA ASP A 415 -43.77 3.48 27.52
C ASP A 415 -42.29 3.66 27.18
N CYS A 416 -41.98 4.00 25.92
CA CYS A 416 -40.59 4.14 25.53
C CYS A 416 -39.94 5.32 26.24
N VAL A 417 -40.67 6.45 26.36
CA VAL A 417 -40.10 7.60 27.05
C VAL A 417 -39.86 7.26 28.52
N PHE A 418 -40.80 6.56 29.15
CA PHE A 418 -40.61 6.15 30.54
C PHE A 418 -39.40 5.25 30.68
N PHE A 419 -39.25 4.29 29.77
CA PHE A 419 -38.08 3.42 29.79
C PHE A 419 -36.79 4.21 29.67
N ALA A 420 -36.75 5.15 28.71
CA ALA A 420 -35.53 5.92 28.49
C ALA A 420 -35.17 6.74 29.72
N VAL A 421 -36.16 7.42 30.32
CA VAL A 421 -35.86 8.24 31.49
C VAL A 421 -35.45 7.36 32.67
N GLN A 422 -36.09 6.20 32.83
CA GLN A 422 -35.70 5.30 33.90
C GLN A 422 -34.25 4.84 33.74
N VAL A 423 -33.85 4.53 32.51
CA VAL A 423 -32.45 4.14 32.27
C VAL A 423 -31.52 5.32 32.56
N LEU A 424 -31.90 6.52 32.10
CA LEU A 424 -31.02 7.67 32.29
C LEU A 424 -30.86 8.03 33.76
N GLU A 425 -31.87 7.78 34.59
CA GLU A 425 -31.78 8.13 35.99
C GLU A 425 -30.50 7.57 36.62
N CYS A 426 -30.20 6.31 36.34
CA CYS A 426 -29.03 5.68 36.94
C CYS A 426 -27.74 6.35 36.47
N HIS A 427 -27.67 6.72 35.19
CA HIS A 427 -26.47 7.27 34.59
C HIS A 427 -26.52 8.79 34.68
N PHE A 428 -25.88 9.36 35.70
CA PHE A 428 -25.79 10.80 35.86
C PHE A 428 -24.37 11.34 35.68
N GLN A 429 -23.36 10.60 36.14
CA GLN A 429 -21.98 11.06 35.99
C GLN A 429 -21.58 11.18 34.54
N VAL A 430 -21.90 10.18 33.72
CA VAL A 430 -21.57 10.23 32.31
C VAL A 430 -22.23 11.44 31.66
N LEU A 431 -23.53 11.62 31.90
CA LEU A 431 -24.24 12.77 31.36
C LEU A 431 -23.68 14.07 31.92
N SER A 432 -23.35 14.09 33.22
CA SER A 432 -22.86 15.31 33.84
C SER A 432 -21.56 15.79 33.21
N ASN A 433 -20.75 14.88 32.68
CA ASN A 433 -19.44 15.21 32.13
C ASN A 433 -19.47 15.44 30.62
N LEU A 434 -20.65 15.57 30.02
CA LEU A 434 -20.75 15.78 28.59
C LEU A 434 -20.52 17.25 28.25
N ASP A 435 -20.71 17.61 26.98
CA ASP A 435 -20.48 18.97 26.54
C ASP A 435 -21.46 19.93 27.22
N LYS A 436 -21.13 21.22 27.17
CA LYS A 436 -22.04 22.22 27.71
C LYS A 436 -23.35 22.26 26.94
N GLY A 437 -23.29 22.17 25.62
CA GLY A 437 -24.49 22.27 24.82
C GLY A 437 -25.46 21.13 25.10
N THR A 438 -24.94 19.91 25.15
CA THR A 438 -25.81 18.78 25.46
C THR A 438 -26.38 18.90 26.86
N LEU A 439 -25.59 19.39 27.82
CA LEU A 439 -26.14 19.61 29.15
C LEU A 439 -27.29 20.60 29.11
N LYS A 440 -27.15 21.68 28.35
CA LYS A 440 -28.24 22.64 28.24
C LYS A 440 -29.48 21.99 27.64
N LEU A 441 -29.29 21.22 26.56
CA LEU A 441 -30.44 20.59 25.92
C LEU A 441 -31.14 19.60 26.85
N LEU A 442 -30.37 18.81 27.61
CA LEU A 442 -31.01 17.91 28.57
C LEU A 442 -31.75 18.69 29.64
N ALA A 443 -31.15 19.78 30.13
CA ALA A 443 -31.79 20.56 31.19
C ALA A 443 -33.11 21.15 30.72
N GLU A 444 -33.14 21.71 29.51
CA GLU A 444 -34.36 22.33 29.00
C GLU A 444 -35.34 21.33 28.41
N ASN A 445 -34.99 20.05 28.34
CA ASN A 445 -35.88 19.07 27.74
C ASN A 445 -37.17 18.96 28.54
N GLU A 446 -38.30 18.91 27.83
CA GLU A 446 -39.59 18.85 28.48
C GLU A 446 -39.89 17.47 29.05
N ARG A 447 -39.52 16.41 28.34
CA ARG A 447 -39.86 15.06 28.77
C ARG A 447 -39.19 14.71 30.10
N LEU A 448 -37.95 15.18 30.30
CA LEU A 448 -37.28 14.93 31.58
C LEU A 448 -38.08 15.56 32.73
N LEU A 449 -38.53 16.79 32.55
CA LEU A 449 -39.34 17.43 33.59
C LEU A 449 -40.65 16.69 33.79
N CYS A 450 -41.28 16.25 32.71
CA CYS A 450 -42.56 15.56 32.83
C CYS A 450 -42.43 14.25 33.59
N PHE A 451 -41.38 13.49 33.31
CA PHE A 451 -41.24 12.15 33.90
C PHE A 451 -40.32 12.09 35.11
N SER A 452 -39.34 12.99 35.24
CA SER A 452 -38.39 12.95 36.34
C SER A 452 -37.87 14.35 36.61
N PRO A 453 -38.60 15.14 37.40
CA PRO A 453 -38.11 16.49 37.72
C PRO A 453 -36.76 16.51 38.41
N ALA A 454 -36.47 15.50 39.26
CA ALA A 454 -35.22 15.50 40.00
C ALA A 454 -34.02 15.39 39.07
N LEU A 455 -34.09 14.49 38.09
CA LEU A 455 -32.98 14.33 37.16
C LEU A 455 -32.75 15.61 36.37
N GLN A 456 -33.82 16.24 35.89
CA GLN A 456 -33.67 17.48 35.15
C GLN A 456 -33.09 18.57 36.03
N GLY A 457 -33.51 18.64 37.29
CA GLY A 457 -32.95 19.64 38.19
C GLY A 457 -31.46 19.43 38.43
N ARG A 458 -31.05 18.17 38.64
CA ARG A 458 -29.63 17.88 38.82
C ARG A 458 -28.84 18.25 37.58
N LEU A 459 -29.38 17.93 36.40
CA LEU A 459 -28.70 18.26 35.17
C LEU A 459 -28.63 19.77 34.96
N ARG A 460 -29.68 20.49 35.36
CA ARG A 460 -29.64 21.95 35.29
C ARG A 460 -28.56 22.50 36.19
N ALA A 461 -28.43 21.94 37.40
CA ALA A 461 -27.37 22.38 38.29
C ALA A 461 -26.00 22.11 37.68
N ALA A 462 -25.83 20.94 37.07
CA ALA A 462 -24.56 20.62 36.42
C ALA A 462 -24.27 21.58 35.26
N TYR A 463 -25.32 21.90 34.47
CA TYR A 463 -25.14 22.85 33.37
C TYR A 463 -24.74 24.22 33.89
N GLU A 464 -25.36 24.68 34.97
CA GLU A 464 -24.98 25.96 35.56
C GLU A 464 -23.55 25.94 36.03
N GLY A 465 -23.14 24.85 36.69
CA GLY A 465 -21.75 24.72 37.11
C GLY A 465 -20.79 24.77 35.95
N SER A 466 -21.13 24.07 34.86
CA SER A 466 -20.28 24.10 33.67
C SER A 466 -20.20 25.50 33.08
N VAL A 467 -21.33 26.22 33.05
CA VAL A 467 -21.34 27.58 32.53
C VAL A 467 -20.47 28.48 33.40
N ALA A 468 -20.46 28.23 34.72
CA ALA A 468 -19.63 29.01 35.61
C ALA A 468 -18.14 28.89 35.28
N VAL A 469 -17.75 27.85 34.55
CA VAL A 469 -16.37 27.68 34.12
C VAL A 469 -16.12 28.49 32.85
N ASP A 488 18.39 21.91 5.88
CA ASP A 488 19.10 20.80 5.25
C ASP A 488 20.59 21.11 5.13
N ASN A 489 21.32 20.22 4.48
CA ASN A 489 22.76 20.40 4.27
C ASN A 489 23.22 19.42 3.21
N ARG A 490 24.45 19.62 2.75
CA ARG A 490 25.04 18.74 1.74
C ARG A 490 25.57 17.43 2.32
N ALA A 491 25.77 17.36 3.63
CA ALA A 491 26.29 16.14 4.24
C ALA A 491 25.22 15.06 4.34
N ASN A 492 24.00 15.43 4.71
CA ASN A 492 22.93 14.43 4.87
C ASN A 492 22.64 13.75 3.54
N PHE A 493 22.61 14.51 2.46
CA PHE A 493 22.25 13.99 1.14
C PHE A 493 23.51 13.51 0.43
N SER A 494 23.59 12.19 0.20
CA SER A 494 24.71 11.62 -0.53
C SER A 494 24.80 12.18 -1.95
N SER A 495 26.01 12.55 -2.35
CA SER A 495 26.26 13.10 -3.68
C SER A 495 25.64 14.48 -3.83
N ASP A 496 25.62 15.01 -5.05
CA ASP A 496 25.04 16.32 -5.33
C ASP A 496 23.81 16.27 -6.22
N ARG A 497 23.70 15.28 -7.10
CA ARG A 497 22.49 15.10 -7.89
C ARG A 497 21.30 14.82 -6.99
N ALA A 498 21.51 13.98 -5.96
CA ALA A 498 20.45 13.67 -5.02
C ALA A 498 19.98 14.93 -4.29
N PHE A 499 20.91 15.81 -3.92
CA PHE A 499 20.54 17.03 -3.22
C PHE A 499 19.64 17.90 -4.08
N HIS A 500 20.01 18.10 -5.34
CA HIS A 500 19.21 18.93 -6.23
C HIS A 500 17.86 18.31 -6.51
N THR A 501 17.81 17.01 -6.80
CA THR A 501 16.53 16.38 -7.08
C THR A 501 15.62 16.35 -5.86
N PHE A 502 16.20 16.21 -4.66
CA PHE A 502 15.37 16.26 -3.46
C PHE A 502 14.83 17.66 -3.24
N LYS A 503 15.63 18.69 -3.51
CA LYS A 503 15.10 20.05 -3.43
C LYS A 503 13.94 20.25 -4.41
N LYS A 504 14.11 19.77 -5.65
CA LYS A 504 13.05 19.91 -6.64
C LYS A 504 11.78 19.20 -6.18
N GLN A 505 11.92 17.98 -5.64
CA GLN A 505 10.74 17.24 -5.18
C GLN A 505 10.11 17.87 -3.94
N ARG A 506 10.90 18.46 -3.04
CA ARG A 506 10.28 19.17 -1.93
C ARG A 506 9.48 20.35 -2.46
N ASP A 507 10.02 21.07 -3.44
CA ASP A 507 9.26 22.16 -4.04
C ASP A 507 7.97 21.65 -4.69
N VAL A 508 8.05 20.52 -5.39
CA VAL A 508 6.86 19.94 -6.02
C VAL A 508 5.84 19.51 -4.97
N PHE A 509 6.31 18.92 -3.89
CA PHE A 509 5.39 18.47 -2.83
C PHE A 509 4.68 19.67 -2.21
N TYR A 510 5.42 20.73 -1.92
CA TYR A 510 4.78 21.93 -1.39
C TYR A 510 3.83 22.55 -2.41
N GLU A 511 4.16 22.47 -3.71
CA GLU A 511 3.25 22.98 -4.72
C GLU A 511 1.94 22.22 -4.72
N VAL A 512 2.01 20.89 -4.67
CA VAL A 512 0.79 20.09 -4.68
C VAL A 512 0.01 20.30 -3.40
N LEU A 513 0.71 20.45 -2.27
CA LEU A 513 0.01 20.71 -1.01
C LEU A 513 -0.72 22.04 -1.06
N ARG A 514 -0.08 23.08 -1.59
CA ARG A 514 -0.74 24.37 -1.72
C ARG A 514 -1.92 24.29 -2.67
N GLU A 515 -1.77 23.55 -3.77
CA GLU A 515 -2.87 23.37 -4.70
C GLU A 515 -4.05 22.69 -4.02
N TRP A 516 -3.78 21.66 -3.20
CA TRP A 516 -4.84 21.01 -2.47
C TRP A 516 -5.52 21.99 -1.51
N GLU A 517 -4.71 22.70 -0.72
CA GLU A 517 -5.27 23.64 0.25
C GLU A 517 -6.18 24.63 -0.43
N ASP A 518 -5.72 25.21 -1.55
CA ASP A 518 -6.56 26.15 -2.28
C ASP A 518 -7.79 25.47 -2.85
N HIS A 519 -7.63 24.25 -3.36
CA HIS A 519 -8.71 23.54 -4.04
C HIS A 519 -8.81 22.13 -3.46
N HIS A 520 -9.57 22.00 -2.37
CA HIS A 520 -9.95 20.68 -1.88
C HIS A 520 -11.38 20.69 -1.37
N GLU A 521 -12.14 21.77 -1.62
CA GLU A 521 -13.53 21.86 -1.23
C GLU A 521 -14.44 22.30 -2.37
N GLU A 522 -13.92 22.86 -3.44
CA GLU A 522 -14.75 23.24 -4.57
C GLU A 522 -15.40 21.99 -5.16
N PRO A 523 -16.67 22.06 -5.57
CA PRO A 523 -17.32 20.86 -6.11
C PRO A 523 -16.57 20.33 -7.32
N GLY A 524 -16.53 19.00 -7.43
CA GLY A 524 -15.96 18.33 -8.59
C GLY A 524 -14.48 18.04 -8.49
N TRP A 525 -13.77 18.67 -7.55
CA TRP A 525 -12.32 18.48 -7.45
C TRP A 525 -12.02 17.07 -6.98
N ASP A 526 -11.56 16.23 -7.89
CA ASP A 526 -11.17 14.86 -7.59
C ASP A 526 -9.66 14.78 -7.40
N PHE A 527 -9.23 14.19 -6.30
CA PHE A 527 -7.80 14.15 -5.99
C PHE A 527 -7.02 13.41 -7.06
N GLU A 528 -7.53 12.27 -7.51
CA GLU A 528 -6.81 11.47 -8.50
C GLU A 528 -6.55 12.30 -9.75
N LYS A 529 -7.60 12.69 -10.47
CA LYS A 529 -7.41 13.44 -11.70
C LYS A 529 -6.55 14.68 -11.47
N GLY A 530 -6.71 15.32 -10.32
CA GLY A 530 -5.99 16.55 -10.06
C GLY A 530 -4.50 16.36 -9.90
N LEU A 531 -4.08 15.35 -9.13
CA LEU A 531 -2.71 15.29 -8.63
C LEU A 531 -2.00 13.96 -8.81
N GLY A 532 -2.65 12.94 -9.39
CA GLY A 532 -2.02 11.63 -9.45
C GLY A 532 -0.80 11.61 -10.35
N SER A 533 -0.88 12.27 -11.50
CA SER A 533 0.26 12.30 -12.41
C SER A 533 1.46 12.95 -11.74
N ARG A 534 1.24 14.09 -11.07
CA ARG A 534 2.34 14.80 -10.42
C ARG A 534 2.91 13.97 -9.26
N ILE A 535 2.04 13.34 -8.47
CA ILE A 535 2.53 12.56 -7.34
C ILE A 535 3.33 11.36 -7.83
N ARG A 536 2.86 10.69 -8.88
CA ARG A 536 3.57 9.54 -9.42
C ARG A 536 4.91 9.95 -10.04
N ALA A 537 4.95 11.08 -10.75
CA ALA A 537 6.22 11.55 -11.28
C ALA A 537 7.20 11.88 -10.16
N MET A 538 6.71 12.51 -9.10
CA MET A 538 7.56 12.77 -7.93
C MET A 538 8.08 11.47 -7.35
N MET A 539 7.20 10.48 -7.23
CA MET A 539 7.57 9.20 -6.67
C MET A 539 8.67 8.55 -7.49
N GLY A 540 8.51 8.57 -8.81
CA GLY A 540 9.51 7.97 -9.66
C GLY A 540 10.86 8.65 -9.58
N GLN A 541 10.88 9.99 -9.70
CA GLN A 541 12.19 10.64 -9.67
C GLN A 541 12.83 10.49 -8.31
N LEU A 542 12.02 10.43 -7.24
CA LEU A 542 12.57 10.32 -5.90
C LEU A 542 13.11 8.91 -5.65
N SER A 543 12.43 7.90 -6.18
CA SER A 543 12.96 6.54 -6.08
C SER A 543 14.25 6.43 -6.88
N ALA A 544 14.35 7.17 -7.99
CA ALA A 544 15.56 7.14 -8.81
C ALA A 544 16.80 7.36 -7.95
N ALA A 545 16.92 8.54 -7.33
CA ALA A 545 18.09 8.84 -6.50
C ALA A 545 17.83 8.52 -5.02
N CYS A 546 17.26 7.34 -4.75
CA CYS A 546 17.26 6.72 -3.43
C CYS A 546 17.18 7.74 -2.29
N SER A 547 16.25 8.69 -2.38
CA SER A 547 16.12 9.75 -1.38
C SER A 547 14.79 9.66 -0.63
N HIS A 548 14.22 8.46 -0.56
CA HIS A 548 12.90 8.31 0.05
C HIS A 548 12.92 8.61 1.54
N SER A 549 14.03 8.36 2.22
CA SER A 549 14.07 8.56 3.67
C SER A 549 13.85 10.02 4.03
N HIS A 550 14.56 10.92 3.35
CA HIS A 550 14.45 12.34 3.65
C HIS A 550 13.07 12.87 3.29
N PHE A 551 12.52 12.43 2.16
CA PHE A 551 11.18 12.87 1.80
C PHE A 551 10.15 12.36 2.80
N VAL A 552 10.34 11.14 3.31
CA VAL A 552 9.41 10.63 4.32
C VAL A 552 9.55 11.42 5.61
N ARG A 553 10.76 11.82 5.97
CA ARG A 553 10.93 12.70 7.12
C ARG A 553 10.14 13.99 6.94
N LEU A 554 10.27 14.61 5.76
CA LEU A 554 9.51 15.82 5.48
C LEU A 554 8.01 15.56 5.52
N PHE A 555 7.58 14.44 4.94
CA PHE A 555 6.17 14.09 4.89
C PHE A 555 5.60 13.97 6.29
N GLN A 556 6.27 13.21 7.16
CA GLN A 556 5.80 13.04 8.52
C GLN A 556 5.82 14.34 9.30
N LYS A 557 6.87 15.15 9.11
CA LYS A 557 6.92 16.43 9.81
C LYS A 557 5.76 17.32 9.41
N GLN A 558 5.48 17.42 8.12
CA GLN A 558 4.34 18.21 7.66
C GLN A 558 3.04 17.65 8.20
N LEU A 559 2.88 16.33 8.18
CA LEU A 559 1.67 15.71 8.70
C LEU A 559 1.43 16.11 10.14
N LEU A 560 2.44 15.91 11.00
CA LEU A 560 2.28 16.25 12.40
C LEU A 560 2.02 17.74 12.59
N GLN A 561 2.74 18.59 11.85
CA GLN A 561 2.61 20.03 12.05
C GLN A 561 1.23 20.52 11.64
N MET A 562 0.66 19.96 10.58
CA MET A 562 -0.57 20.50 10.00
C MET A 562 -1.81 19.81 10.57
N CYS A 563 -1.88 18.48 10.43
CA CYS A 563 -3.10 17.79 10.81
C CYS A 563 -3.38 17.92 12.31
N GLN A 564 -2.34 17.81 13.14
CA GLN A 564 -2.55 17.83 14.58
C GLN A 564 -3.07 19.18 15.05
N SER A 565 -2.76 20.25 14.32
CA SER A 565 -3.20 21.58 14.72
C SER A 565 -4.71 21.63 14.94
N GLY A 585 -14.50 41.83 14.53
CA GLY A 585 -14.76 41.75 15.96
C GLY A 585 -14.49 40.37 16.53
N ALA A 586 -14.05 40.33 17.78
CA ALA A 586 -13.76 39.04 18.41
C ALA A 586 -15.00 38.16 18.46
N ASP A 587 -16.16 38.75 18.77
CA ASP A 587 -17.40 38.00 18.71
C ASP A 587 -17.66 37.47 17.30
N LYS A 588 -17.36 38.29 16.28
CA LYS A 588 -17.51 37.82 14.91
C LYS A 588 -16.58 36.65 14.63
N LEU A 589 -15.34 36.70 15.14
CA LEU A 589 -14.42 35.59 14.95
C LEU A 589 -14.93 34.33 15.63
N GLY A 590 -15.47 34.45 16.84
CA GLY A 590 -16.03 33.29 17.51
C GLY A 590 -17.20 32.69 16.76
N ARG A 591 -18.10 33.55 16.27
CA ARG A 591 -19.23 33.06 15.48
C ARG A 591 -18.74 32.39 14.21
N LEU A 592 -17.74 32.97 13.55
CA LEU A 592 -17.19 32.36 12.35
C LEU A 592 -16.57 31.01 12.66
N TRP A 593 -15.90 30.89 13.81
CA TRP A 593 -15.35 29.60 14.21
C TRP A 593 -16.46 28.57 14.40
N ARG A 594 -17.56 28.99 15.04
CA ARG A 594 -18.68 28.06 15.22
C ARG A 594 -19.27 27.62 13.88
N LEU A 595 -19.45 28.57 12.96
CA LEU A 595 -19.94 28.23 11.63
C LEU A 595 -19.00 27.26 10.93
N GLN A 596 -17.69 27.54 10.98
CA GLN A 596 -16.72 26.69 10.32
C GLN A 596 -16.73 25.29 10.92
N GLU A 597 -16.94 25.19 12.24
CA GLU A 597 -17.11 23.88 12.86
C GLU A 597 -18.37 23.20 12.33
N ARG A 598 -19.43 23.96 12.12
CA ARG A 598 -20.65 23.38 11.56
C ARG A 598 -20.40 22.80 10.17
N LEU A 599 -19.62 23.51 9.35
CA LEU A 599 -19.38 23.04 7.98
C LEU A 599 -18.66 21.70 7.98
N MET A 600 -17.67 21.52 8.86
CA MET A 600 -16.83 20.34 8.86
C MET A 600 -17.28 19.29 9.87
N ALA A 601 -18.54 19.33 10.28
CA ALA A 601 -19.02 18.33 11.21
C ALA A 601 -18.98 16.96 10.52
N PRO A 602 -18.77 15.88 11.28
CA PRO A 602 -18.65 14.56 10.65
C PRO A 602 -19.93 14.18 9.93
N GLN A 603 -19.86 13.05 9.23
CA GLN A 603 -21.01 12.56 8.48
C GLN A 603 -22.21 12.41 9.42
N SER A 604 -23.34 12.96 9.02
CA SER A 604 -24.53 12.92 9.87
C SER A 604 -25.19 11.54 9.90
N SER A 605 -25.07 10.76 8.82
CA SER A 605 -25.70 9.44 8.82
C SER A 605 -25.08 8.54 9.88
N GLY A 606 -23.77 8.56 10.01
CA GLY A 606 -23.09 7.70 10.95
C GLY A 606 -23.59 7.87 12.36
N GLY A 607 -23.93 6.76 13.02
CA GLY A 607 -24.44 6.78 14.37
C GLY A 607 -23.33 7.04 15.37
N PRO A 608 -23.46 6.46 16.57
CA PRO A 608 -22.41 6.63 17.58
C PRO A 608 -21.20 5.73 17.38
N CYS A 609 -21.19 4.91 16.32
CA CYS A 609 -20.06 4.03 16.01
C CYS A 609 -19.73 4.17 14.53
N PRO A 610 -19.27 5.35 14.11
CA PRO A 610 -18.92 5.54 12.71
C PRO A 610 -17.65 4.78 12.35
N PRO A 611 -17.47 4.44 11.08
CA PRO A 611 -16.23 3.76 10.68
C PRO A 611 -15.06 4.71 10.70
N PRO A 612 -13.83 4.19 10.73
CA PRO A 612 -12.67 5.09 10.75
C PRO A 612 -12.63 5.96 9.51
N THR A 613 -12.20 7.20 9.69
CA THR A 613 -12.18 8.17 8.60
C THR A 613 -11.10 9.20 8.87
N PHE A 614 -10.76 9.95 7.82
CA PHE A 614 -9.73 10.99 7.89
C PHE A 614 -10.39 12.35 7.69
N PRO A 615 -10.65 13.10 8.75
CA PRO A 615 -11.36 14.37 8.59
C PRO A 615 -10.41 15.54 8.33
N GLY A 616 -10.70 16.31 7.29
CA GLY A 616 -9.94 17.52 7.03
C GLY A 616 -8.59 17.27 6.41
N CYS A 617 -7.56 17.96 6.92
CA CYS A 617 -6.24 17.87 6.31
C CYS A 617 -5.76 16.43 6.22
N GLN A 618 -6.04 15.62 7.24
CA GLN A 618 -5.61 14.23 7.22
C GLN A 618 -6.04 13.55 5.92
N GLY A 619 -7.26 13.81 5.48
CA GLY A 619 -7.74 13.25 4.24
C GLY A 619 -6.71 13.36 3.14
N PHE A 620 -6.21 14.57 2.92
CA PHE A 620 -5.19 14.79 1.89
C PHE A 620 -4.13 13.70 1.96
N PHE A 621 -3.49 13.57 3.11
CA PHE A 621 -2.37 12.66 3.22
C PHE A 621 -2.79 11.23 2.88
N ARG A 622 -3.96 10.80 3.37
CA ARG A 622 -4.45 9.48 2.97
C ARG A 622 -4.48 9.38 1.46
N ASP A 623 -5.14 10.33 0.80
CA ASP A 623 -5.19 10.32 -0.65
C ASP A 623 -3.78 10.24 -1.21
N PHE A 624 -2.87 11.04 -0.66
CA PHE A 624 -1.49 11.00 -1.11
C PHE A 624 -0.96 9.58 -1.07
N ILE A 625 -1.08 8.93 0.09
CA ILE A 625 -0.57 7.57 0.24
C ILE A 625 -1.23 6.66 -0.79
N LEU A 626 -2.52 6.88 -1.04
CA LEU A 626 -3.22 6.05 -2.00
C LEU A 626 -2.73 6.34 -3.41
N SER A 627 -2.45 7.61 -3.72
CA SER A 627 -2.11 7.96 -5.09
C SER A 627 -0.69 7.56 -5.45
N ALA A 628 0.24 7.64 -4.49
CA ALA A 628 1.61 7.20 -4.75
C ALA A 628 1.65 5.74 -5.14
N SER A 629 1.00 4.87 -4.36
CA SER A 629 0.94 3.45 -4.64
C SER A 629 2.33 2.88 -4.89
N SER A 630 3.29 3.33 -4.09
CA SER A 630 4.70 2.97 -4.24
C SER A 630 5.14 2.11 -3.07
N PHE A 631 5.74 0.96 -3.38
CA PHE A 631 6.27 0.09 -2.35
C PHE A 631 7.37 0.80 -1.56
N GLN A 632 8.25 1.51 -2.25
CA GLN A 632 9.39 2.16 -1.58
C GLN A 632 8.90 3.20 -0.58
N PHE A 633 8.03 4.11 -1.04
CA PHE A 633 7.55 5.16 -0.16
C PHE A 633 6.74 4.58 0.99
N ASN A 634 5.93 3.55 0.71
CA ASN A 634 5.14 2.94 1.77
C ASN A 634 6.03 2.31 2.83
N GLN A 635 7.09 1.60 2.41
CA GLN A 635 7.99 1.00 3.38
C GLN A 635 8.71 2.05 4.21
N HIS A 636 9.21 3.10 3.56
CA HIS A 636 9.91 4.14 4.31
C HIS A 636 8.96 4.86 5.26
N LEU A 637 7.72 5.09 4.83
CA LEU A 637 6.74 5.72 5.70
C LEU A 637 6.42 4.83 6.90
N MET A 638 6.29 3.53 6.69
CA MET A 638 6.05 2.64 7.82
C MET A 638 7.22 2.68 8.80
N ASP A 639 8.44 2.66 8.29
CA ASP A 639 9.60 2.72 9.18
C ASP A 639 9.61 4.02 9.98
N SER A 640 9.41 5.15 9.30
CA SER A 640 9.44 6.44 9.98
C SER A 640 8.33 6.55 11.01
N LEU A 641 7.12 6.11 10.66
CA LEU A 641 6.00 6.19 11.60
C LEU A 641 6.25 5.29 12.80
N SER A 642 6.80 4.10 12.59
CA SER A 642 7.13 3.23 13.71
C SER A 642 8.13 3.91 14.63
N LEU A 643 9.18 4.53 14.06
CA LEU A 643 10.17 5.22 14.87
C LEU A 643 9.52 6.33 15.67
N LYS A 644 8.69 7.15 15.03
CA LYS A 644 8.10 8.28 15.73
C LYS A 644 7.15 7.81 16.83
N ILE A 645 6.38 6.76 16.56
CA ILE A 645 5.45 6.23 17.56
C ILE A 645 6.21 5.66 18.75
N GLN A 646 7.29 4.91 18.49
CA GLN A 646 8.07 4.35 19.59
C GLN A 646 8.70 5.47 20.42
N GLU A 647 9.19 6.51 19.76
CA GLU A 647 9.81 7.61 20.49
C GLU A 647 8.79 8.35 21.35
N LEU A 648 7.63 8.69 20.75
CA LEU A 648 6.63 9.45 21.48
C LEU A 648 6.03 8.65 22.63
N ASN A 649 5.69 7.38 22.39
CA ASN A 649 5.04 6.59 23.43
C ASN A 649 5.91 6.45 24.67
N GLY A 650 7.23 6.53 24.51
CA GLY A 650 8.13 6.41 25.63
C GLY A 650 8.48 7.69 26.34
N LEU A 651 7.89 8.82 25.96
CA LEU A 651 8.19 10.08 26.62
C LEU A 651 7.80 10.02 28.09
N ALA A 652 8.63 10.62 28.94
CA ALA A 652 8.38 10.61 30.39
C ALA A 652 7.13 11.39 30.75
N LEU A 653 6.99 12.61 30.20
CA LEU A 653 5.87 13.49 30.52
C LEU A 653 5.66 13.62 32.02
N PRO A 654 6.67 14.08 32.76
CA PRO A 654 6.49 14.26 34.21
C PRO A 654 5.31 15.16 34.51
N GLN A 655 4.27 14.62 35.12
CA GLN A 655 3.08 15.41 35.44
C GLN A 655 3.21 16.05 36.82
N HIS A 656 2.28 16.94 37.10
CA HIS A 656 2.33 17.73 38.33
C HIS A 656 2.16 16.79 39.53
N GLU A 657 2.72 17.22 40.67
CA GLU A 657 2.52 16.50 41.92
C GLU A 657 1.42 17.17 42.72
N PRO A 658 0.28 16.52 42.96
CA PRO A 658 -0.86 17.22 43.55
C PRO A 658 -0.63 17.61 45.00
N ASN A 659 0.07 18.72 45.21
CA ASN A 659 0.38 19.24 46.53
C ASN A 659 -0.21 20.63 46.67
N ASP A 660 -0.83 20.88 47.82
CA ASP A 660 -1.41 22.19 48.12
C ASP A 660 -2.51 22.54 47.13
N GLU A 661 -3.28 23.59 47.43
CA GLU A 661 -4.33 24.07 46.55
C GLU A 661 -4.00 25.43 45.95
N ASP A 662 -2.72 25.79 45.91
CA ASP A 662 -2.33 27.10 45.42
C ASP A 662 -2.71 27.27 43.96
N GLY A 663 -3.23 28.44 43.62
CA GLY A 663 -3.62 28.76 42.26
C GLY A 663 -2.54 29.47 41.48
N GLU A 664 -1.47 29.87 42.17
CA GLU A 664 -0.35 30.54 41.51
C GLU A 664 0.31 29.62 40.49
N SER A 665 0.23 28.31 40.71
CA SER A 665 0.80 27.32 39.80
C SER A 665 -0.08 27.04 38.59
N ASP A 666 -1.06 27.90 38.30
CA ASP A 666 -2.00 27.70 37.20
C ASP A 666 -1.26 27.23 35.94
N VAL A 667 -0.34 28.07 35.46
CA VAL A 667 0.36 27.77 34.22
C VAL A 667 0.87 26.34 34.25
N ASP A 668 1.50 25.93 35.36
CA ASP A 668 2.09 24.58 35.42
C ASP A 668 1.07 23.52 35.03
N TRP A 669 -0.08 23.50 35.73
CA TRP A 669 -1.17 22.63 35.34
C TRP A 669 -1.42 22.70 33.84
N GLN A 670 -1.77 23.90 33.34
CA GLN A 670 -2.09 24.05 31.92
C GLN A 670 -0.99 23.46 31.04
N GLY A 671 0.25 23.85 31.29
CA GLY A 671 1.43 23.35 30.60
C GLY A 671 1.44 21.84 30.47
N GLU A 672 1.51 21.15 31.63
CA GLU A 672 1.57 19.69 31.61
C GLU A 672 0.39 19.10 30.85
N ARG A 673 -0.83 19.53 31.18
CA ARG A 673 -2.01 19.00 30.50
C ARG A 673 -1.88 19.15 28.98
N LYS A 674 -1.60 20.38 28.52
CA LYS A 674 -1.44 20.63 27.09
C LYS A 674 -0.38 19.72 26.49
N GLN A 675 0.78 19.64 27.13
CA GLN A 675 1.84 18.75 26.67
C GLN A 675 1.28 17.36 26.41
N PHE A 676 0.69 16.74 27.44
CA PHE A 676 0.13 15.41 27.30
C PHE A 676 -0.82 15.34 26.11
N ALA A 677 -1.77 16.28 26.06
CA ALA A 677 -2.76 16.28 24.98
C ALA A 677 -2.07 16.25 23.62
N VAL A 678 -1.14 17.18 23.40
CA VAL A 678 -0.37 17.22 22.17
C VAL A 678 0.21 15.84 21.86
N VAL A 679 1.01 15.33 22.79
CA VAL A 679 1.63 14.01 22.61
C VAL A 679 0.60 12.99 22.17
N LEU A 680 -0.46 12.83 22.96
CA LEU A 680 -1.49 11.83 22.67
C LEU A 680 -2.06 12.00 21.27
N LEU A 681 -2.50 13.21 20.94
CA LEU A 681 -3.07 13.46 19.62
C LEU A 681 -2.11 13.04 18.52
N SER A 682 -0.87 13.52 18.60
CA SER A 682 0.14 13.15 17.62
C SER A 682 0.23 11.63 17.50
N LEU A 683 0.36 10.95 18.64
CA LEU A 683 0.44 9.50 18.66
C LEU A 683 -0.74 8.89 17.90
N ARG A 684 -1.95 9.27 18.28
CA ARG A 684 -3.15 8.76 17.61
C ARG A 684 -3.03 8.91 16.09
N LEU A 685 -2.80 10.15 15.64
CA LEU A 685 -2.64 10.41 14.20
C LEU A 685 -1.65 9.44 13.56
N LEU A 686 -0.42 9.44 14.06
CA LEU A 686 0.62 8.59 13.51
C LEU A 686 0.18 7.14 13.46
N ALA A 687 -0.30 6.63 14.60
CA ALA A 687 -0.77 5.25 14.68
C ALA A 687 -1.81 4.98 13.59
N LYS A 688 -2.77 5.89 13.45
CA LYS A 688 -3.82 5.72 12.45
C LYS A 688 -3.19 5.50 11.08
N PHE A 689 -2.29 6.40 10.68
CA PHE A 689 -1.71 6.28 9.35
C PHE A 689 -0.89 5.00 9.22
N LEU A 690 -0.14 4.64 10.26
CA LEU A 690 0.58 3.38 10.27
C LEU A 690 -0.34 2.20 10.03
N GLY A 691 -1.41 2.11 10.83
CA GLY A 691 -2.38 1.04 10.64
C GLY A 691 -3.07 1.10 9.30
N PHE A 692 -3.10 2.27 8.66
CA PHE A 692 -3.70 2.40 7.35
C PHE A 692 -2.80 1.81 6.28
N VAL A 693 -1.48 1.99 6.42
CA VAL A 693 -0.58 1.56 5.36
C VAL A 693 -0.09 0.13 5.58
N ALA A 694 0.04 -0.28 6.85
CA ALA A 694 0.50 -1.64 7.14
C ALA A 694 -0.46 -2.69 6.61
N PHE A 695 -1.77 -2.47 6.81
CA PHE A 695 -2.79 -3.42 6.39
C PHE A 695 -3.40 -3.05 5.05
N LEU A 696 -2.86 -2.03 4.37
CA LEU A 696 -3.39 -1.64 3.07
C LEU A 696 -3.42 -2.79 2.07
N PRO A 697 -2.37 -3.59 1.89
CA PRO A 697 -2.42 -4.66 0.88
C PRO A 697 -3.46 -5.71 1.16
N TYR A 698 -3.89 -5.85 2.41
CA TYR A 698 -4.77 -6.93 2.80
C TYR A 698 -6.22 -6.50 2.94
N ARG A 699 -6.45 -5.24 3.33
CA ARG A 699 -7.81 -4.73 3.47
C ARG A 699 -8.55 -4.83 2.14
N GLY A 700 -9.81 -5.22 2.21
CA GLY A 700 -10.65 -5.30 1.04
C GLY A 700 -12.04 -5.83 1.38
N PRO A 701 -13.01 -5.60 0.50
CA PRO A 701 -14.37 -6.11 0.75
C PRO A 701 -14.43 -7.62 0.63
N GLU A 702 -13.64 -8.33 1.43
CA GLU A 702 -13.60 -9.79 1.45
C GLU A 702 -13.77 -10.28 2.89
N PRO A 703 -15.01 -10.39 3.36
CA PRO A 703 -15.23 -10.91 4.71
C PRO A 703 -14.55 -12.26 4.88
N PRO A 704 -14.50 -12.78 6.10
CA PRO A 704 -13.81 -14.07 6.34
C PRO A 704 -14.22 -15.10 5.31
N PRO A 705 -13.25 -15.74 4.63
CA PRO A 705 -13.58 -16.62 3.50
C PRO A 705 -14.71 -17.59 3.82
N THR A 706 -14.52 -18.43 4.83
CA THR A 706 -15.55 -19.36 5.28
C THR A 706 -15.05 -20.06 6.53
N GLY A 707 -15.89 -20.91 7.11
CA GLY A 707 -15.54 -21.59 8.34
C GLY A 707 -14.29 -22.44 8.22
N GLU A 708 -14.15 -23.17 7.13
CA GLU A 708 -13.00 -24.04 6.88
C GLU A 708 -12.25 -23.55 5.65
N LEU A 709 -11.24 -24.30 5.23
CA LEU A 709 -10.42 -23.98 4.07
C LEU A 709 -9.68 -22.65 4.23
N GLN A 710 -9.74 -22.03 5.40
CA GLN A 710 -9.04 -20.79 5.67
C GLN A 710 -7.76 -20.99 6.46
N ASP A 711 -7.50 -22.20 6.96
CA ASP A 711 -6.25 -22.47 7.64
C ASP A 711 -5.05 -22.10 6.77
N SER A 712 -5.17 -22.27 5.46
CA SER A 712 -4.10 -21.84 4.57
C SER A 712 -3.88 -20.34 4.66
N ILE A 713 -4.96 -19.56 4.67
CA ILE A 713 -4.83 -18.11 4.76
C ILE A 713 -4.21 -17.70 6.09
N LEU A 714 -4.66 -18.30 7.19
CA LEU A 714 -4.08 -17.97 8.49
C LEU A 714 -2.60 -18.33 8.55
N ALA A 715 -2.24 -19.49 8.01
CA ALA A 715 -0.82 -19.87 7.97
C ALA A 715 -0.02 -18.88 7.15
N LEU A 716 -0.56 -18.47 6.01
CA LEU A 716 0.15 -17.53 5.14
C LEU A 716 0.32 -16.18 5.83
N ARG A 717 -0.72 -15.72 6.54
CA ARG A 717 -0.73 -14.39 7.13
C ARG A 717 -0.13 -14.34 8.52
N SER A 718 0.22 -15.49 9.11
CA SER A 718 0.83 -15.54 10.43
C SER A 718 2.35 -15.53 10.36
N GLN A 719 2.91 -15.37 9.17
CA GLN A 719 4.36 -15.43 9.00
C GLN A 719 5.01 -14.06 9.13
N VAL A 720 4.59 -13.10 8.31
CA VAL A 720 5.26 -11.79 8.31
C VAL A 720 5.07 -11.15 9.69
N PRO A 721 6.14 -10.71 10.36
CA PRO A 721 5.97 -10.08 11.66
C PRO A 721 5.26 -8.74 11.51
N PRO A 722 4.55 -8.30 12.56
CA PRO A 722 3.83 -7.02 12.45
C PRO A 722 4.80 -5.86 12.29
N VAL A 723 4.33 -4.82 11.60
CA VAL A 723 5.17 -3.65 11.34
C VAL A 723 5.61 -3.02 12.65
N LEU A 724 4.72 -2.99 13.64
CA LEU A 724 5.02 -2.42 14.95
C LEU A 724 4.63 -3.44 16.02
N ASP A 725 5.52 -3.64 17.00
CA ASP A 725 5.24 -4.60 18.05
C ASP A 725 4.17 -4.03 18.98
N VAL A 726 2.93 -4.03 18.52
CA VAL A 726 1.86 -3.39 19.28
C VAL A 726 1.51 -4.17 20.53
N ARG A 727 1.60 -5.51 20.50
CA ARG A 727 1.26 -6.28 21.69
C ARG A 727 2.22 -5.97 22.84
N THR A 728 3.53 -5.96 22.55
CA THR A 728 4.50 -5.66 23.59
C THR A 728 4.34 -4.25 24.11
N LEU A 729 4.10 -3.29 23.21
CA LEU A 729 3.90 -1.92 23.64
C LEU A 729 2.67 -1.79 24.53
N LEU A 730 1.58 -2.47 24.16
CA LEU A 730 0.38 -2.44 25.00
C LEU A 730 0.64 -3.04 26.36
N GLN A 731 1.33 -4.19 26.41
CA GLN A 731 1.61 -4.83 27.69
C GLN A 731 2.47 -3.93 28.57
N ARG A 732 3.50 -3.32 28.00
CA ARG A 732 4.36 -2.44 28.78
C ARG A 732 3.59 -1.22 29.26
N GLY A 733 2.72 -0.66 28.42
CA GLY A 733 1.93 0.49 28.84
C GLY A 733 0.99 0.14 29.98
N LEU A 734 0.30 -0.99 29.88
CA LEU A 734 -0.60 -1.41 30.95
C LEU A 734 0.18 -1.67 32.24
N GLN A 735 1.35 -2.31 32.14
CA GLN A 735 2.15 -2.57 33.33
C GLN A 735 2.61 -1.28 33.98
N ALA A 736 2.99 -0.29 33.17
CA ALA A 736 3.50 0.97 33.69
C ALA A 736 2.39 1.97 34.05
N ARG A 737 1.13 1.60 33.88
CA ARG A 737 0.01 2.50 34.16
C ARG A 737 0.07 3.73 33.26
N ARG A 738 0.06 3.48 31.96
CA ARG A 738 0.00 4.52 30.94
C ARG A 738 -1.08 4.23 29.93
N ALA A 739 -2.17 3.59 30.37
CA ALA A 739 -3.20 3.14 29.46
C ALA A 739 -3.79 4.30 28.67
N VAL A 740 -4.01 5.44 29.32
CA VAL A 740 -4.62 6.57 28.63
C VAL A 740 -3.78 6.99 27.45
N LEU A 741 -2.46 6.81 27.52
CA LEU A 741 -1.58 7.18 26.43
C LEU A 741 -1.31 6.06 25.45
N THR A 742 -1.35 4.80 25.90
CA THR A 742 -0.98 3.68 25.05
C THR A 742 -2.15 3.07 24.30
N VAL A 743 -3.36 3.09 24.88
CA VAL A 743 -4.49 2.40 24.28
C VAL A 743 -5.07 3.20 23.11
N PRO A 744 -5.40 4.48 23.28
CA PRO A 744 -6.07 5.20 22.17
C PRO A 744 -5.38 5.06 20.82
N TRP A 745 -4.06 5.24 20.77
CA TRP A 745 -3.38 5.13 19.49
C TRP A 745 -3.34 3.68 19.02
N LEU A 746 -3.34 2.72 19.95
CA LEU A 746 -3.46 1.32 19.56
C LEU A 746 -4.80 1.05 18.90
N VAL A 747 -5.88 1.63 19.45
CA VAL A 747 -7.20 1.48 18.85
C VAL A 747 -7.22 2.11 17.46
N GLU A 748 -6.61 3.29 17.32
CA GLU A 748 -6.54 3.90 16.00
C GLU A 748 -5.79 2.99 15.02
N PHE A 749 -4.70 2.37 15.48
CA PHE A 749 -3.95 1.46 14.63
C PHE A 749 -4.78 0.24 14.24
N LEU A 750 -5.49 -0.35 15.20
CA LEU A 750 -6.22 -1.59 14.95
C LEU A 750 -7.50 -1.38 14.16
N SER A 751 -8.08 -0.18 14.21
CA SER A 751 -9.33 0.06 13.49
C SER A 751 -9.18 -0.15 11.98
N PHE A 752 -7.96 -0.12 11.47
CA PHE A 752 -7.68 -0.36 10.06
C PHE A 752 -7.22 -1.78 9.81
N ALA A 753 -7.54 -2.71 10.71
CA ALA A 753 -7.17 -4.11 10.53
C ALA A 753 -8.03 -4.72 9.43
N ASP A 754 -7.85 -6.02 9.21
CA ASP A 754 -8.55 -6.75 8.18
C ASP A 754 -9.65 -7.61 8.80
N HIS A 755 -10.34 -8.37 7.95
CA HIS A 755 -11.31 -9.34 8.43
C HIS A 755 -10.65 -10.64 8.86
N VAL A 756 -9.36 -10.81 8.60
CA VAL A 756 -8.61 -11.99 8.99
C VAL A 756 -7.58 -11.67 10.06
N VAL A 757 -7.55 -10.44 10.56
CA VAL A 757 -6.64 -10.05 11.63
C VAL A 757 -7.18 -10.54 12.96
N PRO A 758 -8.49 -10.43 13.23
CA PRO A 758 -9.02 -10.95 14.51
C PRO A 758 -8.87 -12.46 14.67
N LEU A 759 -8.40 -13.17 13.65
CA LEU A 759 -8.20 -14.61 13.75
C LEU A 759 -6.75 -15.01 14.01
N LEU A 760 -5.80 -14.12 13.74
CA LEU A 760 -4.40 -14.43 14.04
C LEU A 760 -4.18 -14.47 15.55
N GLU A 761 -3.25 -15.33 15.96
CA GLU A 761 -3.00 -15.49 17.39
C GLU A 761 -2.51 -14.20 18.02
N TYR A 762 -1.63 -13.49 17.32
CA TYR A 762 -1.08 -12.23 17.83
C TYR A 762 -2.18 -11.22 18.11
N TYR A 763 -2.94 -10.87 17.07
CA TYR A 763 -4.00 -9.88 17.25
C TYR A 763 -5.16 -10.44 18.06
N ARG A 764 -5.36 -11.75 18.05
CA ARG A 764 -6.37 -12.32 18.95
C ARG A 764 -6.00 -12.05 20.40
N ASP A 765 -4.73 -12.26 20.76
CA ASP A 765 -4.30 -11.97 22.12
C ASP A 765 -4.41 -10.47 22.41
N ILE A 766 -4.07 -9.63 21.43
CA ILE A 766 -4.21 -8.18 21.62
C ILE A 766 -5.66 -7.84 21.95
N PHE A 767 -6.59 -8.37 21.18
CA PHE A 767 -8.00 -8.07 21.39
C PHE A 767 -8.50 -8.63 22.71
N THR A 768 -8.00 -9.80 23.11
CA THR A 768 -8.37 -10.35 24.41
C THR A 768 -7.90 -9.44 25.54
N LEU A 769 -6.67 -8.93 25.43
CA LEU A 769 -6.19 -8.01 26.45
C LEU A 769 -7.02 -6.73 26.49
N LEU A 770 -7.36 -6.19 25.31
CA LEU A 770 -8.20 -5.01 25.28
C LEU A 770 -9.58 -5.30 25.88
N LEU A 771 -10.11 -6.49 25.62
CA LEU A 771 -11.39 -6.87 26.20
C LEU A 771 -11.33 -6.92 27.72
N ARG A 772 -10.27 -7.51 28.26
CA ARG A 772 -10.11 -7.54 29.72
C ARG A 772 -10.02 -6.12 30.27
N LEU A 773 -9.23 -5.26 29.62
CA LEU A 773 -9.09 -3.89 30.09
C LEU A 773 -10.44 -3.18 30.08
N HIS A 774 -11.21 -3.35 29.01
CA HIS A 774 -12.51 -2.69 28.91
C HIS A 774 -13.46 -3.20 29.99
N ARG A 775 -13.46 -4.51 30.23
CA ARG A 775 -14.27 -5.07 31.31
C ARG A 775 -13.80 -4.59 32.67
N SER A 776 -12.56 -4.11 32.77
CA SER A 776 -12.02 -3.62 34.03
C SER A 776 -12.30 -2.14 34.25
N LEU A 777 -13.04 -1.49 33.35
CA LEU A 777 -13.31 -0.05 33.43
C LEU A 777 -14.79 0.15 33.70
N VAL A 778 -15.15 0.20 34.98
CA VAL A 778 -16.52 0.43 35.43
C VAL A 778 -16.60 1.85 35.97
N LEU A 779 -17.54 2.63 35.44
CA LEU A 779 -17.65 4.04 35.82
C LEU A 779 -18.49 4.21 37.09
N SER A 780 -18.19 3.42 38.11
CA SER A 780 -18.80 3.60 39.43
C SER A 780 -17.85 3.38 40.59
N GLN A 781 -16.68 2.78 40.39
CA GLN A 781 -15.81 2.37 41.47
C GLN A 781 -14.75 3.43 41.76
N GLU A 782 -14.05 3.24 42.88
CA GLU A 782 -12.96 4.11 43.28
C GLU A 782 -12.17 3.45 44.41
N SER A 783 -10.84 3.43 44.27
CA SER A 783 -9.96 2.81 45.26
C SER A 783 -8.85 3.78 45.66
N GLU A 784 -9.18 5.06 45.76
CA GLU A 784 -8.25 6.10 46.19
C GLU A 784 -7.02 6.18 45.28
N GLY A 785 -7.28 6.53 44.02
CA GLY A 785 -6.21 6.77 43.09
C GLY A 785 -5.89 5.68 42.08
N LYS A 786 -6.92 5.09 41.48
CA LYS A 786 -6.69 4.13 40.39
C LYS A 786 -6.64 4.82 39.03
N MET A 787 -7.69 5.54 38.68
CA MET A 787 -7.77 6.23 37.40
C MET A 787 -8.89 7.26 37.46
N CYS A 788 -8.57 8.50 37.11
CA CYS A 788 -9.56 9.57 37.17
C CYS A 788 -10.73 9.26 36.25
N PHE A 789 -11.89 9.82 36.59
CA PHE A 789 -13.13 9.45 35.91
C PHE A 789 -13.03 9.69 34.40
N LEU A 790 -12.57 10.89 34.01
CA LEU A 790 -12.55 11.21 32.59
C LEU A 790 -11.60 10.28 31.82
N ASN A 791 -10.53 9.83 32.46
CA ASN A 791 -9.67 8.84 31.81
C ASN A 791 -10.44 7.55 31.54
N LYS A 792 -11.20 7.10 32.53
CA LYS A 792 -12.03 5.92 32.33
C LYS A 792 -13.02 6.14 31.20
N LEU A 793 -13.65 7.31 31.16
CA LEU A 793 -14.64 7.58 30.12
C LEU A 793 -14.00 7.54 28.74
N LEU A 794 -12.84 8.18 28.59
CA LEU A 794 -12.16 8.19 27.29
C LEU A 794 -11.80 6.77 26.87
N LEU A 795 -11.18 6.02 27.78
CA LEU A 795 -10.75 4.67 27.43
C LEU A 795 -11.94 3.78 27.09
N LEU A 796 -13.01 3.87 27.89
CA LEU A 796 -14.19 3.05 27.64
C LEU A 796 -14.83 3.40 26.31
N ALA A 797 -14.92 4.70 25.99
CA ALA A 797 -15.51 5.10 24.72
C ALA A 797 -14.69 4.58 23.55
N VAL A 798 -13.37 4.74 23.61
CA VAL A 798 -12.53 4.31 22.49
C VAL A 798 -12.59 2.79 22.34
N LEU A 799 -12.53 2.05 23.45
CA LEU A 799 -12.58 0.60 23.37
C LEU A 799 -13.93 0.12 22.82
N GLY A 800 -15.03 0.70 23.29
CA GLY A 800 -16.32 0.32 22.75
C GLY A 800 -16.46 0.61 21.27
N TRP A 801 -15.95 1.77 20.83
CA TRP A 801 -15.99 2.07 19.40
C TRP A 801 -15.19 1.04 18.63
N LEU A 802 -14.02 0.64 19.15
CA LEU A 802 -13.23 -0.39 18.48
C LEU A 802 -14.01 -1.69 18.40
N PHE A 803 -14.65 -2.07 19.51
CA PHE A 803 -15.37 -3.33 19.55
C PHE A 803 -16.68 -3.29 18.78
N GLN A 804 -17.06 -2.13 18.23
CA GLN A 804 -18.24 -2.01 17.38
C GLN A 804 -17.87 -1.64 15.95
N ILE A 805 -16.69 -2.06 15.50
CA ILE A 805 -16.28 -1.86 14.11
C ILE A 805 -16.66 -3.10 13.32
N PRO A 806 -17.08 -2.98 12.06
CA PRO A 806 -17.45 -4.19 11.30
C PRO A 806 -16.36 -5.24 11.21
N THR A 807 -15.09 -4.84 11.14
CA THR A 807 -14.02 -5.83 10.99
C THR A 807 -13.98 -6.78 12.18
N VAL A 808 -14.11 -6.24 13.39
CA VAL A 808 -14.07 -7.09 14.59
C VAL A 808 -15.35 -7.93 14.64
N PRO A 809 -15.26 -9.26 14.76
CA PRO A 809 -16.48 -10.06 14.82
C PRO A 809 -17.32 -9.69 16.03
N GLU A 810 -18.64 -9.76 15.85
CA GLU A 810 -19.54 -9.44 16.95
C GLU A 810 -19.40 -10.43 18.09
N ASP A 811 -19.03 -11.68 17.77
CA ASP A 811 -18.89 -12.70 18.81
C ASP A 811 -17.56 -12.59 19.57
N LEU A 812 -16.61 -11.81 19.06
CA LEU A 812 -15.33 -11.69 19.75
C LEU A 812 -15.50 -11.08 21.13
N PHE A 813 -16.30 -10.02 21.25
CA PHE A 813 -16.47 -9.37 22.54
C PHE A 813 -17.21 -10.27 23.52
N PHE A 814 -18.19 -11.03 23.03
CA PHE A 814 -18.97 -11.92 23.88
C PHE A 814 -18.33 -13.29 24.04
N LEU A 815 -17.15 -13.50 23.49
CA LEU A 815 -16.44 -14.76 23.69
C LEU A 815 -16.03 -14.91 25.15
N GLU A 816 -15.74 -16.14 25.54
CA GLU A 816 -15.40 -16.42 26.93
C GLU A 816 -14.18 -15.60 27.35
N GLU A 817 -14.25 -15.05 28.56
CA GLU A 817 -13.17 -14.24 29.11
C GLU A 817 -11.85 -15.01 29.11
N HIS A 832 1.91 7.91 41.01
CA HIS A 832 2.98 7.78 40.02
C HIS A 832 2.40 7.40 38.67
N GLY A 833 3.25 7.45 37.64
CA GLY A 833 2.81 7.08 36.29
C GLY A 833 1.98 8.16 35.64
N LEU A 834 2.01 8.20 34.30
CA LEU A 834 1.20 9.17 33.58
C LEU A 834 -0.29 8.99 33.89
N ASP A 835 -0.75 7.75 33.99
CA ASP A 835 -2.13 7.50 34.32
C ASP A 835 -2.44 8.04 35.72
N ASN A 836 -3.72 8.01 36.08
CA ASN A 836 -4.17 8.48 37.39
C ASN A 836 -3.86 9.96 37.60
N ALA A 837 -4.01 10.75 36.55
CA ALA A 837 -3.84 12.19 36.64
C ALA A 837 -4.91 12.86 35.78
N PRO A 838 -5.30 14.09 36.12
CA PRO A 838 -6.34 14.78 35.34
C PRO A 838 -5.81 15.28 34.00
N VAL A 839 -5.22 14.36 33.22
CA VAL A 839 -4.59 14.76 31.96
C VAL A 839 -5.59 14.84 30.82
N VAL A 840 -6.77 14.26 30.98
CA VAL A 840 -7.82 14.31 29.97
C VAL A 840 -8.92 15.23 30.47
N ASP A 841 -9.25 16.24 29.68
CA ASP A 841 -10.34 17.16 29.95
C ASP A 841 -11.43 16.97 28.90
N GLN A 842 -12.51 17.74 29.05
CA GLN A 842 -13.64 17.62 28.13
C GLN A 842 -13.17 17.84 26.69
N GLN A 843 -12.34 18.86 26.47
CA GLN A 843 -11.87 19.15 25.12
C GLN A 843 -11.12 17.96 24.54
N LEU A 844 -10.23 17.35 25.33
CA LEU A 844 -9.50 16.18 24.83
C LEU A 844 -10.43 15.00 24.60
N LEU A 845 -11.40 14.79 25.49
CA LEU A 845 -12.32 13.67 25.32
C LEU A 845 -13.11 13.82 24.03
N TYR A 846 -13.60 15.03 23.74
CA TYR A 846 -14.36 15.24 22.52
C TYR A 846 -13.48 15.30 21.28
N THR A 847 -12.20 15.61 21.42
CA THR A 847 -11.29 15.56 20.28
C THR A 847 -10.95 14.13 19.91
N CYS A 848 -10.71 13.28 20.92
CA CYS A 848 -10.39 11.89 20.66
C CYS A 848 -11.61 11.12 20.14
N CYS A 849 -12.80 11.45 20.61
CA CYS A 849 -14.02 10.73 20.27
C CYS A 849 -15.06 11.73 19.76
N PRO A 850 -14.97 12.14 18.49
CA PRO A 850 -15.92 13.10 17.93
C PRO A 850 -17.22 12.45 17.46
N TYR A 851 -17.77 11.57 18.30
CA TYR A 851 -19.06 10.95 18.04
C TYR A 851 -19.94 10.96 19.29
N ILE A 852 -19.43 11.44 20.41
CA ILE A 852 -20.27 11.69 21.59
C ILE A 852 -21.28 12.79 21.27
N GLY A 853 -20.88 13.76 20.46
CA GLY A 853 -21.77 14.80 20.02
C GLY A 853 -23.02 14.27 19.36
N GLU A 854 -22.96 13.02 18.87
CA GLU A 854 -24.17 12.40 18.33
C GLU A 854 -25.33 12.55 19.29
N LEU A 855 -25.08 12.26 20.57
CA LEU A 855 -26.14 12.42 21.56
C LEU A 855 -26.73 13.82 21.50
N ARG A 856 -25.88 14.85 21.59
CA ARG A 856 -26.37 16.21 21.48
C ARG A 856 -27.21 16.40 20.23
N LYS A 857 -26.69 16.00 19.07
CA LYS A 857 -27.46 16.18 17.85
C LYS A 857 -28.86 15.61 18.01
N LEU A 858 -28.95 14.37 18.52
CA LEU A 858 -30.27 13.77 18.64
C LEU A 858 -31.22 14.70 19.37
N LEU A 859 -30.83 15.15 20.56
CA LEU A 859 -31.70 16.06 21.29
C LEU A 859 -32.05 17.27 20.44
N ALA A 860 -31.02 17.93 19.90
CA ALA A 860 -31.28 19.09 19.06
C ALA A 860 -32.26 18.72 17.97
N SER A 861 -32.03 17.59 17.30
CA SER A 861 -32.92 17.17 16.22
C SER A 861 -34.35 17.19 16.71
N TRP A 862 -34.60 16.53 17.86
CA TRP A 862 -35.96 16.47 18.38
C TRP A 862 -36.56 17.86 18.47
N VAL A 863 -35.84 18.77 19.12
CA VAL A 863 -36.36 20.11 19.31
C VAL A 863 -36.70 20.72 17.96
N SER A 864 -35.75 20.63 17.01
CA SER A 864 -36.01 21.19 15.69
C SER A 864 -37.25 20.56 15.08
N GLY A 865 -37.33 19.23 15.12
CA GLY A 865 -38.48 18.56 14.54
C GLY A 865 -39.77 18.85 15.28
N SER A 866 -39.67 19.37 16.50
CA SER A 866 -40.87 19.81 17.19
C SER A 866 -41.51 20.99 16.46
N SER A 867 -40.69 21.90 15.95
CA SER A 867 -41.23 23.05 15.24
C SER A 867 -41.75 22.66 13.85
N GLY A 868 -41.01 21.81 13.15
CA GLY A 868 -41.39 21.41 11.81
C GLY A 868 -42.73 20.71 11.75
N PHE A 873 -44.98 13.59 2.11
CA PHE A 873 -44.48 12.43 1.38
C PHE A 873 -43.32 12.80 0.45
N MET A 874 -42.51 13.75 0.89
CA MET A 874 -41.39 14.24 0.09
C MET A 874 -41.91 14.60 -1.31
N ARG A 875 -41.06 14.45 -2.34
CA ARG A 875 -41.44 14.71 -3.71
C ARG A 875 -40.75 13.68 -4.59
N LYS A 876 -40.96 13.75 -5.90
CA LYS A 876 -40.45 12.74 -6.82
C LYS A 876 -39.86 13.40 -8.07
N ILE A 877 -39.06 14.44 -7.87
CA ILE A 877 -38.40 15.09 -8.99
C ILE A 877 -37.53 14.11 -9.74
N THR A 878 -37.66 14.10 -11.07
CA THR A 878 -36.88 13.24 -11.95
C THR A 878 -35.67 13.99 -12.47
N PRO A 879 -34.47 13.41 -12.42
CA PRO A 879 -33.28 14.16 -12.88
C PRO A 879 -33.36 14.53 -14.35
N THR A 880 -32.79 15.69 -14.67
CA THR A 880 -32.60 16.06 -16.06
C THR A 880 -31.46 15.24 -16.67
N THR A 881 -31.57 14.95 -17.96
CA THR A 881 -30.58 14.14 -18.65
C THR A 881 -29.35 15.01 -18.97
N THR A 882 -28.44 14.46 -19.78
CA THR A 882 -27.22 15.17 -20.15
C THR A 882 -27.52 16.57 -20.68
N MET B 51 54.53 -3.50 9.73
CA MET B 51 53.76 -4.24 8.68
C MET B 51 54.71 -4.76 7.61
N ALA B 52 55.25 -3.86 6.80
CA ALA B 52 56.34 -4.23 5.91
C ALA B 52 57.50 -4.85 6.69
N ALA B 53 57.73 -4.36 7.91
CA ALA B 53 58.79 -4.90 8.75
C ALA B 53 58.55 -6.37 9.05
N VAL B 54 57.30 -6.74 9.36
CA VAL B 54 56.99 -8.14 9.63
C VAL B 54 57.20 -8.98 8.37
N LEU B 55 56.84 -8.45 7.22
CA LEU B 55 57.06 -9.18 5.97
C LEU B 55 58.54 -9.43 5.75
N GLU B 56 59.37 -8.41 5.96
CA GLU B 56 60.81 -8.59 5.80
C GLU B 56 61.36 -9.58 6.81
N SER B 57 60.89 -9.52 8.06
CA SER B 57 61.35 -10.45 9.08
C SER B 57 61.01 -11.88 8.69
N LEU B 58 59.81 -12.10 8.17
CA LEU B 58 59.45 -13.42 7.68
C LEU B 58 60.35 -13.84 6.52
N LEU B 59 60.62 -12.91 5.60
CA LEU B 59 61.48 -13.24 4.46
C LEU B 59 62.89 -13.61 4.90
N ARG B 60 63.38 -13.02 5.98
CA ARG B 60 64.70 -13.34 6.51
C ARG B 60 64.74 -14.63 7.32
N GLU B 61 63.59 -15.26 7.58
CA GLU B 61 63.49 -16.50 8.35
C GLU B 61 63.81 -16.39 9.84
N GLU B 62 63.74 -15.20 10.46
CA GLU B 62 63.91 -15.15 11.91
C GLU B 62 62.80 -15.91 12.62
N VAL B 63 61.57 -15.79 12.12
CA VAL B 63 60.40 -16.45 12.70
C VAL B 63 59.83 -17.40 11.66
N SER B 64 59.56 -18.63 12.08
CA SER B 64 59.05 -19.64 11.15
C SER B 64 57.68 -19.24 10.62
N VAL B 65 57.38 -19.70 9.40
CA VAL B 65 56.10 -19.40 8.77
C VAL B 65 54.96 -19.99 9.59
N ALA B 66 55.16 -21.21 10.12
CA ALA B 66 54.12 -21.85 10.92
C ALA B 66 53.77 -21.00 12.13
N ALA B 67 54.78 -20.41 12.78
CA ALA B 67 54.52 -19.59 13.95
C ALA B 67 53.63 -18.40 13.61
N VAL B 68 53.96 -17.69 12.53
CA VAL B 68 53.18 -16.50 12.18
C VAL B 68 51.77 -16.88 11.74
N VAL B 69 51.63 -17.96 10.97
CA VAL B 69 50.28 -18.36 10.55
C VAL B 69 49.45 -18.71 11.78
N ARG B 70 50.06 -19.44 12.74
CA ARG B 70 49.32 -19.79 13.95
C ARG B 70 48.95 -18.54 14.73
N TRP B 71 49.85 -17.54 14.74
CA TRP B 71 49.57 -16.30 15.44
C TRP B 71 48.39 -15.57 14.82
N ILE B 72 48.31 -15.55 13.48
CA ILE B 72 47.19 -14.91 12.81
C ILE B 72 45.88 -15.63 13.12
N ALA B 73 45.93 -16.96 13.23
CA ALA B 73 44.74 -17.76 13.47
C ALA B 73 44.25 -17.73 14.91
N ARG B 74 44.90 -16.96 15.79
CA ARG B 74 44.49 -16.87 17.18
C ARG B 74 44.55 -18.22 17.88
N SER B 75 45.46 -19.09 17.44
CA SER B 75 45.61 -20.39 18.07
C SER B 75 46.20 -20.23 19.46
N THR B 76 45.85 -21.16 20.34
CA THR B 76 46.36 -21.14 21.71
C THR B 76 47.87 -21.33 21.71
N GLN B 77 48.55 -20.65 22.63
CA GLN B 77 50.01 -20.73 22.72
C GLN B 77 50.37 -22.02 23.45
N GLY B 78 50.98 -22.97 22.72
CA GLY B 78 51.36 -24.22 23.31
C GLY B 78 52.67 -24.15 24.06
N SER B 79 52.99 -25.26 24.75
CA SER B 79 54.24 -25.33 25.50
C SER B 79 55.46 -25.38 24.59
N GLU B 80 55.29 -25.79 23.32
CA GLU B 80 56.39 -25.88 22.39
C GLU B 80 56.76 -24.54 21.75
N ASP B 81 56.00 -23.48 22.01
CA ASP B 81 56.27 -22.18 21.43
C ASP B 81 57.67 -21.71 21.82
N ASN B 82 58.42 -21.23 20.83
CA ASN B 82 59.77 -20.73 21.08
C ASN B 82 59.71 -19.36 21.75
N ALA B 83 60.66 -19.11 22.64
CA ALA B 83 60.66 -17.86 23.41
C ALA B 83 60.83 -16.64 22.50
N GLY B 84 61.83 -16.67 21.62
CA GLY B 84 62.09 -15.51 20.78
C GLY B 84 60.96 -15.24 19.80
N GLU B 85 60.50 -16.28 19.12
CA GLU B 85 59.40 -16.11 18.17
C GLU B 85 58.13 -15.68 18.88
N ALA B 86 57.82 -16.31 20.01
CA ALA B 86 56.62 -15.94 20.76
C ALA B 86 56.68 -14.49 21.22
N ALA B 87 57.84 -14.06 21.72
CA ALA B 87 57.98 -12.67 22.16
C ALA B 87 57.82 -11.70 21.00
N ALA B 88 58.44 -11.99 19.86
CA ALA B 88 58.33 -11.10 18.71
C ALA B 88 56.89 -11.02 18.23
N LEU B 89 56.20 -12.16 18.15
CA LEU B 89 54.82 -12.15 17.69
C LEU B 89 53.91 -11.44 18.68
N SER B 90 54.15 -11.62 19.99
CA SER B 90 53.36 -10.90 20.98
C SER B 90 53.58 -9.40 20.85
N SER B 91 54.82 -8.98 20.63
CA SER B 91 55.11 -7.56 20.46
C SER B 91 54.39 -7.00 19.24
N LEU B 92 54.40 -7.75 18.14
CA LEU B 92 53.76 -7.30 16.90
C LEU B 92 52.26 -7.52 16.90
N ARG B 93 51.71 -8.20 17.91
CA ARG B 93 50.27 -8.42 17.99
C ARG B 93 49.47 -7.17 17.71
N ALA B 94 49.99 -6.01 18.09
CA ALA B 94 49.31 -4.75 17.77
C ALA B 94 49.13 -4.59 16.27
N LEU B 95 50.05 -5.14 15.48
CA LEU B 95 49.97 -5.09 14.02
C LEU B 95 49.20 -6.27 13.42
N ARG B 96 48.72 -7.19 14.24
CA ARG B 96 47.90 -8.27 13.70
C ARG B 96 46.61 -7.70 13.09
N LYS B 97 45.88 -8.57 12.40
CA LYS B 97 44.59 -8.30 11.77
C LYS B 97 44.75 -7.53 10.46
N GLU B 98 45.96 -7.11 10.09
CA GLU B 98 46.18 -6.45 8.81
C GLU B 98 47.40 -6.97 8.07
N PHE B 99 48.09 -7.97 8.60
CA PHE B 99 49.22 -8.56 7.88
C PHE B 99 48.76 -9.27 6.61
N VAL B 100 47.69 -10.06 6.70
CA VAL B 100 47.19 -10.87 5.58
C VAL B 100 46.65 -10.04 4.41
N PRO B 101 45.75 -9.07 4.63
CA PRO B 101 45.35 -8.22 3.49
C PRO B 101 46.52 -7.48 2.86
N PHE B 102 47.47 -7.00 3.65
CA PHE B 102 48.64 -6.36 3.06
C PHE B 102 49.44 -7.35 2.24
N LEU B 103 49.56 -8.58 2.72
CA LEU B 103 50.28 -9.61 1.97
C LEU B 103 49.59 -9.87 0.64
N LEU B 104 48.26 -9.96 0.64
CA LEU B 104 47.52 -10.13 -0.60
C LEU B 104 47.74 -8.96 -1.54
N ASN B 105 47.69 -7.74 -1.00
CA ASN B 105 47.91 -6.55 -1.83
C ASN B 105 49.31 -6.55 -2.42
N PHE B 106 50.29 -6.98 -1.63
CA PHE B 106 51.67 -7.02 -2.12
C PHE B 106 51.79 -7.97 -3.31
N LEU B 107 51.21 -9.17 -3.19
CA LEU B 107 51.25 -10.09 -4.32
C LEU B 107 50.44 -9.56 -5.50
N ARG B 108 49.30 -8.93 -5.26
CA ARG B 108 48.51 -8.37 -6.35
C ARG B 108 49.32 -7.33 -7.11
N GLU B 109 50.00 -6.45 -6.37
CA GLU B 109 50.79 -5.39 -6.99
C GLU B 109 51.95 -5.96 -7.79
N GLN B 110 52.72 -6.87 -7.18
CA GLN B 110 53.85 -7.46 -7.89
C GLN B 110 53.40 -8.34 -9.06
N SER B 111 52.18 -8.86 -9.01
CA SER B 111 51.65 -9.63 -10.14
C SER B 111 51.29 -8.74 -11.32
N SER B 112 51.14 -7.43 -11.10
CA SER B 112 50.74 -6.54 -12.17
C SER B 112 51.72 -6.59 -13.34
N ARG B 113 53.02 -6.68 -13.04
CA ARG B 113 54.01 -6.77 -14.12
C ARG B 113 53.91 -8.10 -14.87
N VAL B 114 53.44 -9.16 -14.23
CA VAL B 114 53.37 -10.46 -14.88
C VAL B 114 51.99 -10.73 -15.47
N LEU B 115 50.95 -10.08 -14.96
CA LEU B 115 49.59 -10.26 -15.45
C LEU B 115 49.09 -8.95 -16.04
N PRO B 116 48.62 -8.93 -17.28
CA PRO B 116 48.23 -7.66 -17.91
C PRO B 116 47.20 -6.92 -17.07
N GLN B 117 47.28 -5.59 -17.11
CA GLN B 117 46.36 -4.70 -16.39
C GLN B 117 46.43 -5.09 -14.91
N GLY B 118 45.31 -5.42 -14.26
CA GLY B 118 45.34 -5.80 -12.86
C GLY B 118 46.08 -7.10 -12.64
N SER B 335 58.14 -10.11 -35.15
CA SER B 335 57.65 -11.38 -34.64
C SER B 335 58.12 -11.59 -33.20
N LEU B 336 57.18 -11.95 -32.32
CA LEU B 336 57.46 -12.18 -30.91
C LEU B 336 57.27 -13.66 -30.61
N THR B 337 58.30 -14.28 -30.04
CA THR B 337 58.27 -15.70 -29.70
C THR B 337 57.86 -15.89 -28.24
N ASP B 338 57.35 -17.10 -27.95
CA ASP B 338 56.91 -17.46 -26.61
C ASP B 338 58.05 -18.18 -25.90
N GLU B 339 58.70 -17.48 -24.99
CA GLU B 339 59.80 -18.06 -24.22
C GLU B 339 59.27 -19.14 -23.28
N PRO B 340 59.53 -20.43 -23.52
CA PRO B 340 59.00 -21.46 -22.63
C PRO B 340 59.52 -21.29 -21.21
N ALA B 341 58.64 -21.57 -20.25
CA ALA B 341 59.01 -21.47 -18.84
C ALA B 341 59.76 -22.71 -18.38
N ASP B 342 60.92 -22.49 -17.77
CA ASP B 342 61.77 -23.55 -17.26
C ASP B 342 62.21 -23.21 -15.84
N PRO B 343 62.24 -24.20 -14.93
CA PRO B 343 62.63 -23.90 -13.54
C PRO B 343 64.11 -23.68 -13.33
N ALA B 344 64.96 -23.92 -14.33
CA ALA B 344 66.39 -23.73 -14.14
C ALA B 344 66.73 -22.25 -13.99
N ARG B 345 66.19 -21.40 -14.86
CA ARG B 345 66.49 -19.98 -14.86
C ARG B 345 65.54 -19.26 -13.90
N VAL B 346 65.74 -19.53 -12.61
CA VAL B 346 64.96 -18.95 -11.53
C VAL B 346 65.89 -18.19 -10.61
N SER B 347 65.53 -16.95 -10.30
CA SER B 347 66.33 -16.08 -9.44
C SER B 347 65.66 -15.93 -8.09
N SER B 348 66.48 -15.90 -7.03
CA SER B 348 66.00 -15.80 -5.66
C SER B 348 64.94 -16.88 -5.38
N ARG B 349 65.30 -18.12 -5.68
CA ARG B 349 64.38 -19.24 -5.48
C ARG B 349 63.94 -19.34 -4.02
N GLN B 350 64.84 -19.05 -3.08
CA GLN B 350 64.49 -19.16 -1.67
C GLN B 350 63.33 -18.24 -1.30
N ARG B 351 63.38 -16.98 -1.72
CA ARG B 351 62.31 -16.06 -1.36
C ARG B 351 60.99 -16.51 -1.97
N LEU B 352 61.00 -16.92 -3.24
CA LEU B 352 59.77 -17.37 -3.87
C LEU B 352 59.20 -18.58 -3.16
N GLU B 353 60.06 -19.54 -2.79
CA GLU B 353 59.57 -20.72 -2.09
C GLU B 353 58.98 -20.37 -0.75
N LEU B 354 59.65 -19.48 0.00
CA LEU B 354 59.13 -19.08 1.30
C LEU B 354 57.78 -18.37 1.16
N VAL B 355 57.67 -17.45 0.21
CA VAL B 355 56.43 -16.72 0.04
C VAL B 355 55.31 -17.67 -0.36
N ALA B 356 55.61 -18.62 -1.25
CA ALA B 356 54.60 -19.59 -1.65
C ALA B 356 54.16 -20.45 -0.47
N LEU B 357 55.10 -20.85 0.38
CA LEU B 357 54.74 -21.65 1.54
C LEU B 357 53.85 -20.87 2.50
N VAL B 358 54.18 -19.59 2.73
CA VAL B 358 53.35 -18.76 3.59
C VAL B 358 51.96 -18.58 3.00
N TYR B 359 51.89 -18.34 1.69
CA TYR B 359 50.61 -18.18 1.02
C TYR B 359 49.77 -19.46 1.14
N SER B 360 50.40 -20.63 0.94
CA SER B 360 49.69 -21.88 1.06
C SER B 360 49.18 -22.09 2.48
N SER B 361 49.99 -21.77 3.47
CA SER B 361 49.54 -21.90 4.85
C SER B 361 48.36 -20.99 5.12
N CYS B 362 48.41 -19.77 4.59
CA CYS B 362 47.31 -18.83 4.78
C CYS B 362 46.04 -19.36 4.14
N ILE B 363 46.15 -19.90 2.92
CA ILE B 363 44.97 -20.39 2.22
C ILE B 363 44.37 -21.59 2.93
N ALA B 364 45.23 -22.50 3.42
CA ALA B 364 44.74 -23.73 4.03
C ALA B 364 44.08 -23.47 5.37
N GLU B 365 44.32 -22.32 5.99
CA GLU B 365 43.71 -21.97 7.27
C GLU B 365 42.50 -21.07 7.12
N ASN B 366 42.03 -20.84 5.90
CA ASN B 366 40.82 -20.06 5.64
C ASN B 366 40.96 -18.62 6.09
N LEU B 367 42.19 -18.12 6.20
CA LEU B 367 42.38 -16.70 6.53
C LEU B 367 41.86 -15.81 5.40
N VAL B 368 42.05 -16.22 4.16
CA VAL B 368 41.56 -15.47 3.00
C VAL B 368 40.04 -15.59 2.92
N PRO B 369 39.34 -14.59 2.38
CA PRO B 369 37.87 -14.66 2.34
C PRO B 369 37.36 -15.76 1.43
N ASN B 370 37.80 -15.76 0.18
CA ASN B 370 37.31 -16.68 -0.84
C ASN B 370 38.45 -17.60 -1.25
N LEU B 371 38.28 -18.90 -0.99
CA LEU B 371 39.31 -19.85 -1.38
C LEU B 371 39.51 -19.87 -2.89
N PHE B 372 38.41 -19.87 -3.64
CA PHE B 372 38.50 -19.98 -5.08
C PHE B 372 38.99 -18.70 -5.73
N LEU B 373 38.80 -17.54 -5.08
CA LEU B 373 39.43 -16.33 -5.59
C LEU B 373 40.95 -16.47 -5.55
N GLU B 374 41.48 -16.97 -4.44
CA GLU B 374 42.91 -17.18 -4.32
C GLU B 374 43.39 -18.24 -5.30
N LEU B 375 42.61 -19.32 -5.47
CA LEU B 375 42.99 -20.34 -6.43
C LEU B 375 42.98 -19.79 -7.86
N PHE B 376 42.03 -18.93 -8.17
CA PHE B 376 41.97 -18.28 -9.48
C PHE B 376 43.21 -17.41 -9.69
N PHE B 377 43.61 -16.68 -8.66
CA PHE B 377 44.82 -15.87 -8.75
C PHE B 377 46.05 -16.75 -8.97
N VAL B 378 46.10 -17.89 -8.27
CA VAL B 378 47.22 -18.81 -8.44
C VAL B 378 47.26 -19.34 -9.86
N PHE B 379 46.10 -19.69 -10.42
CA PHE B 379 46.04 -20.15 -11.79
C PHE B 379 46.48 -19.05 -12.75
N GLN B 380 46.08 -17.81 -12.48
CA GLN B 380 46.50 -16.69 -13.31
C GLN B 380 48.03 -16.54 -13.31
N LEU B 381 48.64 -16.65 -12.13
CA LEU B 381 50.10 -16.62 -12.07
C LEU B 381 50.69 -17.79 -12.84
N LEU B 382 50.12 -18.98 -12.68
CA LEU B 382 50.60 -20.16 -13.39
C LEU B 382 50.41 -20.03 -14.89
N THR B 383 49.47 -19.18 -15.31
CA THR B 383 49.08 -19.01 -16.70
C THR B 383 49.40 -17.61 -17.20
N ALA B 384 50.58 -17.09 -16.87
CA ALA B 384 51.01 -15.77 -17.33
C ALA B 384 51.73 -15.89 -18.67
N ARG B 385 51.38 -15.00 -19.61
CA ARG B 385 51.94 -15.06 -20.96
C ARG B 385 53.28 -14.34 -21.04
N ARG B 386 53.30 -13.04 -20.75
CA ARG B 386 54.51 -12.23 -20.87
C ARG B 386 54.35 -11.00 -19.99
N MET B 387 55.48 -10.43 -19.59
CA MET B 387 55.45 -9.20 -18.81
C MET B 387 55.03 -8.03 -19.69
N VAL B 388 54.38 -7.04 -19.09
CA VAL B 388 53.95 -5.84 -19.77
C VAL B 388 54.74 -4.66 -19.21
N THR B 389 55.36 -3.89 -20.08
CA THR B 389 56.16 -2.74 -19.68
C THR B 389 55.32 -1.72 -18.91
N LEU B 405 63.74 -6.37 -0.56
CA LEU B 405 62.36 -5.93 -0.65
C LEU B 405 62.14 -5.04 -1.87
N GLU B 406 63.14 -4.20 -2.17
CA GLU B 406 63.03 -3.32 -3.32
C GLU B 406 62.91 -4.12 -4.61
N SER B 407 63.71 -5.18 -4.74
CA SER B 407 63.66 -6.00 -5.94
C SER B 407 62.30 -6.69 -6.04
N PRO B 408 61.59 -6.59 -7.16
CA PRO B 408 60.30 -7.28 -7.28
C PRO B 408 60.47 -8.79 -7.13
N LEU B 409 59.43 -9.43 -6.59
CA LEU B 409 59.45 -10.86 -6.36
C LEU B 409 59.19 -11.65 -7.64
N PHE B 410 58.76 -11.00 -8.72
CA PHE B 410 58.46 -11.67 -9.98
C PHE B 410 59.28 -10.98 -11.07
N GLN B 411 60.48 -11.49 -11.32
CA GLN B 411 61.34 -10.92 -12.34
C GLN B 411 60.99 -11.44 -13.73
N SER B 412 60.40 -12.63 -13.81
CA SER B 412 60.08 -13.25 -15.08
C SER B 412 58.98 -14.28 -14.85
N ILE B 413 58.43 -14.78 -15.97
CA ILE B 413 57.38 -15.78 -15.89
C ILE B 413 57.84 -17.01 -15.15
N HIS B 414 59.15 -17.26 -15.16
CA HIS B 414 59.67 -18.40 -14.44
C HIS B 414 59.37 -18.29 -12.95
N ASP B 415 59.59 -17.10 -12.39
CA ASP B 415 59.34 -16.90 -10.96
C ASP B 415 57.87 -17.08 -10.62
N CYS B 416 56.98 -16.46 -11.40
CA CYS B 416 55.55 -16.56 -11.10
C CYS B 416 55.04 -17.97 -11.29
N VAL B 417 55.49 -18.65 -12.35
CA VAL B 417 55.05 -20.02 -12.58
C VAL B 417 55.54 -20.93 -11.47
N PHE B 418 56.79 -20.75 -11.05
CA PHE B 418 57.31 -21.55 -9.94
C PHE B 418 56.52 -21.30 -8.66
N PHE B 419 56.21 -20.04 -8.38
CA PHE B 419 55.40 -19.73 -7.20
C PHE B 419 54.04 -20.39 -7.27
N ALA B 420 53.39 -20.28 -8.43
CA ALA B 420 52.06 -20.85 -8.60
C ALA B 420 52.08 -22.36 -8.43
N VAL B 421 53.06 -23.03 -9.03
CA VAL B 421 53.13 -24.48 -8.92
C VAL B 421 53.45 -24.89 -7.48
N GLN B 422 54.32 -24.14 -6.80
CA GLN B 422 54.62 -24.47 -5.42
C GLN B 422 53.39 -24.34 -4.53
N VAL B 423 52.60 -23.28 -4.72
CA VAL B 423 51.37 -23.14 -3.95
C VAL B 423 50.37 -24.24 -4.30
N LEU B 424 50.20 -24.51 -5.59
CA LEU B 424 49.19 -25.48 -6.00
C LEU B 424 49.54 -26.88 -5.52
N GLU B 425 50.83 -27.19 -5.39
CA GLU B 425 51.25 -28.51 -4.95
C GLU B 425 50.54 -28.89 -3.65
N CYS B 426 50.48 -27.96 -2.71
CA CYS B 426 49.87 -28.27 -1.41
C CYS B 426 48.38 -28.58 -1.55
N HIS B 427 47.69 -27.86 -2.42
CA HIS B 427 46.25 -28.00 -2.57
C HIS B 427 45.99 -29.02 -3.68
N PHE B 428 45.75 -30.28 -3.28
CA PHE B 428 45.44 -31.36 -4.20
C PHE B 428 44.00 -31.87 -4.06
N GLN B 429 43.47 -31.92 -2.84
CA GLN B 429 42.10 -32.42 -2.67
C GLN B 429 41.11 -31.54 -3.40
N VAL B 430 41.25 -30.22 -3.28
CA VAL B 430 40.33 -29.31 -3.97
C VAL B 430 40.39 -29.55 -5.48
N LEU B 431 41.60 -29.60 -6.04
CA LEU B 431 41.73 -29.87 -7.47
C LEU B 431 41.20 -31.26 -7.83
N SER B 432 41.47 -32.26 -6.99
CA SER B 432 41.05 -33.62 -7.31
C SER B 432 39.54 -33.71 -7.42
N ASN B 433 38.80 -32.88 -6.70
CA ASN B 433 37.35 -32.93 -6.69
C ASN B 433 36.69 -31.97 -7.66
N LEU B 434 37.46 -31.37 -8.58
CA LEU B 434 36.89 -30.45 -9.55
C LEU B 434 36.29 -31.26 -10.71
N ASP B 435 35.85 -30.58 -11.76
CA ASP B 435 35.23 -31.27 -12.87
C ASP B 435 36.22 -32.20 -13.54
N LYS B 436 35.69 -33.15 -14.32
CA LYS B 436 36.53 -34.02 -15.11
C LYS B 436 37.26 -33.24 -16.21
N GLY B 437 36.55 -32.31 -16.86
CA GLY B 437 37.15 -31.57 -17.95
C GLY B 437 38.28 -30.67 -17.47
N THR B 438 38.06 -29.94 -16.39
CA THR B 438 39.12 -29.08 -15.85
C THR B 438 40.30 -29.93 -15.43
N LEU B 439 40.04 -31.12 -14.87
CA LEU B 439 41.13 -32.03 -14.54
C LEU B 439 41.93 -32.38 -15.78
N LYS B 440 41.24 -32.66 -16.89
CA LYS B 440 41.97 -32.97 -18.13
C LYS B 440 42.82 -31.80 -18.60
N LEU B 441 42.26 -30.58 -18.59
CA LEU B 441 43.07 -29.44 -19.02
C LEU B 441 44.29 -29.26 -18.10
N LEU B 442 44.11 -29.46 -16.80
CA LEU B 442 45.26 -29.41 -15.90
C LEU B 442 46.26 -30.50 -16.25
N ALA B 443 45.74 -31.68 -16.61
CA ALA B 443 46.57 -32.82 -16.93
C ALA B 443 47.47 -32.56 -18.13
N GLU B 444 46.94 -31.96 -19.18
CA GLU B 444 47.73 -31.74 -20.38
C GLU B 444 48.61 -30.50 -20.30
N ASN B 445 48.53 -29.72 -19.24
CA ASN B 445 49.33 -28.50 -19.15
C ASN B 445 50.82 -28.85 -19.15
N GLU B 446 51.58 -28.08 -19.94
CA GLU B 446 53.01 -28.31 -20.07
C GLU B 446 53.79 -27.81 -18.86
N ARG B 447 53.39 -26.64 -18.33
CA ARG B 447 54.14 -26.03 -17.24
C ARG B 447 54.11 -26.89 -15.99
N LEU B 448 52.96 -27.50 -15.72
CA LEU B 448 52.85 -28.39 -14.57
C LEU B 448 53.82 -29.57 -14.71
N LEU B 449 53.89 -30.16 -15.91
CA LEU B 449 54.84 -31.25 -16.13
C LEU B 449 56.26 -30.77 -15.93
N CYS B 450 56.58 -29.59 -16.44
CA CYS B 450 57.94 -29.07 -16.34
C CYS B 450 58.34 -28.86 -14.89
N PHE B 451 57.43 -28.37 -14.05
CA PHE B 451 57.79 -28.00 -12.69
C PHE B 451 57.49 -29.05 -11.63
N SER B 452 56.52 -29.95 -11.83
CA SER B 452 56.16 -30.94 -10.81
C SER B 452 55.58 -32.18 -11.46
N PRO B 453 56.41 -33.11 -11.90
CA PRO B 453 55.88 -34.36 -12.49
C PRO B 453 55.02 -35.17 -11.54
N ALA B 454 55.33 -35.19 -10.24
CA ALA B 454 54.55 -35.99 -9.30
C ALA B 454 53.11 -35.49 -9.24
N LEU B 455 52.95 -34.17 -9.19
CA LEU B 455 51.61 -33.59 -9.15
C LEU B 455 50.84 -33.99 -10.40
N GLN B 456 51.53 -33.97 -11.55
CA GLN B 456 50.87 -34.37 -12.78
C GLN B 456 50.47 -35.85 -12.74
N GLY B 457 51.32 -36.72 -12.19
CA GLY B 457 50.95 -38.12 -12.12
C GLY B 457 49.73 -38.33 -11.24
N ARG B 458 49.57 -37.44 -10.26
CA ARG B 458 48.42 -37.54 -9.37
C ARG B 458 47.18 -37.04 -10.11
N LEU B 459 47.27 -35.88 -10.76
CA LEU B 459 46.06 -35.34 -11.38
C LEU B 459 45.72 -36.15 -12.64
N ARG B 460 46.68 -36.92 -13.16
CA ARG B 460 46.40 -37.83 -14.26
C ARG B 460 45.55 -38.98 -13.73
N ALA B 461 46.04 -39.62 -12.66
CA ALA B 461 45.24 -40.65 -12.00
C ALA B 461 43.84 -40.11 -11.74
N ALA B 462 43.76 -38.82 -11.39
CA ALA B 462 42.49 -38.17 -11.14
C ALA B 462 41.64 -38.30 -12.40
N TYR B 463 41.98 -37.56 -13.47
CA TYR B 463 41.17 -37.58 -14.69
C TYR B 463 40.78 -39.02 -15.00
N GLU B 464 41.71 -39.95 -14.78
CA GLU B 464 41.50 -41.35 -15.12
C GLU B 464 40.28 -41.89 -14.39
N GLY B 465 40.37 -41.96 -13.06
CA GLY B 465 39.23 -42.40 -12.28
C GLY B 465 37.98 -41.59 -12.58
N SER B 466 38.12 -40.28 -12.74
CA SER B 466 36.96 -39.43 -12.92
C SER B 466 36.20 -39.81 -14.18
N VAL B 467 36.92 -40.29 -15.20
CA VAL B 467 36.26 -40.74 -16.43
C VAL B 467 35.79 -42.18 -16.27
N ALA B 468 36.43 -42.97 -15.39
CA ALA B 468 35.97 -44.33 -15.17
C ALA B 468 34.56 -44.36 -14.58
N VAL B 469 34.09 -43.27 -13.98
CA VAL B 469 32.74 -43.20 -13.46
C VAL B 469 31.78 -42.83 -14.59
N ASN B 489 -10.50 -24.04 -7.46
CA ASN B 489 -11.83 -24.47 -7.10
C ASN B 489 -12.75 -23.27 -6.85
N ARG B 490 -14.04 -23.55 -6.74
CA ARG B 490 -15.02 -22.50 -6.48
C ARG B 490 -15.06 -22.07 -5.01
N ALA B 491 -14.53 -22.88 -4.11
CA ALA B 491 -14.54 -22.54 -2.68
C ALA B 491 -13.51 -21.48 -2.35
N ASN B 492 -12.32 -21.56 -2.95
CA ASN B 492 -11.25 -20.63 -2.64
C ASN B 492 -11.63 -19.19 -2.96
N PHE B 493 -12.30 -18.97 -4.08
CA PHE B 493 -12.61 -17.62 -4.54
C PHE B 493 -13.94 -17.13 -3.99
N SER B 494 -13.89 -16.10 -3.14
CA SER B 494 -15.09 -15.49 -2.60
C SER B 494 -15.95 -14.94 -3.72
N SER B 495 -17.25 -15.21 -3.66
CA SER B 495 -18.19 -14.76 -4.68
C SER B 495 -17.90 -15.48 -5.99
N ASP B 496 -18.55 -15.06 -7.07
CA ASP B 496 -18.33 -15.66 -8.38
C ASP B 496 -17.74 -14.70 -9.40
N ARG B 497 -17.99 -13.39 -9.28
CA ARG B 497 -17.33 -12.44 -10.16
C ARG B 497 -15.83 -12.47 -9.94
N ALA B 498 -15.38 -12.57 -8.68
CA ALA B 498 -13.95 -12.65 -8.39
C ALA B 498 -13.33 -13.89 -9.03
N PHE B 499 -14.03 -15.02 -9.01
CA PHE B 499 -13.49 -16.24 -9.61
C PHE B 499 -13.29 -16.04 -11.11
N HIS B 500 -14.27 -15.44 -11.77
CA HIS B 500 -14.18 -15.20 -13.21
C HIS B 500 -13.03 -14.23 -13.51
N THR B 501 -12.91 -13.16 -12.72
CA THR B 501 -11.84 -12.21 -12.94
C THR B 501 -10.47 -12.82 -12.71
N PHE B 502 -10.37 -13.76 -11.77
CA PHE B 502 -9.10 -14.45 -11.58
C PHE B 502 -8.80 -15.33 -12.77
N LYS B 503 -9.82 -15.98 -13.34
CA LYS B 503 -9.58 -16.76 -14.55
C LYS B 503 -9.05 -15.89 -15.68
N LYS B 504 -9.65 -14.72 -15.90
CA LYS B 504 -9.10 -13.85 -16.96
C LYS B 504 -7.68 -13.42 -16.64
N GLN B 505 -7.39 -13.06 -15.39
CA GLN B 505 -6.06 -12.56 -15.09
C GLN B 505 -5.02 -13.68 -15.20
N ARG B 506 -5.39 -14.90 -14.83
CA ARG B 506 -4.49 -16.03 -15.04
C ARG B 506 -4.23 -16.26 -16.52
N ASP B 507 -5.28 -16.17 -17.34
CA ASP B 507 -5.10 -16.29 -18.78
C ASP B 507 -4.17 -15.22 -19.33
N VAL B 508 -4.33 -13.98 -18.87
CA VAL B 508 -3.47 -12.90 -19.33
C VAL B 508 -2.03 -13.14 -18.89
N PHE B 509 -1.85 -13.61 -17.66
CA PHE B 509 -0.51 -13.88 -17.15
C PHE B 509 0.18 -14.96 -17.97
N TYR B 510 -0.52 -16.05 -18.26
CA TYR B 510 0.07 -17.09 -19.09
C TYR B 510 0.33 -16.59 -20.50
N GLU B 511 -0.53 -15.70 -21.02
CA GLU B 511 -0.30 -15.13 -22.33
C GLU B 511 0.98 -14.30 -22.36
N VAL B 512 1.19 -13.45 -21.35
CA VAL B 512 2.39 -12.62 -21.35
C VAL B 512 3.63 -13.48 -21.17
N LEU B 513 3.53 -14.53 -20.34
CA LEU B 513 4.66 -15.43 -20.19
C LEU B 513 4.97 -16.16 -21.47
N ARG B 514 3.95 -16.60 -22.20
CA ARG B 514 4.18 -17.27 -23.48
C ARG B 514 4.83 -16.29 -24.46
N GLU B 515 4.39 -15.04 -24.45
CA GLU B 515 5.04 -14.04 -25.29
C GLU B 515 6.51 -13.88 -24.93
N TRP B 516 6.82 -13.86 -23.64
CA TRP B 516 8.21 -13.78 -23.21
C TRP B 516 8.98 -15.00 -23.71
N GLU B 517 8.45 -16.20 -23.45
CA GLU B 517 9.15 -17.41 -23.87
C GLU B 517 9.44 -17.37 -25.36
N ASP B 518 8.43 -16.97 -26.15
CA ASP B 518 8.65 -16.85 -27.58
C ASP B 518 9.66 -15.75 -27.87
N HIS B 519 9.57 -14.63 -27.14
CA HIS B 519 10.42 -13.47 -27.39
C HIS B 519 11.05 -13.00 -26.08
N HIS B 520 12.16 -13.61 -25.71
CA HIS B 520 13.03 -13.10 -24.64
C HIS B 520 14.48 -13.29 -25.03
N GLU B 521 14.76 -13.66 -26.28
CA GLU B 521 16.10 -13.84 -26.77
C GLU B 521 16.38 -13.10 -28.08
N GLU B 522 15.35 -12.68 -28.81
CA GLU B 522 15.55 -11.90 -30.01
C GLU B 522 16.19 -10.57 -29.68
N PRO B 523 17.12 -10.08 -30.50
CA PRO B 523 17.75 -8.79 -30.18
C PRO B 523 16.72 -7.67 -30.13
N GLY B 524 16.95 -6.74 -29.20
CA GLY B 524 16.13 -5.55 -29.09
C GLY B 524 14.92 -5.68 -28.18
N TRP B 525 14.52 -6.90 -27.80
CA TRP B 525 13.33 -7.10 -27.00
C TRP B 525 13.55 -6.56 -25.59
N ASP B 526 12.92 -5.43 -25.28
CA ASP B 526 12.99 -4.84 -23.95
C ASP B 526 11.76 -5.24 -23.15
N PHE B 527 11.99 -5.75 -21.93
CA PHE B 527 10.90 -6.25 -21.12
C PHE B 527 9.91 -5.14 -20.77
N GLU B 528 10.41 -3.97 -20.39
CA GLU B 528 9.53 -2.88 -19.97
C GLU B 528 8.54 -2.54 -21.09
N LYS B 529 9.04 -2.04 -22.20
CA LYS B 529 8.16 -1.63 -23.28
C LYS B 529 7.22 -2.77 -23.68
N GLY B 530 7.73 -4.01 -23.66
CA GLY B 530 6.93 -5.13 -24.10
C GLY B 530 5.75 -5.44 -23.20
N LEU B 531 5.96 -5.44 -21.86
CA LEU B 531 5.00 -6.05 -20.96
C LEU B 531 4.60 -5.19 -19.75
N GLY B 532 5.15 -3.99 -19.59
CA GLY B 532 4.86 -3.22 -18.39
C GLY B 532 3.41 -2.79 -18.30
N SER B 533 2.84 -2.32 -19.41
CA SER B 533 1.44 -1.90 -19.38
C SER B 533 0.53 -3.05 -19.00
N ARG B 534 0.73 -4.22 -19.62
CA ARG B 534 -0.10 -5.38 -19.32
C ARG B 534 0.08 -5.84 -17.88
N ILE B 535 1.32 -5.88 -17.40
CA ILE B 535 1.54 -6.33 -16.03
C ILE B 535 0.92 -5.37 -15.03
N ARG B 536 1.05 -4.07 -15.28
CA ARG B 536 0.48 -3.07 -14.37
C ARG B 536 -1.05 -3.10 -14.40
N ALA B 537 -1.64 -3.26 -15.58
CA ALA B 537 -3.09 -3.41 -15.64
C ALA B 537 -3.56 -4.65 -14.90
N MET B 538 -2.81 -5.75 -15.04
CA MET B 538 -3.15 -6.96 -14.28
C MET B 538 -3.05 -6.70 -12.79
N MET B 539 -2.01 -6.01 -12.35
CA MET B 539 -1.86 -5.72 -10.92
C MET B 539 -3.04 -4.92 -10.42
N GLY B 540 -3.44 -3.90 -11.18
CA GLY B 540 -4.58 -3.09 -10.77
C GLY B 540 -5.87 -3.90 -10.71
N GLN B 541 -6.12 -4.69 -11.75
CA GLN B 541 -7.36 -5.46 -11.82
C GLN B 541 -7.39 -6.52 -10.71
N LEU B 542 -6.24 -7.07 -10.33
CA LEU B 542 -6.19 -8.07 -9.27
C LEU B 542 -6.34 -7.44 -7.89
N SER B 543 -5.75 -6.26 -7.70
CA SER B 543 -5.95 -5.55 -6.44
C SER B 543 -7.40 -5.13 -6.30
N ALA B 544 -8.05 -4.80 -7.41
CA ALA B 544 -9.45 -4.44 -7.38
C ALA B 544 -10.25 -5.50 -6.63
N ALA B 545 -10.28 -6.71 -7.17
CA ALA B 545 -10.98 -7.80 -6.49
C ALA B 545 -10.06 -8.64 -5.62
N CYS B 546 -9.22 -7.98 -4.82
CA CYS B 546 -8.55 -8.60 -3.68
C CYS B 546 -8.20 -10.08 -3.90
N SER B 547 -7.59 -10.41 -5.03
CA SER B 547 -7.26 -11.79 -5.36
C SER B 547 -5.76 -12.02 -5.46
N HIS B 548 -4.97 -11.19 -4.76
CA HIS B 548 -3.52 -11.29 -4.88
C HIS B 548 -2.99 -12.61 -4.30
N SER B 549 -3.66 -13.18 -3.31
CA SER B 549 -3.15 -14.39 -2.68
C SER B 549 -3.12 -15.55 -3.68
N HIS B 550 -4.21 -15.73 -4.42
CA HIS B 550 -4.29 -16.83 -5.38
C HIS B 550 -3.30 -16.63 -6.52
N PHE B 551 -3.17 -15.40 -7.01
CA PHE B 551 -2.22 -15.14 -8.09
C PHE B 551 -0.79 -15.35 -7.62
N VAL B 552 -0.47 -14.98 -6.38
CA VAL B 552 0.88 -15.19 -5.89
C VAL B 552 1.15 -16.68 -5.69
N ARG B 553 0.16 -17.44 -5.24
CA ARG B 553 0.35 -18.89 -5.18
C ARG B 553 0.67 -19.45 -6.56
N LEU B 554 -0.11 -19.05 -7.58
CA LEU B 554 0.18 -19.52 -8.93
C LEU B 554 1.58 -19.09 -9.37
N PHE B 555 1.94 -17.84 -9.08
CA PHE B 555 3.24 -17.30 -9.46
C PHE B 555 4.37 -18.14 -8.86
N GLN B 556 4.29 -18.41 -7.56
CA GLN B 556 5.33 -19.20 -6.90
C GLN B 556 5.36 -20.63 -7.43
N LYS B 557 4.18 -21.22 -7.67
CA LYS B 557 4.15 -22.57 -8.20
C LYS B 557 4.84 -22.66 -9.55
N GLN B 558 4.51 -21.73 -10.45
CA GLN B 558 5.16 -21.72 -11.75
C GLN B 558 6.66 -21.44 -11.61
N LEU B 559 7.03 -20.52 -10.71
CA LEU B 559 8.45 -20.23 -10.51
C LEU B 559 9.20 -21.51 -10.18
N LEU B 560 8.70 -22.26 -9.20
CA LEU B 560 9.36 -23.50 -8.83
C LEU B 560 9.34 -24.50 -9.99
N GLN B 561 8.22 -24.57 -10.71
CA GLN B 561 8.09 -25.56 -11.78
C GLN B 561 9.06 -25.28 -12.91
N MET B 562 9.30 -24.01 -13.23
CA MET B 562 10.06 -23.62 -14.41
C MET B 562 11.54 -23.43 -14.09
N CYS B 563 11.85 -22.56 -13.14
CA CYS B 563 13.24 -22.23 -12.87
C CYS B 563 14.02 -23.45 -12.39
N GLN B 564 13.41 -24.25 -11.51
CA GLN B 564 14.13 -25.38 -10.93
C GLN B 564 14.50 -26.42 -11.98
N SER B 565 13.73 -26.49 -13.06
CA SER B 565 14.00 -27.48 -14.11
C SER B 565 15.44 -27.39 -14.60
N GLY B 585 19.72 -37.33 -34.21
CA GLY B 585 20.48 -38.36 -33.53
C GLY B 585 20.68 -38.06 -32.06
N ALA B 586 20.73 -39.11 -31.24
CA ALA B 586 20.92 -38.93 -29.81
C ALA B 586 22.25 -38.25 -29.51
N ASP B 587 23.32 -38.64 -30.22
CA ASP B 587 24.60 -37.95 -30.08
C ASP B 587 24.46 -36.49 -30.52
N LYS B 588 23.71 -36.25 -31.60
CA LYS B 588 23.47 -34.88 -32.03
C LYS B 588 22.72 -34.10 -30.96
N LEU B 589 21.73 -34.73 -30.32
CA LEU B 589 20.99 -34.06 -29.26
C LEU B 589 21.88 -33.75 -28.06
N GLY B 590 22.75 -34.68 -27.66
CA GLY B 590 23.64 -34.40 -26.55
C GLY B 590 24.63 -33.29 -26.84
N ARG B 591 25.23 -33.30 -28.03
CA ARG B 591 26.13 -32.20 -28.38
C ARG B 591 25.37 -30.89 -28.45
N LEU B 592 24.14 -30.92 -28.99
CA LEU B 592 23.33 -29.71 -29.03
C LEU B 592 23.03 -29.21 -27.64
N TRP B 593 22.81 -30.12 -26.69
CA TRP B 593 22.62 -29.72 -25.30
C TRP B 593 23.86 -29.02 -24.77
N ARG B 594 25.04 -29.55 -25.08
CA ARG B 594 26.27 -28.89 -24.63
C ARG B 594 26.39 -27.50 -25.24
N LEU B 595 26.10 -27.37 -26.54
CA LEU B 595 26.13 -26.05 -27.17
C LEU B 595 25.12 -25.11 -26.50
N GLN B 596 23.91 -25.60 -26.23
CA GLN B 596 22.89 -24.78 -25.60
C GLN B 596 23.34 -24.32 -24.22
N GLU B 597 24.07 -25.18 -23.51
CA GLU B 597 24.68 -24.76 -22.25
C GLU B 597 25.70 -23.66 -22.51
N ARG B 598 26.43 -23.77 -23.62
CA ARG B 598 27.38 -22.73 -23.99
C ARG B 598 26.67 -21.40 -24.21
N LEU B 599 25.49 -21.42 -24.80
CA LEU B 599 24.78 -20.16 -25.05
C LEU B 599 24.48 -19.43 -23.74
N MET B 600 24.07 -20.17 -22.71
CA MET B 600 23.69 -19.58 -21.44
C MET B 600 24.84 -19.62 -20.43
N ALA B 601 26.07 -19.71 -20.92
CA ALA B 601 27.25 -19.74 -20.06
C ALA B 601 27.35 -18.44 -19.25
N PRO B 602 28.02 -18.48 -18.09
CA PRO B 602 28.07 -17.30 -17.23
C PRO B 602 28.65 -16.06 -17.92
N GLN B 603 28.70 -14.95 -17.17
CA GLN B 603 29.09 -13.66 -17.73
C GLN B 603 30.38 -13.70 -18.54
N SER B 604 31.26 -14.68 -18.30
CA SER B 604 32.48 -14.84 -19.09
C SER B 604 33.51 -13.72 -18.90
N SER B 605 33.09 -12.56 -18.40
CA SER B 605 34.03 -11.45 -18.26
C SER B 605 35.18 -11.82 -17.34
N GLY B 606 34.86 -12.50 -16.24
CA GLY B 606 35.87 -12.89 -15.27
C GLY B 606 35.40 -12.71 -13.86
N GLY B 607 36.23 -13.14 -12.91
CA GLY B 607 35.89 -13.02 -11.52
C GLY B 607 35.28 -14.30 -10.97
N PRO B 608 35.98 -14.95 -10.03
CA PRO B 608 35.41 -16.15 -9.41
C PRO B 608 34.39 -15.83 -8.34
N CYS B 609 34.11 -14.56 -8.12
CA CYS B 609 33.10 -14.08 -7.17
C CYS B 609 32.24 -13.05 -7.89
N PRO B 610 31.47 -13.49 -8.88
CA PRO B 610 30.61 -12.55 -9.61
C PRO B 610 29.46 -12.06 -8.75
N PRO B 611 28.90 -10.90 -9.06
CA PRO B 611 27.78 -10.38 -8.27
C PRO B 611 26.52 -11.20 -8.51
N PRO B 612 25.54 -11.11 -7.62
CA PRO B 612 24.32 -11.90 -7.80
C PRO B 612 23.60 -11.55 -9.10
N THR B 613 23.01 -12.56 -9.71
CA THR B 613 22.35 -12.41 -11.01
C THR B 613 21.26 -13.46 -11.13
N PHE B 614 20.37 -13.25 -12.10
CA PHE B 614 19.25 -14.15 -12.35
C PHE B 614 19.43 -14.82 -13.70
N PRO B 615 19.92 -16.06 -13.76
CA PRO B 615 20.19 -16.67 -15.06
C PRO B 615 18.98 -17.40 -15.63
N GLY B 616 18.64 -17.10 -16.88
CA GLY B 616 17.60 -17.84 -17.58
C GLY B 616 16.20 -17.45 -17.15
N CYS B 617 15.35 -18.45 -16.94
CA CYS B 617 13.95 -18.20 -16.65
C CYS B 617 13.80 -17.28 -15.45
N GLN B 618 14.63 -17.47 -14.43
CA GLN B 618 14.54 -16.63 -13.23
C GLN B 618 14.54 -15.16 -13.60
N GLY B 619 15.38 -14.76 -14.55
CA GLY B 619 15.41 -13.38 -15.00
C GLY B 619 14.03 -12.84 -15.23
N PHE B 620 13.22 -13.55 -16.03
CA PHE B 620 11.86 -13.11 -16.32
C PHE B 620 11.16 -12.64 -15.05
N PHE B 621 11.11 -13.53 -14.05
CA PHE B 621 10.33 -13.20 -12.86
C PHE B 621 10.85 -11.92 -12.20
N ARG B 622 12.18 -11.78 -12.11
CA ARG B 622 12.72 -10.53 -11.58
C ARG B 622 12.14 -9.36 -12.34
N ASP B 623 12.27 -9.39 -13.67
CA ASP B 623 11.72 -8.32 -14.48
C ASP B 623 10.25 -8.12 -14.15
N PHE B 624 9.51 -9.23 -14.05
CA PHE B 624 8.10 -9.14 -13.71
C PHE B 624 7.90 -8.32 -12.44
N ILE B 625 8.59 -8.69 -11.37
CA ILE B 625 8.40 -7.96 -10.12
C ILE B 625 8.72 -6.49 -10.33
N LEU B 626 9.79 -6.23 -11.08
CA LEU B 626 10.20 -4.83 -11.28
C LEU B 626 9.12 -4.09 -12.04
N SER B 627 8.50 -4.76 -13.00
CA SER B 627 7.48 -4.10 -13.80
C SER B 627 6.20 -3.98 -13.00
N ALA B 628 5.92 -4.95 -12.12
CA ALA B 628 4.71 -4.88 -11.30
C ALA B 628 4.70 -3.62 -10.46
N SER B 629 5.76 -3.38 -9.70
CA SER B 629 5.89 -2.18 -8.86
C SER B 629 4.63 -2.01 -8.01
N SER B 630 4.12 -3.14 -7.50
CA SER B 630 2.88 -3.15 -6.73
C SER B 630 3.18 -3.49 -5.28
N PHE B 631 2.72 -2.64 -4.37
CA PHE B 631 2.87 -2.93 -2.95
C PHE B 631 2.12 -4.19 -2.56
N GLN B 632 0.89 -4.35 -3.06
CA GLN B 632 0.06 -5.49 -2.68
C GLN B 632 0.70 -6.80 -3.11
N PHE B 633 1.06 -6.90 -4.40
CA PHE B 633 1.66 -8.12 -4.90
C PHE B 633 2.98 -8.41 -4.22
N ASN B 634 3.78 -7.37 -3.98
CA ASN B 634 5.06 -7.56 -3.34
C ASN B 634 4.89 -8.11 -1.93
N GLN B 635 3.93 -7.57 -1.17
CA GLN B 635 3.69 -8.05 0.18
C GLN B 635 3.21 -9.50 0.17
N HIS B 636 2.27 -9.82 -0.72
CA HIS B 636 1.77 -11.20 -0.76
C HIS B 636 2.87 -12.17 -1.19
N LEU B 637 3.72 -11.76 -2.13
CA LEU B 637 4.83 -12.60 -2.54
C LEU B 637 5.81 -12.81 -1.41
N MET B 638 6.09 -11.76 -0.64
CA MET B 638 6.97 -11.89 0.52
C MET B 638 6.41 -12.88 1.52
N ASP B 639 5.11 -12.78 1.82
CA ASP B 639 4.51 -13.72 2.76
C ASP B 639 4.58 -15.15 2.24
N SER B 640 4.21 -15.37 0.98
CA SER B 640 4.22 -16.72 0.44
C SER B 640 5.64 -17.30 0.42
N LEU B 641 6.61 -16.51 0.00
CA LEU B 641 7.98 -17.00 -0.06
C LEU B 641 8.52 -17.33 1.32
N SER B 642 8.21 -16.49 2.32
CA SER B 642 8.64 -16.78 3.68
C SER B 642 8.03 -18.09 4.16
N LEU B 643 6.72 -18.27 3.94
CA LEU B 643 6.07 -19.50 4.36
C LEU B 643 6.70 -20.72 3.68
N LYS B 644 6.90 -20.63 2.37
CA LYS B 644 7.44 -21.78 1.64
C LYS B 644 8.86 -22.09 2.07
N ILE B 645 9.67 -21.06 2.31
CA ILE B 645 11.05 -21.29 2.74
C ILE B 645 11.07 -21.96 4.10
N GLN B 646 10.25 -21.48 5.04
CA GLN B 646 10.21 -22.13 6.35
C GLN B 646 9.73 -23.57 6.23
N GLU B 647 8.74 -23.82 5.36
CA GLU B 647 8.24 -25.18 5.21
C GLU B 647 9.31 -26.10 4.66
N LEU B 648 10.03 -25.64 3.63
CA LEU B 648 11.05 -26.47 3.00
C LEU B 648 12.21 -26.73 3.96
N ASN B 649 12.65 -25.70 4.68
CA ASN B 649 13.81 -25.86 5.56
C ASN B 649 13.57 -26.93 6.62
N GLY B 650 12.31 -27.18 6.97
CA GLY B 650 11.99 -28.18 7.98
C GLY B 650 11.81 -29.59 7.48
N LEU B 651 12.02 -29.85 6.20
CA LEU B 651 11.86 -31.20 5.68
C LEU B 651 12.81 -32.16 6.37
N ALA B 652 12.32 -33.38 6.64
CA ALA B 652 13.15 -34.38 7.31
C ALA B 652 14.31 -34.82 6.42
N LEU B 653 14.03 -35.11 5.15
CA LEU B 653 15.02 -35.57 4.19
C LEU B 653 15.86 -36.71 4.77
N PRO B 654 15.22 -37.83 5.17
CA PRO B 654 15.98 -38.95 5.72
C PRO B 654 17.06 -39.42 4.76
N GLN B 655 18.31 -39.26 5.18
CA GLN B 655 19.45 -39.67 4.36
C GLN B 655 19.82 -41.12 4.63
N HIS B 656 20.71 -41.65 3.79
CA HIS B 656 21.06 -43.06 3.86
C HIS B 656 21.78 -43.37 5.15
N GLU B 657 21.64 -44.61 5.61
CA GLU B 657 22.39 -45.12 6.75
C GLU B 657 23.57 -45.94 6.25
N PRO B 658 24.83 -45.52 6.47
CA PRO B 658 25.95 -46.22 5.85
C PRO B 658 26.18 -47.60 6.46
N ASN B 659 25.39 -48.57 6.01
CA ASN B 659 25.48 -49.95 6.49
C ASN B 659 25.76 -50.87 5.31
N ASP B 660 26.71 -51.78 5.49
CA ASP B 660 27.03 -52.79 4.47
C ASP B 660 27.52 -52.12 3.19
N GLU B 661 28.06 -52.91 2.26
CA GLU B 661 28.51 -52.43 0.97
C GLU B 661 27.65 -52.95 -0.18
N ASP B 662 26.42 -53.37 0.11
CA ASP B 662 25.56 -53.93 -0.92
C ASP B 662 25.25 -52.87 -1.98
N GLY B 663 25.30 -53.27 -3.24
CA GLY B 663 25.00 -52.37 -4.34
C GLY B 663 23.57 -52.48 -4.82
N GLU B 664 22.83 -53.49 -4.33
CA GLU B 664 21.44 -53.62 -4.74
C GLU B 664 20.61 -52.42 -4.31
N SER B 665 20.98 -51.77 -3.22
CA SER B 665 20.29 -50.57 -2.76
C SER B 665 20.74 -49.32 -3.50
N ASP B 666 21.43 -49.49 -4.63
CA ASP B 666 21.98 -48.36 -5.38
C ASP B 666 20.94 -47.25 -5.52
N VAL B 667 19.83 -47.54 -6.21
CA VAL B 667 18.83 -46.55 -6.53
C VAL B 667 18.49 -45.68 -5.33
N ASP B 668 18.31 -46.30 -4.16
CA ASP B 668 17.89 -45.58 -2.96
C ASP B 668 18.76 -44.36 -2.69
N TRP B 669 20.08 -44.55 -2.64
CA TRP B 669 21.01 -43.44 -2.47
C TRP B 669 20.62 -42.29 -3.37
N GLN B 670 20.69 -42.49 -4.69
CA GLN B 670 20.36 -41.42 -5.63
C GLN B 670 18.99 -40.82 -5.31
N GLY B 671 17.99 -41.66 -5.11
CA GLY B 671 16.67 -41.15 -4.76
C GLY B 671 16.76 -40.07 -3.70
N GLU B 672 17.22 -40.45 -2.52
CA GLU B 672 17.34 -39.51 -1.40
C GLU B 672 18.18 -38.30 -1.78
N ARG B 673 19.37 -38.54 -2.34
CA ARG B 673 20.27 -37.48 -2.76
C ARG B 673 19.57 -36.47 -3.64
N LYS B 674 18.95 -36.96 -4.73
CA LYS B 674 18.22 -36.12 -5.66
C LYS B 674 17.17 -35.31 -4.92
N GLN B 675 16.39 -35.99 -4.07
CA GLN B 675 15.40 -35.28 -3.26
C GLN B 675 16.04 -34.07 -2.61
N PHE B 676 17.09 -34.32 -1.82
CA PHE B 676 17.78 -33.24 -1.13
C PHE B 676 18.17 -32.12 -2.10
N ALA B 677 18.82 -32.50 -3.20
CA ALA B 677 19.26 -31.52 -4.18
C ALA B 677 18.10 -30.63 -4.60
N VAL B 678 17.00 -31.26 -5.02
CA VAL B 678 15.79 -30.54 -5.41
C VAL B 678 15.42 -29.54 -4.31
N VAL B 679 15.18 -30.06 -3.11
CA VAL B 679 14.80 -29.21 -1.98
C VAL B 679 15.72 -28.00 -1.88
N LEU B 680 17.02 -28.27 -1.76
CA LEU B 680 18.01 -27.20 -1.57
C LEU B 680 17.91 -26.17 -2.69
N LEU B 681 17.93 -26.63 -3.93
CA LEU B 681 17.85 -25.73 -5.08
C LEU B 681 16.61 -24.84 -4.97
N SER B 682 15.45 -25.45 -4.75
CA SER B 682 14.22 -24.70 -4.59
C SER B 682 14.40 -23.63 -3.52
N LEU B 683 14.91 -24.04 -2.36
CA LEU B 683 15.15 -23.11 -1.27
C LEU B 683 15.96 -21.93 -1.75
N ARG B 684 17.10 -22.21 -2.37
CA ARG B 684 17.96 -21.15 -2.90
C ARG B 684 17.14 -20.18 -3.74
N LEU B 685 16.48 -20.70 -4.77
CA LEU B 685 15.65 -19.88 -5.65
C LEU B 685 14.71 -18.97 -4.85
N LEU B 686 13.85 -19.59 -4.04
CA LEU B 686 12.87 -18.84 -3.26
C LEU B 686 13.55 -17.77 -2.43
N ALA B 687 14.56 -18.17 -1.65
CA ALA B 687 15.31 -17.24 -0.82
C ALA B 687 15.78 -16.07 -1.65
N LYS B 688 16.36 -16.37 -2.82
CA LYS B 688 16.88 -15.33 -3.69
C LYS B 688 15.81 -14.30 -3.95
N PHE B 689 14.64 -14.76 -4.39
CA PHE B 689 13.57 -13.81 -4.74
C PHE B 689 13.10 -13.05 -3.51
N LEU B 690 13.00 -13.73 -2.37
CA LEU B 690 12.65 -13.06 -1.12
C LEU B 690 13.64 -11.94 -0.82
N GLY B 691 14.93 -12.25 -0.81
CA GLY B 691 15.94 -11.24 -0.57
C GLY B 691 15.96 -10.16 -1.63
N PHE B 692 15.42 -10.45 -2.81
CA PHE B 692 15.36 -9.45 -3.87
C PHE B 692 14.25 -8.46 -3.60
N VAL B 693 13.12 -8.92 -3.06
CA VAL B 693 11.97 -8.04 -2.90
C VAL B 693 11.95 -7.39 -1.51
N ALA B 694 12.45 -8.08 -0.50
CA ALA B 694 12.45 -7.55 0.86
C ALA B 694 13.32 -6.29 0.96
N PHE B 695 14.50 -6.31 0.36
CA PHE B 695 15.43 -5.19 0.41
C PHE B 695 15.33 -4.31 -0.83
N LEU B 696 14.37 -4.58 -1.71
CA LEU B 696 14.20 -3.75 -2.91
C LEU B 696 14.03 -2.28 -2.58
N PRO B 697 13.18 -1.88 -1.63
CA PRO B 697 13.02 -0.44 -1.36
C PRO B 697 14.26 0.23 -0.84
N TYR B 698 15.20 -0.52 -0.25
CA TYR B 698 16.36 0.08 0.40
C TYR B 698 17.62 0.04 -0.45
N ARG B 699 17.76 -0.97 -1.32
CA ARG B 699 18.95 -1.06 -2.16
C ARG B 699 19.07 0.18 -3.02
N GLY B 700 20.30 0.67 -3.17
CA GLY B 700 20.57 1.80 -4.02
C GLY B 700 22.03 2.18 -4.01
N PRO B 701 22.48 2.93 -5.03
CA PRO B 701 23.87 3.37 -5.07
C PRO B 701 24.19 4.41 -4.00
N GLU B 702 23.98 4.05 -2.74
CA GLU B 702 24.26 4.94 -1.60
C GLU B 702 25.11 4.18 -0.59
N PRO B 703 26.43 4.15 -0.79
CA PRO B 703 27.32 3.51 0.18
C PRO B 703 27.11 4.11 1.57
N PRO B 704 27.71 3.52 2.60
CA PRO B 704 27.51 4.01 3.96
C PRO B 704 27.65 5.53 4.01
N PRO B 705 26.65 6.24 4.56
CA PRO B 705 26.65 7.71 4.48
C PRO B 705 27.99 8.31 4.86
N THR B 706 28.42 8.05 6.09
CA THR B 706 29.72 8.49 6.59
C THR B 706 29.91 7.89 7.98
N GLY B 707 31.08 8.17 8.58
CA GLY B 707 31.38 7.59 9.87
C GLY B 707 30.36 7.94 10.93
N GLU B 708 29.91 9.18 10.95
CA GLU B 708 28.93 9.67 11.92
C GLU B 708 27.67 10.11 11.18
N LEU B 709 26.75 10.71 11.94
CA LEU B 709 25.47 11.19 11.42
C LEU B 709 24.61 10.08 10.83
N GLN B 710 25.03 8.82 10.97
CA GLN B 710 24.27 7.68 10.48
C GLN B 710 23.47 6.98 11.57
N ASP B 711 23.68 7.35 12.83
CA ASP B 711 22.89 6.77 13.91
C ASP B 711 21.40 6.96 13.67
N SER B 712 21.00 8.08 13.06
CA SER B 712 19.59 8.27 12.72
C SER B 712 19.12 7.22 11.72
N ILE B 713 19.92 6.97 10.68
CA ILE B 713 19.53 5.98 9.67
C ILE B 713 19.49 4.58 10.28
N LEU B 714 20.49 4.23 11.09
CA LEU B 714 20.49 2.90 11.70
C LEU B 714 19.31 2.74 12.64
N ALA B 715 18.98 3.77 13.42
CA ALA B 715 17.82 3.69 14.30
C ALA B 715 16.54 3.53 13.48
N LEU B 716 16.42 4.27 12.38
CA LEU B 716 15.22 4.20 11.56
C LEU B 716 15.06 2.81 10.94
N ARG B 717 16.17 2.24 10.47
CA ARG B 717 16.13 0.97 9.76
C ARG B 717 16.28 -0.24 10.67
N SER B 718 16.56 -0.05 11.95
CA SER B 718 16.68 -1.17 12.88
C SER B 718 15.37 -1.50 13.58
N GLN B 719 14.28 -0.82 13.22
CA GLN B 719 12.99 -1.02 13.88
C GLN B 719 12.16 -2.08 13.18
N VAL B 720 11.91 -1.92 11.88
CA VAL B 720 11.03 -2.87 11.21
C VAL B 720 11.62 -4.27 11.32
N PRO B 721 10.88 -5.26 11.79
CA PRO B 721 11.45 -6.59 11.93
C PRO B 721 11.77 -7.18 10.57
N PRO B 722 12.73 -8.09 10.48
CA PRO B 722 13.06 -8.68 9.19
C PRO B 722 11.90 -9.49 8.63
N VAL B 723 11.84 -9.54 7.30
CA VAL B 723 10.74 -10.26 6.64
C VAL B 723 10.76 -11.73 7.04
N LEU B 724 11.94 -12.30 7.18
CA LEU B 724 12.12 -13.69 7.57
C LEU B 724 13.12 -13.74 8.71
N ASP B 725 12.81 -14.51 9.75
CA ASP B 725 13.70 -14.60 10.90
C ASP B 725 14.91 -15.44 10.53
N VAL B 726 15.82 -14.85 9.74
CA VAL B 726 16.94 -15.61 9.21
C VAL B 726 17.93 -15.98 10.30
N ARG B 727 18.10 -15.14 11.32
CA ARG B 727 19.04 -15.46 12.39
C ARG B 727 18.61 -16.71 13.14
N THR B 728 17.33 -16.77 13.51
CA THR B 728 16.83 -17.94 14.24
C THR B 728 16.93 -19.20 13.40
N LEU B 729 16.57 -19.12 12.11
CA LEU B 729 16.69 -20.29 11.24
C LEU B 729 18.13 -20.75 11.12
N LEU B 730 19.06 -19.80 10.96
CA LEU B 730 20.47 -20.16 10.87
C LEU B 730 20.96 -20.80 12.14
N GLN B 731 20.60 -20.23 13.29
CA GLN B 731 21.04 -20.80 14.57
C GLN B 731 20.49 -22.20 14.77
N ARG B 732 19.20 -22.40 14.48
CA ARG B 732 18.62 -23.73 14.64
C ARG B 732 19.25 -24.73 13.69
N GLY B 733 19.54 -24.30 12.45
CA GLY B 733 20.17 -25.20 11.51
C GLY B 733 21.57 -25.59 11.95
N LEU B 734 22.36 -24.62 12.40
CA LEU B 734 23.71 -24.93 12.86
C LEU B 734 23.68 -25.83 14.09
N GLN B 735 22.78 -25.56 15.03
CA GLN B 735 22.68 -26.42 16.22
C GLN B 735 22.26 -27.83 15.85
N ALA B 736 21.33 -27.97 14.91
CA ALA B 736 20.83 -29.28 14.51
C ALA B 736 21.71 -29.97 13.48
N ARG B 737 22.81 -29.35 13.07
CA ARG B 737 23.71 -29.92 12.06
C ARG B 737 22.97 -30.10 10.73
N ARG B 738 22.46 -28.98 10.22
CA ARG B 738 21.82 -28.92 8.91
C ARG B 738 22.39 -27.74 8.13
N ALA B 739 23.66 -27.44 8.36
CA ALA B 739 24.26 -26.25 7.75
C ALA B 739 24.19 -26.32 6.24
N VAL B 740 24.41 -27.51 5.66
CA VAL B 740 24.41 -27.64 4.20
C VAL B 740 23.08 -27.19 3.63
N LEU B 741 21.99 -27.37 4.37
CA LEU B 741 20.68 -27.00 3.89
C LEU B 741 20.27 -25.58 4.28
N THR B 742 20.75 -25.08 5.41
CA THR B 742 20.31 -23.80 5.92
C THR B 742 21.17 -22.63 5.46
N VAL B 743 22.47 -22.85 5.25
CA VAL B 743 23.40 -21.76 4.95
C VAL B 743 23.26 -21.33 3.50
N PRO B 744 23.36 -22.22 2.51
CA PRO B 744 23.36 -21.76 1.12
C PRO B 744 22.22 -20.80 0.77
N TRP B 745 20.99 -21.12 1.16
CA TRP B 745 19.89 -20.23 0.84
C TRP B 745 19.95 -18.94 1.64
N LEU B 746 20.50 -18.99 2.85
CA LEU B 746 20.71 -17.74 3.61
C LEU B 746 21.72 -16.85 2.90
N VAL B 747 22.78 -17.44 2.36
CA VAL B 747 23.76 -16.66 1.60
C VAL B 747 23.11 -16.06 0.36
N GLU B 748 22.30 -16.85 -0.32
CA GLU B 748 21.57 -16.34 -1.48
C GLU B 748 20.67 -15.17 -1.08
N PHE B 749 20.00 -15.29 0.06
CA PHE B 749 19.13 -14.23 0.55
C PHE B 749 19.92 -12.96 0.86
N LEU B 750 21.06 -13.10 1.53
CA LEU B 750 21.83 -11.96 1.98
C LEU B 750 22.58 -11.27 0.85
N SER B 751 22.88 -11.99 -0.23
CA SER B 751 23.64 -11.39 -1.33
C SER B 751 22.92 -10.20 -1.94
N PHE B 752 21.61 -10.07 -1.74
CA PHE B 752 20.84 -8.95 -2.27
C PHE B 752 20.59 -7.86 -1.24
N ALA B 753 21.39 -7.78 -0.19
CA ALA B 753 21.21 -6.72 0.79
C ALA B 753 21.67 -5.39 0.18
N ASP B 754 21.62 -4.34 0.98
CA ASP B 754 21.97 -3.01 0.54
C ASP B 754 23.33 -2.68 1.14
N HIS B 755 23.78 -1.44 0.95
CA HIS B 755 25.02 -1.00 1.57
C HIS B 755 24.88 -0.62 3.05
N VAL B 756 23.67 -0.58 3.59
CA VAL B 756 23.47 -0.23 5.00
C VAL B 756 22.97 -1.39 5.85
N VAL B 757 22.85 -2.59 5.31
CA VAL B 757 22.47 -3.76 6.12
C VAL B 757 23.64 -4.31 6.93
N PRO B 758 24.85 -4.45 6.39
CA PRO B 758 25.94 -4.99 7.23
C PRO B 758 26.41 -4.07 8.35
N LEU B 759 25.47 -3.43 9.05
CA LEU B 759 25.74 -2.58 10.21
C LEU B 759 24.71 -2.74 11.33
N LEU B 760 23.53 -3.28 11.06
CA LEU B 760 22.55 -3.51 12.10
C LEU B 760 22.99 -4.64 13.02
N GLU B 761 22.56 -4.56 14.28
CA GLU B 761 22.98 -5.56 15.26
C GLU B 761 22.52 -6.95 14.84
N TYR B 762 21.31 -7.05 14.31
CA TYR B 762 20.79 -8.34 13.86
C TYR B 762 21.68 -8.93 12.78
N TYR B 763 21.84 -8.21 11.68
CA TYR B 763 22.64 -8.71 10.58
C TYR B 763 24.13 -8.72 10.91
N ARG B 764 24.58 -7.85 11.82
CA ARG B 764 25.96 -7.94 12.28
C ARG B 764 26.21 -9.28 12.97
N ASP B 765 25.27 -9.68 13.84
CA ASP B 765 25.40 -10.98 14.49
C ASP B 765 25.32 -12.10 13.47
N ILE B 766 24.45 -11.97 12.48
CA ILE B 766 24.36 -12.97 11.43
C ILE B 766 25.71 -13.15 10.74
N PHE B 767 26.34 -12.03 10.36
CA PHE B 767 27.62 -12.10 9.66
C PHE B 767 28.72 -12.61 10.58
N THR B 768 28.68 -12.26 11.86
CA THR B 768 29.66 -12.79 12.80
C THR B 768 29.53 -14.31 12.90
N LEU B 769 28.30 -14.81 12.97
CA LEU B 769 28.10 -16.25 13.03
C LEU B 769 28.60 -16.92 11.76
N LEU B 770 28.34 -16.30 10.60
CA LEU B 770 28.86 -16.87 9.35
C LEU B 770 30.38 -16.88 9.34
N LEU B 771 31.00 -15.82 9.85
CA LEU B 771 32.46 -15.78 9.92
C LEU B 771 33.00 -16.89 10.83
N ARG B 772 32.38 -17.08 11.99
CA ARG B 772 32.82 -18.15 12.88
C ARG B 772 32.68 -19.51 12.21
N LEU B 773 31.54 -19.74 11.55
CA LEU B 773 31.35 -21.01 10.86
C LEU B 773 32.40 -21.21 9.77
N HIS B 774 32.68 -20.16 9.00
CA HIS B 774 33.66 -20.26 7.92
C HIS B 774 35.05 -20.55 8.46
N ARG B 775 35.44 -19.89 9.56
CA ARG B 775 36.72 -20.18 10.19
C ARG B 775 36.77 -21.58 10.77
N SER B 776 35.62 -22.19 11.03
CA SER B 776 35.57 -23.55 11.57
C SER B 776 35.55 -24.61 10.49
N LEU B 777 35.63 -24.22 9.23
CA LEU B 777 35.53 -25.14 8.08
C LEU B 777 36.90 -25.14 7.40
N VAL B 778 37.79 -26.02 7.86
CA VAL B 778 39.13 -26.17 7.30
C VAL B 778 39.18 -27.46 6.51
N LEU B 779 39.61 -27.35 5.25
CA LEU B 779 39.63 -28.49 4.35
C LEU B 779 40.89 -29.33 4.51
N SER B 780 41.24 -29.69 5.75
CA SER B 780 42.33 -30.64 5.97
C SER B 780 42.09 -31.65 7.08
N GLN B 781 41.11 -31.45 7.95
CA GLN B 781 40.94 -32.30 9.13
C GLN B 781 39.90 -33.39 8.86
N GLU B 782 39.85 -34.35 9.78
CA GLU B 782 38.90 -35.45 9.72
C GLU B 782 38.85 -36.06 11.11
N SER B 783 37.64 -36.25 11.64
CA SER B 783 37.43 -36.83 12.97
C SER B 783 36.42 -37.96 12.90
N GLU B 784 36.47 -38.75 11.83
CA GLU B 784 35.61 -39.91 11.64
C GLU B 784 34.13 -39.54 11.66
N GLY B 785 33.74 -38.73 10.69
CA GLY B 785 32.34 -38.40 10.48
C GLY B 785 31.87 -37.06 10.98
N LYS B 786 32.65 -36.01 10.74
CA LYS B 786 32.24 -34.65 11.07
C LYS B 786 31.50 -34.00 9.90
N MET B 787 32.15 -33.94 8.75
CA MET B 787 31.55 -33.31 7.58
C MET B 787 32.32 -33.75 6.34
N CYS B 788 31.59 -34.28 5.36
CA CYS B 788 32.22 -34.77 4.15
C CYS B 788 32.90 -33.65 3.40
N PHE B 789 33.95 -34.01 2.64
CA PHE B 789 34.79 -33.01 2.01
C PHE B 789 33.99 -32.10 1.09
N LEU B 790 33.16 -32.70 0.22
CA LEU B 790 32.45 -31.90 -0.77
C LEU B 790 31.46 -30.95 -0.09
N ASN B 791 30.90 -31.35 1.06
CA ASN B 791 30.07 -30.43 1.82
C ASN B 791 30.88 -29.23 2.28
N LYS B 792 32.09 -29.48 2.77
CA LYS B 792 32.98 -28.42 3.20
C LYS B 792 33.29 -27.49 2.04
N LEU B 793 33.55 -28.06 0.87
CA LEU B 793 33.88 -27.25 -0.30
C LEU B 793 32.70 -26.35 -0.67
N LEU B 794 31.49 -26.92 -0.69
CA LEU B 794 30.33 -26.13 -1.06
C LEU B 794 30.14 -24.96 -0.10
N LEU B 795 30.17 -25.25 1.21
CA LEU B 795 29.95 -24.18 2.19
C LEU B 795 31.06 -23.14 2.11
N LEU B 796 32.32 -23.57 1.99
CA LEU B 796 33.41 -22.62 1.93
C LEU B 796 33.31 -21.73 0.70
N ALA B 797 32.96 -22.32 -0.45
CA ALA B 797 32.83 -21.53 -1.67
C ALA B 797 31.72 -20.50 -1.53
N VAL B 798 30.54 -20.93 -1.05
CA VAL B 798 29.42 -20.00 -0.96
C VAL B 798 29.73 -18.89 0.05
N LEU B 799 30.33 -19.24 1.19
CA LEU B 799 30.63 -18.23 2.19
C LEU B 799 31.67 -17.23 1.69
N GLY B 800 32.72 -17.72 1.02
CA GLY B 800 33.69 -16.78 0.47
C GLY B 800 33.09 -15.88 -0.58
N TRP B 801 32.21 -16.44 -1.42
CA TRP B 801 31.52 -15.59 -2.39
C TRP B 801 30.68 -14.55 -1.68
N LEU B 802 30.00 -14.93 -0.61
CA LEU B 802 29.19 -13.97 0.14
C LEU B 802 30.06 -12.87 0.70
N PHE B 803 31.21 -13.25 1.27
CA PHE B 803 32.08 -12.28 1.90
C PHE B 803 32.85 -11.45 0.89
N GLN B 804 32.69 -11.70 -0.41
CA GLN B 804 33.34 -10.89 -1.43
C GLN B 804 32.37 -10.10 -2.32
N ILE B 805 31.21 -9.71 -1.81
CA ILE B 805 30.29 -8.83 -2.55
C ILE B 805 30.56 -7.39 -2.15
N PRO B 806 30.44 -6.41 -3.06
CA PRO B 806 30.71 -5.02 -2.67
C PRO B 806 29.88 -4.55 -1.50
N THR B 807 28.63 -5.01 -1.37
CA THR B 807 27.79 -4.55 -0.26
C THR B 807 28.43 -4.89 1.07
N VAL B 808 28.95 -6.10 1.21
CA VAL B 808 29.61 -6.49 2.47
C VAL B 808 30.92 -5.74 2.59
N PRO B 809 31.17 -5.01 3.68
CA PRO B 809 32.44 -4.28 3.79
C PRO B 809 33.62 -5.22 3.81
N GLU B 810 34.73 -4.77 3.20
CA GLU B 810 35.93 -5.57 3.16
C GLU B 810 36.50 -5.80 4.55
N ASP B 811 36.30 -4.84 5.46
CA ASP B 811 36.84 -4.96 6.81
C ASP B 811 36.05 -5.89 7.70
N LEU B 812 34.84 -6.31 7.29
CA LEU B 812 34.03 -7.16 8.14
C LEU B 812 34.72 -8.48 8.43
N PHE B 813 35.34 -9.09 7.42
CA PHE B 813 35.99 -10.37 7.63
C PHE B 813 37.20 -10.20 8.54
N PHE B 814 37.89 -9.08 8.42
CA PHE B 814 39.11 -8.82 9.18
C PHE B 814 38.83 -8.25 10.56
N LEU B 815 37.57 -8.09 10.96
CA LEU B 815 37.27 -7.65 12.31
C LEU B 815 37.68 -8.72 13.32
N GLU B 816 37.82 -8.29 14.57
CA GLU B 816 38.25 -9.18 15.64
C GLU B 816 37.31 -10.36 15.79
N HIS B 832 24.95 -38.97 12.36
CA HIS B 832 23.56 -38.53 12.28
C HIS B 832 23.48 -37.16 11.62
N GLY B 833 22.26 -36.74 11.30
CA GLY B 833 22.05 -35.45 10.68
C GLY B 833 22.37 -35.39 9.20
N LEU B 834 21.69 -34.48 8.51
CA LEU B 834 21.90 -34.28 7.07
C LEU B 834 23.32 -33.84 6.74
N ASP B 835 23.91 -32.97 7.57
CA ASP B 835 25.26 -32.49 7.29
C ASP B 835 26.29 -33.62 7.31
N ASN B 836 26.18 -34.54 8.28
CA ASN B 836 27.15 -35.61 8.37
C ASN B 836 27.07 -36.56 7.18
N ALA B 837 25.88 -36.82 6.67
CA ALA B 837 25.77 -37.67 5.51
C ALA B 837 26.12 -36.92 4.22
N PRO B 838 26.63 -37.63 3.21
CA PRO B 838 27.00 -36.99 1.94
C PRO B 838 25.76 -36.69 1.11
N VAL B 839 25.56 -35.41 0.78
CA VAL B 839 24.36 -35.01 0.05
C VAL B 839 24.67 -34.12 -1.15
N VAL B 840 25.86 -33.52 -1.25
CA VAL B 840 26.23 -32.68 -2.38
C VAL B 840 27.26 -33.44 -3.20
N ASP B 841 26.98 -33.60 -4.49
CA ASP B 841 27.90 -34.21 -5.44
C ASP B 841 28.38 -33.16 -6.44
N GLN B 842 29.24 -33.60 -7.36
CA GLN B 842 29.84 -32.67 -8.31
C GLN B 842 28.79 -31.90 -9.09
N GLN B 843 27.74 -32.58 -9.56
CA GLN B 843 26.72 -31.88 -10.32
C GLN B 843 26.05 -30.82 -9.48
N LEU B 844 25.71 -31.16 -8.23
CA LEU B 844 25.08 -30.17 -7.35
C LEU B 844 26.04 -29.05 -7.03
N LEU B 845 27.32 -29.38 -6.80
CA LEU B 845 28.30 -28.35 -6.51
C LEU B 845 28.43 -27.36 -7.65
N TYR B 846 28.48 -27.85 -8.88
CA TYR B 846 28.62 -26.95 -10.02
C TYR B 846 27.34 -26.22 -10.36
N THR B 847 26.18 -26.76 -9.98
CA THR B 847 24.94 -26.03 -10.18
C THR B 847 24.79 -24.91 -9.15
N CYS B 848 25.14 -25.19 -7.90
CA CYS B 848 25.04 -24.18 -6.85
C CYS B 848 26.09 -23.08 -7.02
N CYS B 849 27.27 -23.43 -7.51
CA CYS B 849 28.39 -22.49 -7.63
C CYS B 849 28.89 -22.52 -9.07
N PRO B 850 28.23 -21.80 -9.98
CA PRO B 850 28.63 -21.78 -11.39
C PRO B 850 29.78 -20.80 -11.67
N TYR B 851 30.80 -20.83 -10.81
CA TYR B 851 32.00 -20.05 -11.01
C TYR B 851 33.27 -20.85 -10.74
N ILE B 852 33.14 -22.11 -10.33
CA ILE B 852 34.30 -23.00 -10.28
C ILE B 852 34.83 -23.24 -11.68
N GLY B 853 33.93 -23.33 -12.66
CA GLY B 853 34.32 -23.49 -14.04
C GLY B 853 35.28 -22.42 -14.50
N GLU B 854 35.31 -21.28 -13.81
CA GLU B 854 36.28 -20.24 -14.14
C GLU B 854 37.68 -20.83 -14.25
N LEU B 855 38.06 -21.68 -13.29
CA LEU B 855 39.38 -22.30 -13.37
C LEU B 855 39.56 -22.98 -14.72
N ARG B 856 38.63 -23.86 -15.08
CA ARG B 856 38.67 -24.51 -16.38
C ARG B 856 38.84 -23.48 -17.49
N LYS B 857 38.00 -22.44 -17.47
CA LYS B 857 38.07 -21.42 -18.50
C LYS B 857 39.50 -20.92 -18.66
N LEU B 858 40.15 -20.57 -17.56
CA LEU B 858 41.51 -20.06 -17.65
C LEU B 858 42.39 -21.01 -18.46
N LEU B 859 42.41 -22.28 -18.07
CA LEU B 859 43.22 -23.24 -18.80
C LEU B 859 42.86 -23.22 -20.28
N ALA B 860 41.57 -23.34 -20.59
CA ALA B 860 41.16 -23.32 -21.99
C ALA B 860 41.73 -22.09 -22.68
N SER B 861 41.57 -20.93 -22.05
CA SER B 861 42.10 -19.71 -22.66
C SER B 861 43.57 -19.89 -23.01
N TRP B 862 44.36 -20.35 -22.04
CA TRP B 862 45.78 -20.55 -22.28
C TRP B 862 45.98 -21.41 -23.51
N VAL B 863 45.32 -22.56 -23.55
CA VAL B 863 45.50 -23.47 -24.68
C VAL B 863 45.22 -22.72 -25.97
N SER B 864 44.08 -22.00 -26.01
CA SER B 864 43.75 -21.25 -27.22
C SER B 864 44.87 -20.26 -27.52
N GLY B 865 45.28 -19.48 -26.52
CA GLY B 865 46.33 -18.51 -26.75
C GLY B 865 47.67 -19.15 -27.02
N SER B 866 47.84 -20.41 -26.64
CA SER B 866 49.05 -21.13 -27.04
C SER B 866 49.08 -21.35 -28.55
N SER B 867 47.92 -21.67 -29.14
CA SER B 867 47.86 -21.90 -30.57
C SER B 867 47.93 -20.59 -31.36
N GLY B 868 47.24 -19.55 -30.89
CA GLY B 868 47.21 -18.29 -31.60
C GLY B 868 48.58 -17.66 -31.73
N MET C 38 -14.88 4.82 -5.44
CA MET C 38 -15.77 4.45 -6.58
C MET C 38 -17.22 4.88 -6.31
N ALA C 39 -17.39 6.15 -5.93
CA ALA C 39 -18.73 6.65 -5.63
C ALA C 39 -19.62 6.52 -6.86
N LYS C 40 -20.81 5.98 -6.67
CA LYS C 40 -21.75 5.85 -7.78
C LYS C 40 -22.17 7.20 -8.30
N VAL C 41 -22.33 8.17 -7.40
CA VAL C 41 -22.77 9.52 -7.74
C VAL C 41 -21.63 10.48 -7.44
N GLN C 42 -21.31 11.33 -8.42
CA GLN C 42 -20.34 12.39 -8.24
C GLN C 42 -21.05 13.73 -8.41
N VAL C 43 -20.40 14.79 -7.92
CA VAL C 43 -20.99 16.12 -7.93
C VAL C 43 -19.99 17.08 -8.56
N ASN C 44 -20.52 18.17 -9.10
CA ASN C 44 -19.72 19.17 -9.79
C ASN C 44 -20.24 20.55 -9.39
N ASN C 45 -19.85 21.58 -10.14
CA ASN C 45 -20.20 22.94 -9.77
C ASN C 45 -21.68 23.05 -9.42
N VAL C 46 -21.96 23.80 -8.36
CA VAL C 46 -23.33 24.12 -7.93
C VAL C 46 -23.48 25.62 -8.00
N VAL C 47 -24.54 26.10 -8.66
CA VAL C 47 -24.76 27.54 -8.82
C VAL C 47 -26.05 27.89 -8.10
N VAL C 48 -25.94 28.72 -7.06
CA VAL C 48 -27.10 29.19 -6.33
C VAL C 48 -27.68 30.38 -7.10
N LEU C 49 -28.94 30.27 -7.50
CA LEU C 49 -29.54 31.27 -8.38
C LEU C 49 -30.08 32.43 -7.55
N ASP C 50 -29.77 33.65 -7.98
CA ASP C 50 -30.28 34.85 -7.34
C ASP C 50 -29.87 34.88 -5.86
N ASN C 51 -28.56 34.90 -5.63
CA ASN C 51 -28.09 34.91 -4.26
C ASN C 51 -28.46 36.23 -3.57
N PRO C 52 -28.54 37.37 -4.28
CA PRO C 52 -29.00 38.59 -3.60
C PRO C 52 -30.51 38.68 -3.62
N SER C 53 -31.15 38.57 -2.46
CA SER C 53 -32.61 38.55 -2.39
C SER C 53 -33.03 38.86 -0.95
N PRO C 54 -34.28 39.28 -0.74
CA PRO C 54 -34.76 39.49 0.62
C PRO C 54 -34.76 38.21 1.44
N PHE C 55 -35.11 38.33 2.72
CA PHE C 55 -35.06 37.15 3.59
C PHE C 55 -36.17 36.16 3.30
N TYR C 56 -37.22 36.58 2.57
CA TYR C 56 -38.35 35.72 2.31
C TYR C 56 -38.28 35.05 0.93
N ASN C 57 -37.33 35.44 0.09
CA ASN C 57 -37.21 34.82 -1.21
C ASN C 57 -36.78 33.36 -1.03
N PRO C 58 -37.40 32.43 -1.75
CA PRO C 58 -36.98 31.03 -1.64
C PRO C 58 -35.59 30.79 -2.20
N PHE C 59 -34.93 29.77 -1.68
CA PHE C 59 -33.63 29.37 -2.18
C PHE C 59 -33.77 28.83 -3.60
N GLN C 60 -32.64 28.80 -4.31
CA GLN C 60 -32.60 28.30 -5.69
C GLN C 60 -31.19 27.81 -5.98
N PHE C 61 -31.05 26.50 -6.15
CA PHE C 61 -29.78 25.86 -6.42
C PHE C 61 -29.87 25.08 -7.71
N GLU C 62 -28.77 25.02 -8.47
CA GLU C 62 -28.70 24.17 -9.66
C GLU C 62 -27.49 23.28 -9.43
N ILE C 63 -27.75 21.99 -9.23
CA ILE C 63 -26.74 21.00 -8.92
C ILE C 63 -26.64 20.03 -10.10
N THR C 64 -25.42 19.86 -10.61
CA THR C 64 -25.16 18.99 -11.75
C THR C 64 -24.39 17.76 -11.25
N PHE C 65 -25.13 16.73 -10.84
CA PHE C 65 -24.52 15.51 -10.32
C PHE C 65 -24.35 14.50 -11.43
N GLU C 66 -23.12 13.99 -11.58
CA GLU C 66 -22.78 13.02 -12.62
C GLU C 66 -22.79 11.63 -12.02
N CYS C 67 -23.72 10.78 -12.48
CA CYS C 67 -23.82 9.40 -12.04
C CYS C 67 -23.12 8.50 -13.06
N ILE C 68 -22.36 7.52 -12.56
CA ILE C 68 -21.50 6.72 -13.44
C ILE C 68 -22.31 5.57 -14.03
N GLU C 69 -22.77 4.64 -13.18
CA GLU C 69 -23.71 3.60 -13.59
C GLU C 69 -25.04 3.78 -12.87
N ASP C 70 -25.96 2.86 -13.11
CA ASP C 70 -27.35 3.06 -12.71
C ASP C 70 -27.54 2.81 -11.22
N LEU C 71 -28.41 3.61 -10.61
CA LEU C 71 -28.80 3.42 -9.22
C LEU C 71 -30.06 2.55 -9.14
N SER C 72 -30.25 1.94 -7.97
CA SER C 72 -31.42 1.12 -7.70
C SER C 72 -32.47 1.83 -6.85
N GLU C 73 -32.15 3.00 -6.30
CA GLU C 73 -33.10 3.76 -5.49
C GLU C 73 -32.94 5.24 -5.81
N ASP C 74 -33.56 6.09 -4.98
CA ASP C 74 -33.65 7.52 -5.24
C ASP C 74 -32.81 8.30 -4.24
N LEU C 75 -31.99 9.22 -4.75
CA LEU C 75 -31.21 10.09 -3.88
C LEU C 75 -32.13 10.96 -3.04
N GLU C 76 -31.73 11.24 -1.80
CA GLU C 76 -32.52 12.07 -0.90
C GLU C 76 -31.73 13.35 -0.61
N TRP C 77 -32.18 14.47 -1.17
CA TRP C 77 -31.53 15.75 -0.95
C TRP C 77 -32.27 16.54 0.13
N LYS C 78 -31.51 17.30 0.91
CA LYS C 78 -32.05 18.07 2.04
C LYS C 78 -31.39 19.44 2.11
N ILE C 79 -32.15 20.38 2.68
CA ILE C 79 -31.66 21.71 3.01
C ILE C 79 -31.73 21.89 4.53
N ILE C 80 -30.62 22.28 5.13
CA ILE C 80 -30.57 22.56 6.56
C ILE C 80 -30.16 24.01 6.71
N TYR C 81 -31.07 24.85 7.20
CA TYR C 81 -30.76 26.25 7.44
C TYR C 81 -30.33 26.42 8.88
N VAL C 82 -29.10 26.89 9.09
CA VAL C 82 -28.55 27.07 10.43
C VAL C 82 -29.17 28.34 11.01
N GLY C 83 -30.24 28.18 11.79
CA GLY C 83 -30.90 29.34 12.36
C GLY C 83 -29.98 30.12 13.28
N SER C 84 -29.23 29.42 14.12
CA SER C 84 -28.31 30.04 15.06
C SER C 84 -26.99 29.29 15.04
N ALA C 85 -25.89 30.03 15.15
CA ALA C 85 -24.58 29.40 15.24
C ALA C 85 -24.35 28.77 16.60
N GLU C 86 -25.14 29.14 17.62
CA GLU C 86 -24.90 28.63 18.96
C GLU C 86 -25.05 27.12 19.03
N SER C 87 -26.09 26.58 18.41
CA SER C 87 -26.33 25.14 18.46
C SER C 87 -27.26 24.74 17.32
N GLU C 88 -27.31 23.44 17.06
CA GLU C 88 -28.23 22.88 16.08
C GLU C 88 -29.68 22.97 16.53
N GLU C 89 -29.94 23.32 17.80
CA GLU C 89 -31.30 23.36 18.31
C GLU C 89 -32.24 24.17 17.42
N TYR C 90 -31.70 25.15 16.69
CA TYR C 90 -32.53 26.05 15.88
C TYR C 90 -32.43 25.74 14.40
N ASP C 91 -31.86 24.60 14.01
CA ASP C 91 -31.77 24.23 12.61
C ASP C 91 -33.16 23.96 12.04
N GLN C 92 -33.41 24.46 10.83
CA GLN C 92 -34.68 24.31 10.15
C GLN C 92 -34.49 23.47 8.89
N VAL C 93 -35.20 22.35 8.82
CA VAL C 93 -35.19 21.51 7.62
C VAL C 93 -36.19 22.12 6.64
N LEU C 94 -35.68 22.87 5.66
CA LEU C 94 -36.57 23.60 4.76
C LEU C 94 -37.43 22.65 3.94
N ASP C 95 -36.80 21.69 3.26
CA ASP C 95 -37.55 20.73 2.45
C ASP C 95 -36.62 19.61 2.01
N SER C 96 -37.13 18.38 2.09
CA SER C 96 -36.40 17.19 1.64
C SER C 96 -37.04 16.68 0.36
N VAL C 97 -36.22 16.49 -0.67
CA VAL C 97 -36.70 16.03 -1.97
C VAL C 97 -36.11 14.66 -2.27
N LEU C 98 -36.85 13.88 -3.05
CA LEU C 98 -36.41 12.58 -3.53
C LEU C 98 -36.22 12.64 -5.03
N VAL C 99 -35.06 12.18 -5.51
CA VAL C 99 -34.62 12.37 -6.89
C VAL C 99 -34.41 10.99 -7.49
N GLY C 100 -35.15 10.70 -8.56
CA GLY C 100 -35.02 9.45 -9.27
C GLY C 100 -36.10 9.27 -10.32
N PRO C 101 -35.97 8.23 -11.15
CA PRO C 101 -34.88 7.25 -11.14
C PRO C 101 -33.59 7.84 -11.72
N VAL C 102 -32.45 7.22 -11.43
CA VAL C 102 -31.16 7.81 -11.74
C VAL C 102 -30.34 6.85 -12.58
N PRO C 103 -30.65 6.69 -13.86
CA PRO C 103 -29.74 5.93 -14.75
C PRO C 103 -28.45 6.70 -15.00
N ALA C 104 -27.47 5.98 -15.52
CA ALA C 104 -26.15 6.56 -15.75
C ALA C 104 -26.25 7.84 -16.57
N GLY C 105 -25.25 8.70 -16.47
CA GLY C 105 -25.19 9.93 -17.25
C GLY C 105 -25.06 11.15 -16.35
N ARG C 106 -24.75 12.27 -17.00
CA ARG C 106 -24.66 13.55 -16.32
C ARG C 106 -26.06 14.14 -16.18
N HIS C 107 -26.47 14.40 -14.95
CA HIS C 107 -27.80 14.93 -14.65
C HIS C 107 -27.69 16.19 -13.83
N MET C 108 -28.77 16.97 -13.80
CA MET C 108 -28.85 18.16 -12.98
C MET C 108 -30.31 18.45 -12.65
N PHE C 109 -30.52 19.32 -11.67
CA PHE C 109 -31.86 19.70 -11.26
C PHE C 109 -31.78 20.96 -10.41
N VAL C 110 -32.92 21.34 -9.83
CA VAL C 110 -33.02 22.50 -8.94
C VAL C 110 -33.74 22.06 -7.68
N PHE C 111 -33.44 22.73 -6.57
CA PHE C 111 -33.90 22.35 -5.24
C PHE C 111 -34.61 23.51 -4.55
N GLN C 112 -35.62 24.08 -5.20
CA GLN C 112 -36.37 25.15 -4.57
C GLN C 112 -36.99 24.66 -3.27
N ALA C 113 -36.80 25.46 -2.20
CA ALA C 113 -37.37 25.17 -0.90
C ALA C 113 -37.85 26.46 -0.28
N ASP C 114 -38.87 26.36 0.56
CA ASP C 114 -39.45 27.55 1.18
C ASP C 114 -38.44 28.20 2.11
N ALA C 115 -38.55 29.52 2.26
CA ALA C 115 -37.62 30.25 3.09
C ALA C 115 -37.80 29.86 4.55
N PRO C 116 -36.76 30.01 5.37
CA PRO C 116 -36.88 29.64 6.77
C PRO C 116 -37.93 30.49 7.49
N ASN C 117 -38.58 29.89 8.47
CA ASN C 117 -39.57 30.61 9.25
C ASN C 117 -38.86 31.59 10.18
N PRO C 118 -39.08 32.89 10.06
CA PRO C 118 -38.34 33.84 10.91
C PRO C 118 -38.65 33.69 12.39
N GLY C 119 -39.78 33.08 12.76
CA GLY C 119 -40.14 32.98 14.16
C GLY C 119 -39.12 32.21 14.98
N LEU C 120 -38.60 31.12 14.42
CA LEU C 120 -37.69 30.27 15.17
C LEU C 120 -36.30 30.88 15.30
N ILE C 121 -35.87 31.67 14.33
CA ILE C 121 -34.52 32.25 14.38
C ILE C 121 -34.40 33.17 15.58
N PRO C 122 -33.37 33.04 16.42
CA PRO C 122 -33.23 33.94 17.57
C PRO C 122 -33.03 35.39 17.16
N ASP C 123 -32.94 36.27 18.16
CA ASP C 123 -32.85 37.70 17.91
C ASP C 123 -31.44 38.10 17.46
N ALA C 124 -30.43 37.74 18.26
CA ALA C 124 -29.07 38.17 17.98
C ALA C 124 -28.57 37.63 16.64
N ASP C 125 -28.90 36.37 16.35
CA ASP C 125 -28.38 35.69 15.16
C ASP C 125 -29.11 36.04 13.88
N ALA C 126 -30.21 36.80 13.95
CA ALA C 126 -30.92 37.15 12.72
C ALA C 126 -30.08 38.04 11.83
N VAL C 127 -29.38 39.02 12.42
CA VAL C 127 -28.64 39.99 11.63
C VAL C 127 -27.25 39.51 11.23
N GLY C 128 -26.71 38.50 11.90
CA GLY C 128 -25.37 38.04 11.63
C GLY C 128 -25.29 37.16 10.39
N VAL C 129 -24.13 36.54 10.22
CA VAL C 129 -23.87 35.64 9.10
C VAL C 129 -24.09 34.21 9.58
N THR C 130 -24.74 33.41 8.75
CA THR C 130 -25.06 32.03 9.08
C THR C 130 -24.63 31.09 7.96
N VAL C 131 -25.06 29.83 8.03
CA VAL C 131 -24.68 28.82 7.06
C VAL C 131 -25.92 28.08 6.61
N VAL C 132 -25.93 27.69 5.34
CA VAL C 132 -26.96 26.80 4.80
C VAL C 132 -26.26 25.58 4.23
N LEU C 133 -26.72 24.40 4.65
CA LEU C 133 -26.10 23.13 4.30
C LEU C 133 -26.98 22.41 3.29
N ILE C 134 -26.37 21.92 2.21
CA ILE C 134 -27.06 21.17 1.18
C ILE C 134 -26.54 19.74 1.31
N THR C 135 -27.38 18.81 1.71
CA THR C 135 -26.93 17.44 1.95
C THR C 135 -27.61 16.47 1.00
N CYS C 136 -26.93 15.38 0.70
CA CYS C 136 -27.53 14.29 -0.07
C CYS C 136 -27.24 12.96 0.61
N THR C 137 -28.22 12.06 0.57
CA THR C 137 -28.10 10.76 1.20
C THR C 137 -28.59 9.67 0.24
N TYR C 138 -28.06 8.47 0.43
CA TYR C 138 -28.44 7.29 -0.34
C TYR C 138 -28.60 6.11 0.60
N ARG C 139 -29.77 5.49 0.60
CA ARG C 139 -30.10 4.44 1.57
C ARG C 139 -29.90 4.94 3.00
N GLY C 140 -30.32 6.17 3.25
CA GLY C 140 -30.13 6.76 4.56
C GLY C 140 -28.69 7.03 4.92
N GLN C 141 -27.80 7.07 3.92
CA GLN C 141 -26.39 7.29 4.13
C GLN C 141 -25.97 8.54 3.37
N GLU C 142 -25.32 9.47 4.05
CA GLU C 142 -24.92 10.74 3.46
C GLU C 142 -23.55 10.61 2.83
N PHE C 143 -23.37 11.28 1.69
CA PHE C 143 -22.10 11.25 0.99
C PHE C 143 -21.67 12.60 0.43
N ILE C 144 -22.43 13.67 0.64
CA ILE C 144 -21.98 15.00 0.24
C ILE C 144 -22.82 16.02 0.96
N ARG C 145 -22.15 17.08 1.42
CA ARG C 145 -22.74 18.11 2.27
C ARG C 145 -22.29 19.49 1.80
N VAL C 146 -22.40 19.75 0.49
CA VAL C 146 -21.97 21.03 -0.03
C VAL C 146 -22.62 22.13 0.79
N GLY C 147 -21.82 22.97 1.44
CA GLY C 147 -22.34 24.00 2.32
C GLY C 147 -22.24 25.35 1.64
N TYR C 148 -22.66 26.39 2.37
CA TYR C 148 -22.69 27.76 1.86
C TYR C 148 -22.71 28.74 3.02
N TYR C 149 -21.83 29.74 2.96
CA TYR C 149 -21.82 30.84 3.91
C TYR C 149 -22.83 31.90 3.45
N VAL C 150 -23.92 32.06 4.19
CA VAL C 150 -24.96 33.04 3.89
C VAL C 150 -24.78 34.24 4.81
N ASN C 151 -25.11 35.42 4.30
CA ASN C 151 -25.00 36.65 5.06
C ASN C 151 -26.35 37.38 5.01
N ASN C 152 -26.62 38.16 6.06
CA ASN C 152 -27.90 38.84 6.23
C ASN C 152 -27.63 40.28 6.62
N GLU C 153 -27.76 41.20 5.67
CA GLU C 153 -27.54 42.62 5.89
C GLU C 153 -28.86 43.37 5.89
N TYR C 154 -28.78 44.68 6.14
CA TYR C 154 -29.90 45.59 5.99
C TYR C 154 -29.61 46.49 4.79
N THR C 155 -30.56 46.59 3.85
CA THR C 155 -30.27 47.33 2.62
C THR C 155 -30.18 48.82 2.89
N GLU C 156 -31.20 49.40 3.49
CA GLU C 156 -31.23 50.83 3.74
C GLU C 156 -30.15 51.22 4.76
N THR C 157 -29.53 52.38 4.52
CA THR C 157 -28.40 52.82 5.32
C THR C 157 -28.77 53.15 6.78
N GLU C 158 -29.97 53.66 7.03
CA GLU C 158 -30.32 54.01 8.41
C GLU C 158 -30.40 52.78 9.31
N LEU C 159 -30.88 51.65 8.78
CA LEU C 159 -30.92 50.42 9.58
C LEU C 159 -29.52 49.97 9.97
N ARG C 160 -28.58 49.99 9.04
CA ARG C 160 -27.21 49.65 9.40
C ARG C 160 -26.65 50.65 10.41
N GLU C 161 -26.91 51.94 10.19
CA GLU C 161 -26.47 52.95 11.13
C GLU C 161 -27.14 52.74 12.49
N ASN C 162 -28.43 52.41 12.48
CA ASN C 162 -29.22 52.22 13.69
C ASN C 162 -29.86 50.84 13.62
N PRO C 163 -29.13 49.80 14.02
CA PRO C 163 -29.71 48.45 14.01
C PRO C 163 -30.81 48.32 15.04
N PRO C 164 -32.05 48.05 14.61
CA PRO C 164 -33.16 47.97 15.56
C PRO C 164 -32.96 46.81 16.53
N VAL C 165 -33.46 46.99 17.74
CA VAL C 165 -33.33 45.94 18.76
C VAL C 165 -34.05 44.69 18.30
N LYS C 166 -35.27 44.84 17.80
CA LYS C 166 -36.04 43.69 17.32
C LYS C 166 -35.93 43.59 15.80
N PRO C 167 -35.27 42.58 15.26
CA PRO C 167 -35.16 42.49 13.79
C PRO C 167 -36.53 42.44 13.13
N ASP C 168 -36.63 43.16 12.02
CA ASP C 168 -37.84 43.22 11.20
C ASP C 168 -37.48 42.52 9.90
N PHE C 169 -37.92 41.26 9.76
CA PHE C 169 -37.48 40.43 8.66
C PHE C 169 -37.90 40.98 7.30
N SER C 170 -38.87 41.88 7.25
CA SER C 170 -39.35 42.39 5.97
C SER C 170 -38.28 43.16 5.21
N LYS C 171 -37.34 43.82 5.90
CA LYS C 171 -36.35 44.66 5.23
C LYS C 171 -34.92 44.12 5.22
N LEU C 172 -34.70 42.84 5.50
CA LEU C 172 -33.36 42.26 5.47
C LEU C 172 -33.06 41.62 4.12
N GLN C 173 -31.80 41.73 3.71
CA GLN C 173 -31.32 41.23 2.43
C GLN C 173 -30.37 40.07 2.70
N ARG C 174 -30.64 38.93 2.07
CA ARG C 174 -29.83 37.73 2.25
C ARG C 174 -28.97 37.54 1.02
N ASN C 175 -27.65 37.52 1.22
CA ASN C 175 -26.70 37.32 0.15
C ASN C 175 -25.97 36.00 0.38
N ILE C 176 -25.99 35.13 -0.61
CA ILE C 176 -25.33 33.83 -0.53
C ILE C 176 -24.01 33.96 -1.28
N LEU C 177 -22.90 33.81 -0.55
CA LEU C 177 -21.57 33.91 -1.13
C LEU C 177 -21.31 32.62 -1.90
N ALA C 178 -21.76 32.59 -3.15
CA ALA C 178 -21.62 31.43 -4.02
C ALA C 178 -20.19 31.19 -4.48
N SER C 179 -19.27 32.15 -4.33
CA SER C 179 -17.93 32.00 -4.86
C SER C 179 -17.02 31.12 -4.01
N ASN C 180 -17.39 30.80 -2.78
CA ASN C 180 -16.58 30.00 -1.87
C ASN C 180 -17.43 28.90 -1.24
N PRO C 181 -17.89 27.95 -2.04
CA PRO C 181 -18.58 26.79 -1.47
C PRO C 181 -17.58 25.89 -0.74
N ARG C 182 -18.04 25.29 0.36
CA ARG C 182 -17.21 24.44 1.20
C ARG C 182 -17.85 23.06 1.25
N VAL C 183 -17.39 22.18 0.38
CA VAL C 183 -17.93 20.83 0.22
C VAL C 183 -17.16 19.86 1.10
N THR C 184 -17.85 18.79 1.50
CA THR C 184 -17.25 17.70 2.26
C THR C 184 -17.85 16.40 1.76
N ARG C 185 -16.99 15.41 1.53
CA ARG C 185 -17.39 14.16 0.91
C ARG C 185 -17.06 13.00 1.84
N PHE C 186 -17.97 12.03 1.90
CA PHE C 186 -17.79 10.83 2.71
C PHE C 186 -17.90 9.61 1.81
N HIS C 187 -17.43 8.48 2.32
CA HIS C 187 -17.41 7.24 1.56
C HIS C 187 -18.49 6.31 2.12
N ILE C 188 -19.33 5.80 1.22
CA ILE C 188 -20.41 4.87 1.58
C ILE C 188 -20.37 3.70 0.61
N ASN C 189 -21.08 2.64 0.99
CA ASN C 189 -21.16 1.43 0.19
C ASN C 189 -22.33 1.55 -0.79
N TRP C 190 -22.02 1.60 -2.07
CA TRP C 190 -23.05 1.70 -3.12
C TRP C 190 -23.41 0.31 -3.65
N GLU C 191 -23.86 -0.55 -2.74
CA GLU C 191 -24.14 -1.92 -3.11
C GLU C 191 -25.55 -2.04 -3.71
N ASP C 192 -25.85 -3.23 -4.22
CA ASP C 192 -27.16 -3.46 -4.80
C ASP C 192 -28.24 -3.58 -3.72
N ASN C 193 -27.92 -4.24 -2.61
CA ASN C 193 -28.87 -4.41 -1.51
C ASN C 193 -28.16 -4.85 -0.24
N MET D 38 -33.91 45.05 -32.14
CA MET D 38 -33.70 46.30 -31.37
C MET D 38 -34.25 46.16 -29.95
N ALA D 39 -35.03 45.11 -29.72
CA ALA D 39 -35.60 44.88 -28.41
C ALA D 39 -34.50 44.64 -27.37
N LYS D 40 -34.67 45.21 -26.19
CA LYS D 40 -33.70 45.05 -25.13
C LYS D 40 -33.76 43.68 -24.48
N VAL D 41 -34.81 42.90 -24.70
CA VAL D 41 -34.99 41.59 -24.09
C VAL D 41 -35.13 40.57 -25.21
N GLN D 42 -34.52 39.40 -25.01
CA GLN D 42 -34.53 38.38 -26.07
C GLN D 42 -34.32 37.00 -25.43
N VAL D 43 -35.42 36.28 -25.20
CA VAL D 43 -35.32 34.95 -24.62
C VAL D 43 -34.47 34.10 -25.56
N ASN D 44 -33.77 33.10 -25.00
CA ASN D 44 -32.92 32.25 -25.80
C ASN D 44 -33.12 30.77 -25.51
N ASN D 45 -34.10 30.42 -24.67
CA ASN D 45 -34.49 29.04 -24.39
C ASN D 45 -35.43 29.04 -23.18
N VAL D 46 -36.04 27.90 -22.89
CA VAL D 46 -36.85 27.74 -21.69
C VAL D 46 -36.83 26.28 -21.29
N VAL D 47 -35.75 25.85 -20.64
CA VAL D 47 -35.60 24.45 -20.30
C VAL D 47 -36.77 24.02 -19.43
N VAL D 48 -37.36 22.87 -19.74
CA VAL D 48 -38.37 22.27 -18.89
C VAL D 48 -37.68 21.29 -17.95
N LEU D 49 -37.93 21.45 -16.65
CA LEU D 49 -37.30 20.64 -15.63
C LEU D 49 -38.31 19.64 -15.10
N ASP D 50 -37.90 18.38 -14.98
CA ASP D 50 -38.76 17.34 -14.43
C ASP D 50 -39.98 17.12 -15.33
N ASN D 51 -39.71 16.91 -16.62
CA ASN D 51 -40.79 16.74 -17.58
C ASN D 51 -41.72 15.57 -17.22
N PRO D 52 -41.23 14.36 -16.96
CA PRO D 52 -42.10 13.29 -16.45
C PRO D 52 -42.27 13.43 -14.94
N SER D 53 -43.46 13.83 -14.51
CA SER D 53 -43.70 14.12 -13.10
C SER D 53 -45.07 13.62 -12.64
N PRO D 54 -45.15 12.97 -11.49
CA PRO D 54 -46.46 12.66 -10.93
C PRO D 54 -47.22 13.93 -10.57
N PHE D 55 -48.55 13.82 -10.52
CA PHE D 55 -49.38 14.99 -10.32
C PHE D 55 -48.99 15.70 -9.02
N TYR D 56 -49.48 16.93 -8.89
CA TYR D 56 -49.24 17.83 -7.75
C TYR D 56 -47.84 18.38 -7.72
N ASN D 57 -46.96 17.96 -8.61
CA ASN D 57 -45.60 18.48 -8.61
C ASN D 57 -45.55 19.88 -9.21
N PRO D 58 -44.92 20.85 -8.55
CA PRO D 58 -44.90 22.21 -9.08
C PRO D 58 -44.21 22.22 -10.45
N PHE D 59 -44.72 23.07 -11.34
CA PHE D 59 -44.07 23.30 -12.63
C PHE D 59 -42.70 23.95 -12.43
N GLN D 60 -41.68 23.48 -13.16
CA GLN D 60 -40.33 24.08 -13.11
C GLN D 60 -39.90 24.48 -14.51
N PHE D 61 -39.43 25.72 -14.65
CA PHE D 61 -38.94 26.23 -15.94
C PHE D 61 -37.67 27.02 -15.71
N GLU D 62 -36.57 26.60 -16.34
CA GLU D 62 -35.28 27.29 -16.27
C GLU D 62 -35.14 28.18 -17.50
N ILE D 63 -35.39 29.47 -17.33
CA ILE D 63 -35.34 30.43 -18.43
C ILE D 63 -33.97 31.09 -18.50
N THR D 64 -33.51 31.36 -19.73
CA THR D 64 -32.30 32.15 -19.97
C THR D 64 -32.63 33.18 -21.03
N PHE D 65 -32.44 34.47 -20.69
CA PHE D 65 -32.78 35.57 -21.58
C PHE D 65 -31.64 36.59 -21.65
N GLU D 66 -31.58 37.31 -22.79
CA GLU D 66 -30.51 38.24 -23.11
C GLU D 66 -31.00 39.68 -23.00
N CYS D 67 -30.22 40.51 -22.30
CA CYS D 67 -30.45 41.93 -22.18
C CYS D 67 -29.27 42.66 -22.82
N ILE D 68 -29.56 43.64 -23.67
CA ILE D 68 -28.50 44.37 -24.38
C ILE D 68 -28.31 45.76 -23.77
N GLU D 69 -29.39 46.37 -23.28
CA GLU D 69 -29.31 47.64 -22.57
C GLU D 69 -30.06 47.55 -21.26
N ASP D 70 -29.59 48.34 -20.28
CA ASP D 70 -30.10 48.30 -18.91
C ASP D 70 -31.40 49.09 -18.84
N LEU D 71 -32.51 48.41 -19.09
CA LEU D 71 -33.82 49.04 -18.96
C LEU D 71 -34.14 49.31 -17.49
N SER D 72 -34.80 50.45 -17.24
CA SER D 72 -35.01 50.89 -15.86
C SER D 72 -36.08 50.07 -15.16
N GLU D 73 -37.19 49.81 -15.82
CA GLU D 73 -38.33 49.16 -15.18
C GLU D 73 -38.02 47.68 -14.93
N ASP D 74 -39.01 46.95 -14.44
CA ASP D 74 -38.85 45.54 -14.11
C ASP D 74 -39.82 44.70 -14.94
N LEU D 75 -39.31 43.60 -15.49
CA LEU D 75 -40.15 42.69 -16.26
C LEU D 75 -41.14 41.97 -15.33
N GLU D 76 -42.11 41.27 -15.92
CA GLU D 76 -43.19 40.61 -15.19
C GLU D 76 -43.52 39.28 -15.86
N TRP D 77 -43.01 38.18 -15.30
CA TRP D 77 -43.18 36.84 -15.86
C TRP D 77 -44.36 36.15 -15.17
N LYS D 78 -45.32 35.67 -15.95
CA LYS D 78 -46.53 35.11 -15.40
C LYS D 78 -46.90 33.84 -16.17
N ILE D 79 -47.35 32.82 -15.44
CA ILE D 79 -47.50 31.48 -15.99
C ILE D 79 -48.94 31.04 -15.87
N ILE D 80 -49.50 30.50 -16.96
CA ILE D 80 -50.92 30.25 -17.09
C ILE D 80 -51.13 28.77 -17.40
N TYR D 81 -52.03 28.13 -16.65
CA TYR D 81 -52.48 26.77 -16.94
C TYR D 81 -53.90 26.82 -17.48
N VAL D 82 -54.11 26.20 -18.65
CA VAL D 82 -55.42 26.16 -19.27
C VAL D 82 -56.23 25.04 -18.61
N GLY D 83 -57.02 25.40 -17.61
CA GLY D 83 -57.79 24.40 -16.89
C GLY D 83 -58.74 23.63 -17.77
N SER D 84 -59.42 24.34 -18.68
CA SER D 84 -60.38 23.73 -19.59
C SER D 84 -60.21 24.33 -20.98
N ALA D 85 -60.67 23.58 -21.98
CA ALA D 85 -60.45 23.94 -23.38
C ALA D 85 -61.63 24.68 -24.01
N GLU D 86 -62.68 24.97 -23.25
CA GLU D 86 -63.86 25.63 -23.83
C GLU D 86 -63.88 27.14 -23.63
N SER D 87 -63.37 27.65 -22.51
CA SER D 87 -63.43 29.08 -22.25
C SER D 87 -62.35 29.44 -21.24
N GLU D 88 -62.09 30.75 -21.12
CA GLU D 88 -61.03 31.25 -20.26
C GLU D 88 -61.47 31.52 -18.82
N GLU D 89 -62.76 31.45 -18.50
CA GLU D 89 -63.18 31.68 -17.12
C GLU D 89 -62.60 30.63 -16.19
N TYR D 90 -62.38 29.42 -16.69
CA TYR D 90 -61.79 28.34 -15.91
C TYR D 90 -60.27 28.42 -15.86
N ASP D 91 -59.66 29.29 -16.67
CA ASP D 91 -58.22 29.48 -16.61
C ASP D 91 -57.82 29.95 -15.23
N GLN D 92 -56.76 29.34 -14.68
CA GLN D 92 -56.26 29.68 -13.35
C GLN D 92 -54.84 30.23 -13.49
N VAL D 93 -54.64 31.43 -12.95
CA VAL D 93 -53.33 32.06 -12.91
C VAL D 93 -52.48 31.37 -11.86
N LEU D 94 -51.53 30.54 -12.28
CA LEU D 94 -50.64 29.89 -11.32
C LEU D 94 -49.92 30.92 -10.45
N ASP D 95 -49.23 31.87 -11.09
CA ASP D 95 -48.51 32.92 -10.36
C ASP D 95 -47.80 33.85 -11.34
N SER D 96 -47.44 35.04 -10.82
CA SER D 96 -46.92 36.14 -11.61
C SER D 96 -45.78 36.79 -10.81
N VAL D 97 -44.54 36.42 -11.13
CA VAL D 97 -43.36 37.01 -10.51
C VAL D 97 -42.98 38.29 -11.25
N LEU D 98 -42.30 39.20 -10.55
CA LEU D 98 -41.69 40.38 -11.15
C LEU D 98 -40.17 40.30 -11.01
N VAL D 99 -39.47 40.74 -12.05
CA VAL D 99 -38.03 40.53 -12.19
C VAL D 99 -37.33 41.87 -12.32
N GLY D 100 -36.29 42.07 -11.51
CA GLY D 100 -35.43 43.24 -11.58
C GLY D 100 -34.57 43.39 -10.36
N PRO D 101 -33.57 44.29 -10.40
CA PRO D 101 -33.20 45.07 -11.59
C PRO D 101 -32.53 44.20 -12.65
N VAL D 102 -32.48 44.68 -13.88
CA VAL D 102 -32.02 43.88 -15.01
C VAL D 102 -30.90 44.61 -15.74
N PRO D 103 -29.64 44.49 -15.30
CA PRO D 103 -28.53 45.05 -16.07
C PRO D 103 -28.28 44.28 -17.35
N ALA D 104 -27.40 44.82 -18.17
CA ALA D 104 -27.05 44.19 -19.44
C ALA D 104 -26.33 42.86 -19.22
N GLY D 105 -26.68 41.87 -20.02
CA GLY D 105 -25.97 40.61 -20.00
C GLY D 105 -26.90 39.46 -20.31
N ARG D 106 -26.36 38.25 -20.21
CA ARG D 106 -27.11 37.03 -20.49
C ARG D 106 -27.54 36.45 -19.14
N HIS D 107 -28.72 36.82 -18.68
CA HIS D 107 -29.18 36.42 -17.36
C HIS D 107 -30.11 35.23 -17.47
N MET D 108 -30.40 34.62 -16.32
CA MET D 108 -31.28 33.47 -16.29
C MET D 108 -31.84 33.30 -14.88
N PHE D 109 -32.85 32.46 -14.78
CA PHE D 109 -33.42 32.11 -13.50
C PHE D 109 -34.16 30.77 -13.64
N VAL D 110 -34.68 30.28 -12.52
CA VAL D 110 -35.50 29.09 -12.48
C VAL D 110 -36.77 29.45 -11.74
N PHE D 111 -37.92 29.08 -12.32
CA PHE D 111 -39.21 29.45 -11.78
C PHE D 111 -39.98 28.20 -11.42
N GLN D 112 -40.63 28.22 -10.26
CA GLN D 112 -41.38 27.08 -9.74
C GLN D 112 -42.80 27.54 -9.41
N ALA D 113 -43.76 27.14 -10.23
CA ALA D 113 -45.16 27.43 -10.00
C ALA D 113 -45.83 26.25 -9.31
N ASP D 114 -46.92 26.54 -8.60
CA ASP D 114 -47.63 25.52 -7.84
C ASP D 114 -48.50 24.67 -8.76
N ALA D 115 -49.15 23.67 -8.17
CA ALA D 115 -50.06 22.81 -8.91
C ALA D 115 -51.39 23.54 -9.14
N PRO D 116 -52.10 23.21 -10.22
CA PRO D 116 -53.39 23.86 -10.47
C PRO D 116 -54.41 23.51 -9.40
N ASN D 117 -55.28 24.47 -9.12
CA ASN D 117 -56.33 24.27 -8.12
C ASN D 117 -57.39 23.32 -8.68
N PRO D 118 -57.65 22.18 -8.03
CA PRO D 118 -58.70 21.27 -8.53
C PRO D 118 -60.11 21.71 -8.19
N GLY D 119 -60.29 22.70 -7.31
CA GLY D 119 -61.62 23.10 -6.91
C GLY D 119 -62.46 23.60 -8.07
N LEU D 120 -61.85 24.39 -8.95
CA LEU D 120 -62.54 24.96 -10.11
C LEU D 120 -62.50 24.05 -11.33
N ILE D 121 -61.95 22.85 -11.20
CA ILE D 121 -61.84 21.96 -12.36
C ILE D 121 -63.25 21.58 -12.82
N PRO D 122 -63.60 21.79 -14.10
CA PRO D 122 -64.98 21.48 -14.53
C PRO D 122 -65.29 19.99 -14.46
N ASP D 123 -64.50 19.20 -15.16
CA ASP D 123 -64.73 17.76 -15.29
C ASP D 123 -63.48 17.15 -15.91
N ALA D 124 -63.60 15.88 -16.33
CA ALA D 124 -62.46 15.14 -16.86
C ALA D 124 -61.81 15.80 -18.07
N ASP D 125 -62.39 16.88 -18.61
CA ASP D 125 -61.77 17.55 -19.75
C ASP D 125 -60.35 17.99 -19.44
N ALA D 126 -60.04 18.27 -18.18
CA ALA D 126 -58.67 18.64 -17.82
C ALA D 126 -57.69 17.53 -18.14
N VAL D 127 -58.12 16.27 -17.98
CA VAL D 127 -57.27 15.13 -18.32
C VAL D 127 -56.88 15.16 -19.78
N GLY D 128 -57.69 15.79 -20.62
CA GLY D 128 -57.32 15.93 -22.01
C GLY D 128 -56.12 16.84 -22.19
N VAL D 129 -55.47 16.71 -23.34
CA VAL D 129 -54.27 17.49 -23.60
C VAL D 129 -54.62 18.96 -23.52
N THR D 130 -54.00 19.67 -22.58
CA THR D 130 -54.16 21.10 -22.42
C THR D 130 -52.81 21.77 -22.66
N VAL D 131 -52.75 23.08 -22.44
CA VAL D 131 -51.57 23.88 -22.73
C VAL D 131 -51.23 24.73 -21.51
N VAL D 132 -49.94 24.79 -21.19
CA VAL D 132 -49.41 25.68 -20.17
C VAL D 132 -48.49 26.68 -20.87
N LEU D 133 -48.70 27.96 -20.62
CA LEU D 133 -48.01 29.01 -21.35
C LEU D 133 -47.38 30.02 -20.41
N ILE D 134 -46.36 30.71 -20.93
CA ILE D 134 -45.58 31.68 -20.17
C ILE D 134 -45.64 33.01 -20.91
N THR D 135 -45.98 34.08 -20.19
CA THR D 135 -46.08 35.40 -20.79
C THR D 135 -45.37 36.39 -19.88
N CYS D 136 -44.51 37.24 -20.47
CA CYS D 136 -43.81 38.28 -19.72
C CYS D 136 -44.28 39.65 -20.18
N THR D 137 -44.78 40.46 -19.24
CA THR D 137 -45.33 41.78 -19.54
C THR D 137 -44.32 42.84 -19.15
N TYR D 138 -43.73 43.50 -20.13
CA TYR D 138 -42.82 44.61 -19.88
C TYR D 138 -43.59 45.91 -20.09
N ARG D 139 -43.28 46.90 -19.26
CA ARG D 139 -44.05 48.15 -19.24
C ARG D 139 -45.54 47.88 -19.03
N GLY D 140 -45.87 46.70 -18.50
CA GLY D 140 -47.25 46.31 -18.33
C GLY D 140 -47.95 45.79 -19.58
N GLN D 141 -47.24 45.63 -20.69
CA GLN D 141 -47.81 45.06 -21.90
C GLN D 141 -47.11 43.79 -22.32
N GLU D 142 -47.88 42.81 -22.77
CA GLU D 142 -47.37 41.50 -23.15
C GLU D 142 -46.82 41.49 -24.57
N PHE D 143 -45.77 40.69 -24.77
CA PHE D 143 -45.11 40.63 -26.06
C PHE D 143 -44.62 39.22 -26.44
N ILE D 144 -45.09 38.16 -25.77
CA ILE D 144 -44.64 36.81 -26.12
C ILE D 144 -45.55 35.75 -25.51
N ARG D 145 -45.69 34.62 -26.21
CA ARG D 145 -46.38 33.44 -25.71
C ARG D 145 -45.61 32.20 -26.15
N VAL D 146 -45.77 31.11 -25.40
CA VAL D 146 -45.11 29.85 -25.72
C VAL D 146 -46.13 28.73 -25.49
N GLY D 147 -46.23 27.80 -26.45
CA GLY D 147 -47.19 26.71 -26.38
C GLY D 147 -46.52 25.40 -26.01
N TYR D 148 -47.06 24.74 -24.98
CA TYR D 148 -46.46 23.54 -24.40
C TYR D 148 -47.53 22.49 -24.09
N TYR D 149 -48.34 22.15 -25.09
CA TYR D 149 -49.41 21.17 -24.92
C TYR D 149 -48.96 20.01 -24.03
N VAL D 150 -49.71 19.78 -22.96
CA VAL D 150 -49.35 18.82 -21.91
C VAL D 150 -50.32 17.65 -21.97
N ASN D 151 -49.79 16.43 -21.99
CA ASN D 151 -50.59 15.20 -22.01
C ASN D 151 -50.86 14.74 -20.57
N ASN D 152 -51.94 15.25 -20.00
CA ASN D 152 -52.30 14.93 -18.61
C ASN D 152 -52.83 13.51 -18.54
N GLU D 153 -51.92 12.56 -18.31
CA GLU D 153 -52.16 11.13 -18.43
C GLU D 153 -52.12 10.45 -17.08
N TYR D 154 -52.95 9.40 -16.93
CA TYR D 154 -53.12 8.71 -15.66
C TYR D 154 -51.87 7.90 -15.32
N THR D 155 -51.96 7.13 -14.24
CA THR D 155 -50.86 6.30 -13.76
C THR D 155 -51.23 4.82 -13.89
N GLU D 156 -52.34 4.41 -13.26
CA GLU D 156 -52.72 3.01 -13.26
C GLU D 156 -53.19 2.59 -14.65
N THR D 157 -52.88 1.35 -15.03
CA THR D 157 -53.28 0.87 -16.35
C THR D 157 -54.81 0.83 -16.46
N GLU D 158 -55.47 0.38 -15.39
CA GLU D 158 -56.93 0.37 -15.38
C GLU D 158 -57.48 1.76 -15.62
N LEU D 159 -56.87 2.78 -15.01
CA LEU D 159 -57.37 4.13 -15.21
C LEU D 159 -57.39 4.49 -16.69
N ARG D 160 -56.53 3.89 -17.53
CA ARG D 160 -56.71 4.14 -18.96
C ARG D 160 -57.75 3.21 -19.58
N GLU D 161 -57.84 1.94 -19.15
CA GLU D 161 -58.83 1.09 -19.81
C GLU D 161 -60.25 1.45 -19.37
N ASN D 162 -60.46 1.74 -18.10
CA ASN D 162 -61.77 2.14 -17.58
C ASN D 162 -61.64 3.40 -16.73
N PRO D 163 -61.31 4.53 -17.36
CA PRO D 163 -61.11 5.76 -16.61
C PRO D 163 -62.38 6.18 -15.88
N PRO D 164 -62.26 6.69 -14.67
CA PRO D 164 -63.46 7.13 -13.94
C PRO D 164 -64.03 8.41 -14.53
N VAL D 165 -65.34 8.56 -14.38
CA VAL D 165 -65.99 9.80 -14.79
C VAL D 165 -65.52 10.96 -13.92
N LYS D 166 -65.36 10.70 -12.63
CA LYS D 166 -64.88 11.73 -11.72
C LYS D 166 -63.43 12.08 -12.03
N PRO D 167 -63.06 13.38 -12.01
CA PRO D 167 -61.64 13.74 -12.22
C PRO D 167 -60.78 13.45 -10.99
N ASP D 168 -60.58 12.17 -10.70
CA ASP D 168 -59.74 11.79 -9.58
C ASP D 168 -58.33 12.32 -9.77
N PHE D 169 -57.84 13.04 -8.77
CA PHE D 169 -56.50 13.62 -8.82
C PHE D 169 -55.45 12.80 -8.09
N SER D 170 -55.82 11.65 -7.52
CA SER D 170 -54.84 10.85 -6.79
C SER D 170 -53.69 10.45 -7.72
N LYS D 171 -54.01 9.90 -8.88
CA LYS D 171 -53.03 9.53 -9.89
C LYS D 171 -53.25 10.29 -11.19
N LEU D 172 -52.20 10.95 -11.66
CA LEU D 172 -52.20 11.73 -12.90
C LEU D 172 -50.75 12.04 -13.24
N GLN D 173 -50.51 12.39 -14.51
CA GLN D 173 -49.16 12.71 -15.01
C GLN D 173 -49.25 13.97 -15.87
N ARG D 174 -49.13 15.13 -15.23
CA ARG D 174 -49.10 16.41 -15.93
C ARG D 174 -47.64 16.83 -16.12
N ASN D 175 -47.43 18.07 -16.55
CA ASN D 175 -46.12 18.69 -16.71
C ASN D 175 -45.29 18.03 -17.81
N ILE D 176 -45.85 17.05 -18.53
CA ILE D 176 -45.13 16.42 -19.63
C ILE D 176 -45.22 17.38 -20.82
N LEU D 177 -44.19 18.18 -21.02
CA LEU D 177 -44.19 19.20 -22.06
C LEU D 177 -43.67 18.61 -23.38
N ALA D 178 -44.34 18.96 -24.47
CA ALA D 178 -43.96 18.47 -25.79
C ALA D 178 -42.65 19.07 -26.30
N SER D 179 -42.13 20.12 -25.66
CA SER D 179 -40.89 20.76 -26.11
C SER D 179 -41.08 21.43 -27.47
N ASN D 180 -42.11 22.27 -27.58
CA ASN D 180 -42.42 23.00 -28.82
C ASN D 180 -42.26 24.49 -28.59
N PRO D 181 -41.12 25.10 -28.99
CA PRO D 181 -40.89 26.53 -28.73
C PRO D 181 -41.60 27.49 -29.67
N ARG D 182 -42.88 27.74 -29.38
CA ARG D 182 -43.64 28.73 -30.13
C ARG D 182 -43.36 30.13 -29.59
N VAL D 183 -43.22 31.09 -30.50
CA VAL D 183 -42.81 32.45 -30.16
C VAL D 183 -43.76 33.40 -30.90
N THR D 184 -44.70 34.00 -30.17
CA THR D 184 -45.63 34.98 -30.74
C THR D 184 -45.12 36.40 -30.46
N ARG D 185 -44.03 36.74 -31.14
CA ARG D 185 -43.41 38.05 -30.97
C ARG D 185 -44.39 39.16 -31.35
N PHE D 186 -44.48 40.18 -30.49
CA PHE D 186 -45.27 41.38 -30.75
C PHE D 186 -44.38 42.61 -30.64
N HIS D 187 -44.78 43.67 -31.33
CA HIS D 187 -44.01 44.93 -31.36
C HIS D 187 -44.42 45.82 -30.18
N ILE D 188 -44.00 45.39 -28.99
CA ILE D 188 -44.28 46.16 -27.78
C ILE D 188 -43.54 47.49 -27.84
N ASN D 189 -44.20 48.56 -27.38
CA ASN D 189 -43.60 49.89 -27.42
C ASN D 189 -42.60 50.07 -26.29
N TRP D 190 -41.35 50.38 -26.65
CA TRP D 190 -40.30 50.62 -25.66
C TRP D 190 -40.13 52.13 -25.42
N GLU D 191 -41.17 52.71 -24.82
CA GLU D 191 -41.14 54.12 -24.51
C GLU D 191 -40.11 54.41 -23.43
N ASP D 192 -39.41 55.53 -23.57
CA ASP D 192 -38.39 55.90 -22.59
C ASP D 192 -38.99 56.20 -21.23
N ASN D 193 -40.25 56.64 -21.18
CA ASN D 193 -40.90 56.98 -19.92
C ASN D 193 -42.15 56.14 -19.71
N MET E 38 19.85 0.68 -16.88
CA MET E 38 19.91 1.93 -17.69
C MET E 38 21.20 1.96 -18.51
N ALA E 39 21.46 0.85 -19.21
CA ALA E 39 22.65 0.72 -20.02
C ALA E 39 22.68 1.78 -21.13
N LYS E 40 23.83 2.43 -21.29
CA LYS E 40 23.94 3.42 -22.36
C LYS E 40 23.79 2.80 -23.73
N VAL E 41 24.27 1.57 -23.92
CA VAL E 41 24.23 0.90 -25.21
C VAL E 41 23.27 -0.28 -25.13
N GLN E 42 22.33 -0.32 -26.08
CA GLN E 42 21.41 -1.42 -26.27
C GLN E 42 21.65 -2.00 -27.66
N VAL E 43 21.15 -3.20 -27.89
CA VAL E 43 21.35 -3.88 -29.16
C VAL E 43 20.00 -4.30 -29.71
N ASN E 44 19.93 -4.45 -31.02
CA ASN E 44 18.67 -4.78 -31.69
C ASN E 44 19.00 -5.81 -32.78
N ASN E 45 18.05 -6.01 -33.70
CA ASN E 45 18.16 -7.07 -34.71
C ASN E 45 19.56 -7.15 -35.30
N VAL E 46 20.04 -8.38 -35.48
CA VAL E 46 21.31 -8.66 -36.12
C VAL E 46 21.07 -9.45 -37.40
N VAL E 47 21.66 -8.97 -38.50
CA VAL E 47 21.47 -9.58 -39.81
C VAL E 47 22.82 -10.10 -40.30
N VAL E 48 22.95 -11.42 -40.40
CA VAL E 48 24.13 -12.06 -40.98
C VAL E 48 23.91 -12.16 -42.49
N LEU E 49 24.83 -11.60 -43.26
CA LEU E 49 24.61 -11.47 -44.70
C LEU E 49 24.96 -12.74 -45.47
N ASP E 50 26.23 -13.15 -45.45
CA ASP E 50 26.67 -14.36 -46.14
C ASP E 50 26.37 -15.63 -45.34
N ASN E 51 25.07 -15.88 -45.13
CA ASN E 51 24.72 -17.05 -44.34
C ASN E 51 25.06 -18.32 -45.11
N PRO E 52 24.91 -18.37 -46.47
CA PRO E 52 25.38 -19.54 -47.21
C PRO E 52 26.82 -19.41 -47.66
N SER E 53 27.78 -20.19 -47.19
CA SER E 53 29.15 -19.93 -47.63
C SER E 53 29.99 -21.17 -47.39
N PRO E 54 31.14 -21.29 -48.09
CA PRO E 54 32.08 -22.37 -47.77
C PRO E 54 32.66 -22.21 -46.38
N PHE E 55 33.46 -23.18 -45.92
CA PHE E 55 34.00 -23.10 -44.57
C PHE E 55 35.08 -22.05 -44.43
N TYR E 56 35.65 -21.57 -45.55
CA TYR E 56 36.75 -20.62 -45.51
C TYR E 56 36.31 -19.17 -45.70
N ASN E 57 35.04 -18.94 -46.06
CA ASN E 57 34.56 -17.57 -46.23
C ASN E 57 34.56 -16.84 -44.89
N PRO E 58 35.00 -15.59 -44.84
CA PRO E 58 34.96 -14.84 -43.58
C PRO E 58 33.54 -14.54 -43.15
N PHE E 59 33.36 -14.40 -41.84
CA PHE E 59 32.08 -14.03 -41.26
C PHE E 59 31.73 -12.59 -41.63
N GLN E 60 30.45 -12.25 -41.52
CA GLN E 60 29.99 -10.89 -41.80
C GLN E 60 28.67 -10.67 -41.06
N PHE E 61 28.68 -9.78 -40.07
CA PHE E 61 27.53 -9.52 -39.23
C PHE E 61 27.12 -8.05 -39.32
N GLU E 62 25.80 -7.80 -39.17
CA GLU E 62 25.24 -6.46 -39.14
C GLU E 62 24.48 -6.29 -37.83
N ILE E 63 25.03 -5.49 -36.92
CA ILE E 63 24.46 -5.25 -35.60
C ILE E 63 24.03 -3.80 -35.50
N THR E 64 22.79 -3.58 -35.09
CA THR E 64 22.21 -2.24 -34.99
C THR E 64 22.11 -1.91 -33.49
N PHE E 65 23.19 -1.35 -32.95
CA PHE E 65 23.25 -1.01 -31.54
C PHE E 65 22.87 0.45 -31.36
N GLU E 66 21.88 0.69 -30.50
CA GLU E 66 21.39 2.03 -30.19
C GLU E 66 22.01 2.51 -28.88
N CYS E 67 22.83 3.55 -28.96
CA CYS E 67 23.44 4.13 -27.77
C CYS E 67 22.62 5.32 -27.33
N ILE E 68 22.38 5.43 -26.02
CA ILE E 68 21.46 6.44 -25.50
C ILE E 68 22.21 7.75 -25.26
N GLU E 69 23.17 7.76 -24.33
CA GLU E 69 24.08 8.90 -24.14
C GLU E 69 25.51 8.51 -24.48
N ASP E 70 26.43 9.45 -24.31
CA ASP E 70 27.79 9.32 -24.83
C ASP E 70 28.64 8.42 -23.94
N LEU E 71 29.51 7.65 -24.58
CA LEU E 71 30.49 6.83 -23.87
C LEU E 71 31.81 7.59 -23.69
N SER E 72 32.58 7.13 -22.70
CA SER E 72 33.89 7.71 -22.39
C SER E 72 35.06 6.89 -22.91
N GLU E 73 34.83 5.70 -23.45
CA GLU E 73 35.90 4.85 -23.96
C GLU E 73 35.43 4.21 -25.26
N ASP E 74 36.18 3.19 -25.71
CA ASP E 74 35.97 2.57 -27.02
C ASP E 74 35.36 1.20 -26.79
N LEU E 75 34.23 0.92 -27.46
CA LEU E 75 33.60 -0.38 -27.33
C LEU E 75 34.50 -1.43 -27.97
N GLU E 76 34.57 -2.62 -27.38
CA GLU E 76 35.42 -3.69 -27.89
C GLU E 76 34.57 -4.91 -28.28
N TRP E 77 34.46 -5.19 -29.58
CA TRP E 77 33.71 -6.34 -30.07
C TRP E 77 34.63 -7.52 -30.35
N LYS E 78 34.13 -8.73 -30.11
CA LYS E 78 34.88 -9.97 -30.31
C LYS E 78 33.97 -11.05 -30.88
N ILE E 79 34.56 -11.96 -31.65
CA ILE E 79 33.92 -13.18 -32.13
C ILE E 79 34.67 -14.38 -31.58
N ILE E 80 33.93 -15.31 -30.97
CA ILE E 80 34.51 -16.55 -30.44
C ILE E 80 33.85 -17.71 -31.16
N TYR E 81 34.64 -18.45 -31.95
CA TYR E 81 34.17 -19.63 -32.64
C TYR E 81 34.52 -20.86 -31.80
N VAL E 82 33.51 -21.62 -31.38
CA VAL E 82 33.73 -22.80 -30.54
C VAL E 82 34.23 -23.92 -31.46
N GLY E 83 35.54 -24.13 -31.47
CA GLY E 83 36.09 -25.16 -32.33
C GLY E 83 35.56 -26.54 -32.04
N SER E 84 35.42 -26.89 -30.75
CA SER E 84 34.92 -28.19 -30.34
C SER E 84 33.87 -28.04 -29.26
N ALA E 85 32.83 -28.87 -29.32
CA ALA E 85 31.81 -28.87 -28.29
C ALA E 85 32.28 -29.54 -27.00
N GLU E 86 33.33 -30.35 -27.05
CA GLU E 86 33.76 -31.06 -25.84
C GLU E 86 34.21 -30.08 -24.77
N SER E 87 34.96 -29.07 -25.14
CA SER E 87 35.49 -28.12 -24.16
C SER E 87 35.86 -26.83 -24.87
N GLU E 88 36.06 -25.78 -24.07
CA GLU E 88 36.51 -24.48 -24.55
C GLU E 88 37.95 -24.52 -25.07
N GLU E 89 38.68 -25.61 -24.83
CA GLU E 89 40.08 -25.68 -25.21
C GLU E 89 40.31 -25.26 -26.66
N TYR E 90 39.32 -25.44 -27.52
CA TYR E 90 39.47 -25.20 -28.95
C TYR E 90 38.80 -23.92 -29.41
N ASP E 91 38.42 -23.03 -28.48
CA ASP E 91 37.81 -21.78 -28.87
C ASP E 91 38.81 -20.90 -29.62
N GLN E 92 38.35 -20.29 -30.70
CA GLN E 92 39.17 -19.43 -31.56
C GLN E 92 38.65 -18.01 -31.49
N VAL E 93 39.53 -17.09 -31.07
CA VAL E 93 39.21 -15.66 -31.06
C VAL E 93 39.48 -15.14 -32.47
N LEU E 94 38.42 -15.00 -33.27
CA LEU E 94 38.60 -14.67 -34.68
C LEU E 94 39.23 -13.29 -34.86
N ASP E 95 38.64 -12.26 -34.25
CA ASP E 95 39.17 -10.91 -34.38
C ASP E 95 38.47 -9.99 -33.39
N SER E 96 39.24 -9.13 -32.74
CA SER E 96 38.73 -8.14 -31.81
C SER E 96 38.83 -6.75 -32.44
N VAL E 97 37.73 -6.01 -32.45
CA VAL E 97 37.68 -4.68 -33.04
C VAL E 97 37.43 -3.66 -31.94
N LEU E 98 37.95 -2.45 -32.15
CA LEU E 98 37.80 -1.31 -31.24
C LEU E 98 37.01 -0.17 -31.87
N VAL E 99 35.70 -0.16 -31.65
CA VAL E 99 34.78 0.78 -32.30
C VAL E 99 34.09 1.60 -31.22
N GLY E 100 34.28 2.91 -31.25
CA GLY E 100 33.62 3.78 -30.30
C GLY E 100 33.22 5.18 -30.76
N PRO E 101 33.16 5.45 -32.09
CA PRO E 101 32.53 6.75 -32.43
C PRO E 101 31.02 6.62 -32.28
N VAL E 102 30.53 6.76 -31.06
CA VAL E 102 29.13 6.41 -30.78
C VAL E 102 28.36 7.54 -30.10
N PRO E 103 28.00 8.59 -30.82
CA PRO E 103 27.03 9.53 -30.28
C PRO E 103 25.68 8.85 -30.23
N ALA E 104 24.73 9.44 -29.49
CA ALA E 104 23.44 8.79 -29.37
C ALA E 104 22.90 8.51 -30.77
N GLY E 105 22.01 7.53 -30.91
CA GLY E 105 21.43 7.22 -32.20
C GLY E 105 21.67 5.77 -32.61
N ARG E 106 20.97 5.38 -33.68
CA ARG E 106 21.12 4.06 -34.28
C ARG E 106 22.36 4.06 -35.17
N HIS E 107 23.26 3.11 -34.92
CA HIS E 107 24.56 3.03 -35.60
C HIS E 107 24.74 1.69 -36.27
N MET E 108 25.73 1.63 -37.16
CA MET E 108 26.10 0.41 -37.86
C MET E 108 27.58 0.42 -38.18
N PHE E 109 28.08 -0.77 -38.51
CA PHE E 109 29.45 -1.07 -38.88
C PHE E 109 29.44 -2.47 -39.49
N VAL E 110 30.61 -3.01 -39.76
CA VAL E 110 30.75 -4.38 -40.24
C VAL E 110 31.81 -5.07 -39.40
N PHE E 111 31.67 -6.37 -39.22
CA PHE E 111 32.53 -7.15 -38.34
C PHE E 111 33.11 -8.34 -39.10
N GLN E 112 33.65 -8.08 -40.28
CA GLN E 112 34.29 -9.14 -41.04
C GLN E 112 35.50 -9.67 -40.29
N ALA E 113 35.60 -11.00 -40.19
CA ALA E 113 36.72 -11.64 -39.54
C ALA E 113 37.13 -12.87 -40.34
N ASP E 114 38.42 -13.20 -40.27
CA ASP E 114 38.94 -14.34 -41.01
C ASP E 114 38.33 -15.63 -40.50
N ALA E 115 38.21 -16.61 -41.41
CA ALA E 115 37.62 -17.87 -41.04
C ALA E 115 38.51 -18.62 -40.06
N PRO E 116 37.94 -19.50 -39.24
CA PRO E 116 38.78 -20.25 -38.29
C PRO E 116 39.77 -21.15 -39.01
N ASN E 117 40.91 -21.34 -38.37
CA ASN E 117 41.93 -22.21 -38.93
C ASN E 117 41.47 -23.66 -38.80
N PRO E 118 41.31 -24.40 -39.90
CA PRO E 118 40.80 -25.77 -39.78
C PRO E 118 41.73 -26.70 -39.03
N GLY E 119 43.01 -26.38 -38.93
CA GLY E 119 43.95 -27.29 -38.27
C GLY E 119 43.60 -27.56 -36.81
N LEU E 120 43.19 -26.52 -36.09
CA LEU E 120 42.94 -26.67 -34.66
C LEU E 120 41.64 -27.40 -34.36
N ILE E 121 40.61 -27.22 -35.19
CA ILE E 121 39.33 -27.87 -34.90
C ILE E 121 39.49 -29.38 -34.97
N PRO E 122 39.05 -30.15 -33.97
CA PRO E 122 39.19 -31.61 -34.04
C PRO E 122 38.42 -32.23 -35.18
N ASP E 123 38.54 -33.56 -35.33
CA ASP E 123 37.95 -34.27 -36.46
C ASP E 123 36.45 -34.45 -36.27
N ALA E 124 36.04 -35.01 -35.12
CA ALA E 124 34.63 -35.34 -34.92
C ALA E 124 33.76 -34.09 -34.99
N ASP E 125 34.22 -32.99 -34.38
CA ASP E 125 33.41 -31.78 -34.30
C ASP E 125 33.45 -30.96 -35.59
N ALA E 126 34.33 -31.30 -36.53
CA ALA E 126 34.41 -30.55 -37.78
C ALA E 126 33.13 -30.71 -38.60
N VAL E 127 32.61 -31.94 -38.68
CA VAL E 127 31.47 -32.22 -39.54
C VAL E 127 30.13 -31.93 -38.87
N GLY E 128 30.09 -31.83 -37.55
CA GLY E 128 28.85 -31.62 -36.83
C GLY E 128 28.39 -30.17 -36.88
N VAL E 129 27.36 -29.90 -36.08
CA VAL E 129 26.79 -28.56 -35.95
C VAL E 129 27.38 -27.89 -34.72
N THR E 130 27.77 -26.63 -34.87
CA THR E 130 28.39 -25.88 -33.78
C THR E 130 27.72 -24.53 -33.59
N VAL E 131 28.32 -23.68 -32.76
CA VAL E 131 27.78 -22.35 -32.48
C VAL E 131 28.92 -21.34 -32.57
N VAL E 132 28.58 -20.13 -33.01
CA VAL E 132 29.51 -19.00 -33.03
C VAL E 132 28.92 -17.90 -32.17
N LEU E 133 29.73 -17.40 -31.24
CA LEU E 133 29.30 -16.41 -30.26
C LEU E 133 29.89 -15.06 -30.61
N ILE E 134 29.05 -14.04 -30.62
CA ILE E 134 29.48 -12.66 -30.88
C ILE E 134 29.31 -11.92 -29.56
N THR E 135 30.43 -11.48 -28.98
CA THR E 135 30.44 -10.86 -27.66
C THR E 135 30.87 -9.42 -27.77
N CYS E 136 30.41 -8.60 -26.82
CA CYS E 136 30.82 -7.21 -26.74
C CYS E 136 31.23 -6.86 -25.32
N THR E 137 32.25 -6.00 -25.20
CA THR E 137 32.80 -5.60 -23.91
C THR E 137 32.99 -4.10 -23.86
N TYR E 138 32.90 -3.56 -22.64
CA TYR E 138 33.09 -2.15 -22.37
C TYR E 138 33.93 -2.03 -21.11
N ARG E 139 35.04 -1.32 -21.20
CA ARG E 139 35.99 -1.24 -20.09
C ARG E 139 36.44 -2.64 -19.67
N GLY E 140 36.69 -3.50 -20.65
CA GLY E 140 37.09 -4.87 -20.39
C GLY E 140 36.02 -5.73 -19.74
N GLN E 141 34.76 -5.30 -19.79
CA GLN E 141 33.65 -6.03 -19.19
C GLN E 141 32.61 -6.33 -20.27
N GLU E 142 32.21 -7.61 -20.35
CA GLU E 142 31.28 -8.07 -21.38
C GLU E 142 29.84 -7.86 -20.94
N PHE E 143 28.96 -7.50 -21.90
CA PHE E 143 27.56 -7.26 -21.58
C PHE E 143 26.57 -7.80 -22.61
N ILE E 144 27.01 -8.48 -23.67
CA ILE E 144 26.07 -9.07 -24.63
C ILE E 144 26.79 -10.14 -25.43
N ARG E 145 26.07 -11.23 -25.69
CA ARG E 145 26.61 -12.45 -26.30
C ARG E 145 25.69 -12.95 -27.40
N VAL E 146 25.28 -12.07 -28.32
CA VAL E 146 24.41 -12.51 -29.40
C VAL E 146 25.06 -13.71 -30.09
N GLY E 147 24.38 -14.85 -30.08
CA GLY E 147 24.93 -16.08 -30.60
C GLY E 147 24.33 -16.46 -31.95
N TYR E 148 24.78 -17.62 -32.45
CA TYR E 148 24.30 -18.12 -33.74
C TYR E 148 24.63 -19.59 -33.84
N TYR E 149 23.63 -20.39 -34.21
CA TYR E 149 23.82 -21.82 -34.50
C TYR E 149 24.28 -21.99 -35.94
N VAL E 150 25.53 -22.42 -36.09
CA VAL E 150 26.12 -22.66 -37.40
C VAL E 150 26.11 -24.16 -37.63
N ASN E 151 25.94 -24.54 -38.89
CA ASN E 151 25.91 -25.93 -39.30
C ASN E 151 26.95 -26.11 -40.41
N ASN E 152 27.48 -27.32 -40.50
CA ASN E 152 28.57 -27.64 -41.42
C ASN E 152 28.21 -28.95 -42.10
N GLU E 153 27.72 -28.85 -43.32
CA GLU E 153 27.33 -30.00 -44.11
C GLU E 153 28.35 -30.20 -45.23
N TYR E 154 28.14 -31.27 -46.01
CA TYR E 154 28.87 -31.49 -47.25
C TYR E 154 27.92 -31.25 -48.41
N THR E 155 28.34 -30.42 -49.36
CA THR E 155 27.46 -30.04 -50.45
C THR E 155 27.19 -31.21 -51.39
N GLU E 156 28.24 -31.86 -51.87
CA GLU E 156 28.07 -32.97 -52.82
C GLU E 156 27.39 -34.16 -52.16
N THR E 157 26.52 -34.81 -52.93
CA THR E 157 25.71 -35.92 -52.41
C THR E 157 26.58 -37.12 -52.03
N GLU E 158 27.68 -37.33 -52.74
CA GLU E 158 28.53 -38.47 -52.44
C GLU E 158 29.17 -38.31 -51.07
N LEU E 159 29.53 -37.08 -50.71
CA LEU E 159 30.12 -36.80 -49.41
C LEU E 159 29.16 -37.08 -48.26
N ARG E 160 27.90 -36.64 -48.38
CA ARG E 160 26.93 -36.97 -47.34
C ARG E 160 26.70 -38.47 -47.29
N GLU E 161 26.59 -39.12 -48.46
CA GLU E 161 26.42 -40.56 -48.48
C GLU E 161 27.64 -41.26 -47.88
N ASN E 162 28.85 -40.77 -48.18
CA ASN E 162 30.09 -41.35 -47.71
C ASN E 162 30.91 -40.29 -47.01
N PRO E 163 30.66 -40.05 -45.73
CA PRO E 163 31.45 -39.04 -45.00
C PRO E 163 32.90 -39.48 -44.86
N PRO E 164 33.84 -38.74 -45.44
CA PRO E 164 35.24 -39.17 -45.37
C PRO E 164 35.77 -39.15 -43.94
N VAL E 165 36.71 -40.06 -43.66
CA VAL E 165 37.31 -40.13 -42.34
C VAL E 165 38.03 -38.83 -42.02
N LYS E 166 38.78 -38.30 -42.98
CA LYS E 166 39.51 -37.06 -42.79
C LYS E 166 38.70 -35.93 -43.40
N PRO E 167 38.15 -35.01 -42.62
CA PRO E 167 37.34 -33.93 -43.20
C PRO E 167 38.12 -33.11 -44.21
N ASP E 168 37.46 -32.77 -45.31
CA ASP E 168 38.05 -31.94 -46.36
C ASP E 168 37.32 -30.60 -46.33
N PHE E 169 37.94 -29.62 -45.66
CA PHE E 169 37.30 -28.33 -45.43
C PHE E 169 37.06 -27.54 -46.71
N SER E 170 37.78 -27.85 -47.78
CA SER E 170 37.64 -27.08 -49.01
C SER E 170 36.23 -27.23 -49.60
N LYS E 171 35.61 -28.38 -49.39
CA LYS E 171 34.28 -28.67 -49.92
C LYS E 171 33.19 -28.70 -48.85
N LEU E 172 33.45 -28.12 -47.68
CA LEU E 172 32.48 -28.08 -46.58
C LEU E 172 31.66 -26.80 -46.68
N GLN E 173 30.37 -26.90 -46.36
CA GLN E 173 29.45 -25.77 -46.47
C GLN E 173 28.94 -25.36 -45.09
N ARG E 174 29.07 -24.08 -44.79
CA ARG E 174 28.65 -23.48 -43.53
C ARG E 174 27.36 -22.69 -43.75
N ASN E 175 26.31 -23.09 -43.03
CA ASN E 175 25.02 -22.40 -43.02
C ASN E 175 24.77 -21.90 -41.61
N ILE E 176 24.57 -20.60 -41.47
CA ILE E 176 24.29 -19.98 -40.17
C ILE E 176 22.80 -19.71 -40.08
N LEU E 177 22.15 -20.33 -39.09
CA LEU E 177 20.71 -20.17 -38.89
C LEU E 177 20.41 -18.79 -38.30
N ALA E 178 20.28 -17.80 -39.18
CA ALA E 178 20.01 -16.43 -38.77
C ALA E 178 18.59 -16.22 -38.25
N SER E 179 17.68 -17.17 -38.48
CA SER E 179 16.29 -16.98 -38.08
C SER E 179 16.04 -17.24 -36.61
N ASN E 180 16.99 -17.84 -35.89
CA ASN E 180 16.82 -18.18 -34.48
C ASN E 180 18.04 -17.72 -33.69
N PRO E 181 18.28 -16.40 -33.61
CA PRO E 181 19.34 -15.91 -32.72
C PRO E 181 18.95 -16.04 -31.26
N ARG E 182 19.93 -16.38 -30.44
CA ARG E 182 19.77 -16.57 -28.99
C ARG E 182 20.70 -15.62 -28.23
N VAL E 183 20.13 -14.45 -27.86
CA VAL E 183 20.86 -13.39 -27.19
C VAL E 183 20.70 -13.53 -25.68
N THR E 184 21.70 -13.04 -24.94
CA THR E 184 21.65 -12.99 -23.48
C THR E 184 22.27 -11.69 -23.02
N ARG E 185 21.61 -11.01 -22.08
CA ARG E 185 21.99 -9.67 -21.65
C ARG E 185 22.28 -9.65 -20.16
N PHE E 186 23.30 -8.90 -19.77
CA PHE E 186 23.69 -8.72 -18.38
C PHE E 186 23.67 -7.24 -18.01
N HIS E 187 23.70 -6.97 -16.72
CA HIS E 187 23.65 -5.62 -16.19
C HIS E 187 25.03 -5.25 -15.69
N ILE E 188 25.54 -4.10 -16.12
CA ILE E 188 26.85 -3.61 -15.73
C ILE E 188 26.74 -2.16 -15.30
N ASN E 189 27.77 -1.69 -14.61
CA ASN E 189 27.84 -0.31 -14.14
C ASN E 189 28.49 0.53 -15.24
N TRP E 190 27.70 1.42 -15.82
CA TRP E 190 28.18 2.32 -16.88
C TRP E 190 28.60 3.66 -16.27
N GLU E 191 29.56 3.59 -15.35
CA GLU E 191 29.97 4.77 -14.62
C GLU E 191 30.98 5.58 -15.43
N ASP E 192 31.30 6.77 -14.92
CA ASP E 192 32.27 7.61 -15.61
C ASP E 192 33.69 7.09 -15.47
N ASN E 193 34.04 6.62 -14.27
CA ASN E 193 35.38 6.09 -14.03
C ASN E 193 35.42 5.27 -12.75
#